data_1IMU
#
_entry.id   1IMU
#
_cell.length_a   ?
_cell.length_b   ?
_cell.length_c   ?
_cell.angle_alpha   ?
_cell.angle_beta   ?
_cell.angle_gamma   ?
#
_entity_poly.entity_id   1
_entity_poly.type   'polypeptide(L)'
_entity_poly.pdbx_seq_one_letter_code
;MTLNITSKQMDITPAIREHLEERLAKLGKWQTQLISPHFVLNKVPNGFSVEASIGTPLGNLLASATSDDMYKAINEVEEK
LERQLNKLQHKSESRRADERLKDSFEN
;
_entity_poly.pdbx_strand_id   A
#
# COMPACT_ATOMS: atom_id res chain seq x y z
N MET A 1 -10.77 -1.36 10.44
CA MET A 1 -10.29 -1.17 9.03
C MET A 1 -9.91 -2.50 8.41
N THR A 2 -10.59 -2.87 7.33
CA THR A 2 -10.31 -4.11 6.63
C THR A 2 -9.80 -3.86 5.22
N LEU A 3 -8.71 -4.51 4.86
CA LEU A 3 -8.12 -4.36 3.53
C LEU A 3 -8.98 -5.03 2.47
N ASN A 4 -9.70 -4.22 1.70
CA ASN A 4 -10.56 -4.74 0.65
C ASN A 4 -9.80 -5.05 -0.63
N ILE A 5 -10.39 -5.88 -1.48
CA ILE A 5 -9.77 -6.27 -2.74
C ILE A 5 -10.69 -5.96 -3.92
N THR A 6 -10.10 -5.91 -5.10
CA THR A 6 -10.85 -5.66 -6.32
C THR A 6 -10.56 -6.75 -7.35
N SER A 7 -9.27 -6.96 -7.61
CA SER A 7 -8.83 -7.99 -8.54
C SER A 7 -9.68 -8.02 -9.81
N LYS A 8 -9.20 -7.34 -10.85
CA LYS A 8 -9.92 -7.29 -12.12
C LYS A 8 -10.12 -8.67 -12.72
N GLN A 9 -9.12 -9.55 -12.56
CA GLN A 9 -9.20 -10.90 -13.09
C GLN A 9 -9.14 -11.95 -11.99
N MET A 10 -7.93 -12.46 -11.70
CA MET A 10 -7.76 -13.48 -10.67
C MET A 10 -8.51 -13.12 -9.39
N ASP A 11 -9.53 -13.90 -9.06
CA ASP A 11 -10.31 -13.65 -7.86
C ASP A 11 -9.44 -13.73 -6.62
N ILE A 12 -10.01 -13.43 -5.46
CA ILE A 12 -9.26 -13.49 -4.21
C ILE A 12 -9.45 -14.84 -3.52
N THR A 13 -8.41 -15.28 -2.83
CA THR A 13 -8.44 -16.55 -2.13
C THR A 13 -7.69 -16.43 -0.80
N PRO A 14 -7.75 -17.47 0.05
CA PRO A 14 -7.08 -17.47 1.35
C PRO A 14 -5.67 -16.89 1.29
N ALA A 15 -4.88 -17.36 0.32
CA ALA A 15 -3.51 -16.88 0.15
C ALA A 15 -3.49 -15.36 0.05
N ILE A 16 -3.93 -14.83 -1.10
CA ILE A 16 -3.98 -13.39 -1.31
C ILE A 16 -4.65 -12.71 -0.12
N ARG A 17 -5.94 -13.00 0.05
CA ARG A 17 -6.72 -12.42 1.15
C ARG A 17 -5.89 -12.35 2.43
N GLU A 18 -5.46 -13.51 2.92
CA GLU A 18 -4.64 -13.58 4.12
C GLU A 18 -3.38 -12.75 3.97
N HIS A 19 -2.80 -12.79 2.77
CA HIS A 19 -1.59 -12.04 2.48
C HIS A 19 -1.88 -10.55 2.64
N LEU A 20 -2.69 -10.01 1.74
CA LEU A 20 -3.07 -8.60 1.78
C LEU A 20 -3.48 -8.21 3.21
N GLU A 21 -4.38 -8.99 3.79
CA GLU A 21 -4.83 -8.73 5.16
C GLU A 21 -3.65 -8.68 6.11
N GLU A 22 -2.84 -9.74 6.09
CA GLU A 22 -1.66 -9.80 6.95
C GLU A 22 -0.79 -8.57 6.73
N ARG A 23 -0.63 -8.18 5.47
CA ARG A 23 0.16 -7.00 5.13
C ARG A 23 -0.44 -5.77 5.78
N LEU A 24 -1.77 -5.64 5.67
CA LEU A 24 -2.46 -4.51 6.29
C LEU A 24 -2.23 -4.51 7.78
N ALA A 25 -2.49 -5.66 8.40
CA ALA A 25 -2.29 -5.82 9.84
C ALA A 25 -0.85 -5.49 10.20
N LYS A 26 0.06 -5.78 9.26
CA LYS A 26 1.47 -5.50 9.46
C LYS A 26 1.71 -3.99 9.37
N LEU A 27 1.02 -3.35 8.44
CA LEU A 27 1.15 -1.91 8.26
C LEU A 27 0.39 -1.16 9.37
N GLY A 28 -0.38 -1.91 10.16
CA GLY A 28 -1.12 -1.28 11.25
C GLY A 28 -0.19 -0.69 12.30
N LYS A 29 0.92 -1.38 12.53
CA LYS A 29 1.91 -0.93 13.51
C LYS A 29 2.52 0.41 13.09
N TRP A 30 2.48 0.69 11.80
CA TRP A 30 3.02 1.89 11.26
C TRP A 30 2.24 3.11 11.70
N GLN A 31 2.95 4.21 11.78
CA GLN A 31 2.38 5.50 12.17
C GLN A 31 1.31 5.92 11.18
N THR A 32 0.22 5.18 11.14
CA THR A 32 -0.85 5.48 10.21
C THR A 32 -2.13 4.74 10.58
N GLN A 33 -3.24 5.22 10.00
CA GLN A 33 -4.55 4.62 10.21
C GLN A 33 -5.21 4.48 8.85
N LEU A 34 -5.06 3.30 8.27
CA LEU A 34 -5.57 3.02 6.96
C LEU A 34 -7.02 3.44 6.78
N ILE A 35 -7.20 4.63 6.22
CA ILE A 35 -8.53 5.15 5.95
C ILE A 35 -9.13 4.42 4.76
N SER A 36 -9.83 3.34 5.03
CA SER A 36 -10.44 2.54 3.97
C SER A 36 -9.35 2.03 3.02
N PRO A 37 -8.86 0.81 3.27
CA PRO A 37 -7.80 0.20 2.49
C PRO A 37 -8.29 -0.75 1.40
N HIS A 38 -7.62 -0.69 0.25
CA HIS A 38 -7.94 -1.54 -0.88
C HIS A 38 -6.69 -2.15 -1.47
N PHE A 39 -6.89 -3.07 -2.40
CA PHE A 39 -5.78 -3.71 -3.09
C PHE A 39 -6.19 -4.16 -4.49
N VAL A 40 -5.71 -3.44 -5.49
CA VAL A 40 -6.02 -3.77 -6.86
C VAL A 40 -4.99 -4.75 -7.40
N LEU A 41 -5.30 -6.03 -7.21
CA LEU A 41 -4.41 -7.12 -7.62
C LEU A 41 -4.71 -7.59 -9.05
N ASN A 42 -3.66 -7.87 -9.81
CA ASN A 42 -3.82 -8.35 -11.18
C ASN A 42 -2.66 -9.23 -11.61
N LYS A 43 -2.92 -10.02 -12.65
CA LYS A 43 -1.94 -10.93 -13.20
C LYS A 43 -1.78 -10.68 -14.69
N VAL A 44 -0.74 -11.25 -15.27
CA VAL A 44 -0.50 -11.11 -16.69
C VAL A 44 0.44 -12.19 -17.21
N PRO A 45 0.37 -12.49 -18.52
CA PRO A 45 1.23 -13.51 -19.13
C PRO A 45 2.70 -13.35 -18.77
N ASN A 46 3.17 -12.12 -18.80
CA ASN A 46 4.57 -11.82 -18.47
C ASN A 46 4.83 -11.75 -16.97
N GLY A 47 3.81 -12.08 -16.17
CA GLY A 47 3.99 -12.02 -14.74
C GLY A 47 2.72 -11.66 -14.00
N PHE A 48 2.90 -10.94 -12.91
CA PHE A 48 1.80 -10.51 -12.08
C PHE A 48 1.89 -9.01 -11.84
N SER A 49 0.79 -8.30 -12.10
CA SER A 49 0.77 -6.86 -11.86
C SER A 49 -0.13 -6.56 -10.68
N VAL A 50 0.45 -5.96 -9.68
CA VAL A 50 -0.26 -5.62 -8.47
C VAL A 50 -0.27 -4.12 -8.22
N GLU A 51 -1.31 -3.65 -7.57
CA GLU A 51 -1.44 -2.21 -7.26
C GLU A 51 -2.24 -2.03 -5.98
N ALA A 52 -1.63 -1.36 -5.00
CA ALA A 52 -2.27 -1.12 -3.72
C ALA A 52 -2.77 0.33 -3.61
N SER A 53 -3.81 0.51 -2.83
CA SER A 53 -4.39 1.84 -2.63
C SER A 53 -5.06 1.94 -1.26
N ILE A 54 -4.38 2.60 -0.33
CA ILE A 54 -4.91 2.80 1.02
C ILE A 54 -5.03 4.28 1.32
N GLY A 55 -5.60 4.61 2.49
CA GLY A 55 -5.76 5.99 2.86
C GLY A 55 -5.11 6.29 4.19
N THR A 56 -4.64 7.50 4.32
CA THR A 56 -3.98 7.93 5.56
C THR A 56 -4.28 9.40 5.84
N PRO A 57 -4.54 9.76 7.11
CA PRO A 57 -4.79 11.15 7.47
C PRO A 57 -3.68 12.07 6.96
N LEU A 58 -2.52 11.47 6.62
CA LEU A 58 -1.40 12.26 6.14
C LEU A 58 -1.32 12.25 4.62
N GLY A 59 -1.93 11.23 4.01
CA GLY A 59 -1.92 11.12 2.56
C GLY A 59 -2.26 9.73 2.07
N ASN A 60 -3.17 9.66 1.10
CA ASN A 60 -3.59 8.38 0.55
C ASN A 60 -2.40 7.56 0.06
N LEU A 61 -2.42 6.27 0.35
CA LEU A 61 -1.35 5.37 -0.09
C LEU A 61 -1.71 4.71 -1.41
N LEU A 62 -0.72 4.56 -2.27
CA LEU A 62 -0.92 3.93 -3.56
C LEU A 62 0.38 3.30 -4.03
N ALA A 63 0.27 2.25 -4.82
CA ALA A 63 1.44 1.55 -5.33
C ALA A 63 1.05 0.60 -6.45
N SER A 64 2.04 0.17 -7.22
CA SER A 64 1.81 -0.75 -8.33
C SER A 64 3.13 -1.34 -8.84
N ALA A 65 3.14 -2.64 -9.06
CA ALA A 65 4.34 -3.31 -9.54
C ALA A 65 4.00 -4.51 -10.42
N THR A 66 4.96 -4.93 -11.25
CA THR A 66 4.77 -6.06 -12.15
C THR A 66 5.97 -7.01 -12.06
N SER A 67 5.69 -8.29 -11.89
CA SER A 67 6.77 -9.28 -11.79
C SER A 67 6.24 -10.69 -11.91
N ASP A 68 7.12 -11.63 -12.25
CA ASP A 68 6.74 -13.02 -12.39
C ASP A 68 6.63 -13.69 -11.01
N ASP A 69 6.83 -12.90 -9.95
CA ASP A 69 6.76 -13.43 -8.59
C ASP A 69 5.63 -12.78 -7.82
N MET A 70 4.49 -13.47 -7.78
CA MET A 70 3.29 -13.00 -7.10
C MET A 70 3.59 -12.30 -5.76
N TYR A 71 4.02 -13.08 -4.78
CA TYR A 71 4.31 -12.53 -3.46
C TYR A 71 5.45 -11.53 -3.48
N LYS A 72 6.31 -11.62 -4.49
CA LYS A 72 7.41 -10.67 -4.62
C LYS A 72 6.84 -9.36 -5.14
N ALA A 73 5.88 -9.47 -6.07
CA ALA A 73 5.22 -8.29 -6.61
C ALA A 73 4.51 -7.60 -5.47
N ILE A 74 3.84 -8.42 -4.66
CA ILE A 74 3.19 -7.93 -3.46
C ILE A 74 4.28 -7.42 -2.54
N ASN A 75 5.38 -8.17 -2.53
CA ASN A 75 6.56 -7.83 -1.77
C ASN A 75 7.04 -6.43 -2.17
N GLU A 76 6.95 -6.15 -3.46
CA GLU A 76 7.32 -4.85 -4.00
C GLU A 76 6.29 -3.80 -3.59
N VAL A 77 5.01 -4.06 -3.90
CA VAL A 77 3.94 -3.14 -3.54
C VAL A 77 4.07 -2.69 -2.10
N GLU A 78 4.17 -3.67 -1.20
CA GLU A 78 4.31 -3.36 0.21
C GLU A 78 5.50 -2.44 0.43
N GLU A 79 6.53 -2.63 -0.38
CA GLU A 79 7.71 -1.79 -0.30
C GLU A 79 7.35 -0.37 -0.68
N LYS A 80 6.57 -0.22 -1.75
CA LYS A 80 6.14 1.09 -2.18
C LYS A 80 5.26 1.71 -1.10
N LEU A 81 4.19 1.00 -0.75
CA LEU A 81 3.27 1.46 0.28
C LEU A 81 4.04 1.86 1.55
N GLU A 82 4.98 1.02 1.97
CA GLU A 82 5.79 1.33 3.15
C GLU A 82 6.62 2.58 2.90
N ARG A 83 7.28 2.61 1.74
CA ARG A 83 8.11 3.75 1.37
C ARG A 83 7.29 5.04 1.47
N GLN A 84 6.08 5.02 0.89
CA GLN A 84 5.20 6.18 0.95
C GLN A 84 4.85 6.47 2.40
N LEU A 85 4.48 5.42 3.12
CA LEU A 85 4.14 5.56 4.55
C LEU A 85 5.23 6.35 5.25
N ASN A 86 6.46 5.86 5.13
CA ASN A 86 7.62 6.52 5.72
C ASN A 86 7.71 7.94 5.17
N LYS A 87 7.32 8.10 3.91
CA LYS A 87 7.33 9.40 3.27
C LYS A 87 6.33 10.31 3.97
N LEU A 88 5.16 9.76 4.26
CA LEU A 88 4.12 10.53 4.93
C LEU A 88 4.61 11.02 6.27
N GLN A 89 5.01 10.08 7.12
CA GLN A 89 5.51 10.44 8.46
C GLN A 89 6.78 11.27 8.35
N HIS A 90 7.48 11.15 7.22
CA HIS A 90 8.71 11.90 6.99
C HIS A 90 8.39 13.33 6.56
N LYS A 91 7.82 13.44 5.37
CA LYS A 91 7.45 14.73 4.80
C LYS A 91 8.58 15.75 4.91
N SER A 92 8.31 16.98 4.51
CA SER A 92 9.30 18.05 4.57
C SER A 92 9.68 18.37 6.01
N GLU A 93 10.98 18.55 6.25
CA GLU A 93 11.47 18.86 7.57
C GLU A 93 11.72 20.36 7.73
N SER A 94 10.93 21.15 7.01
CA SER A 94 11.05 22.61 7.07
C SER A 94 9.88 23.28 6.34
N ARG A 95 8.67 23.03 6.84
CA ARG A 95 7.48 23.62 6.24
C ARG A 95 7.44 25.13 6.45
N ARG A 96 8.28 25.84 5.72
CA ARG A 96 8.36 27.29 5.82
C ARG A 96 8.89 27.72 7.19
N ALA A 97 8.03 27.62 8.21
CA ALA A 97 8.41 27.99 9.56
C ALA A 97 8.28 26.79 10.51
N ASP A 98 8.35 25.59 9.95
CA ASP A 98 8.23 24.37 10.75
C ASP A 98 6.94 24.37 11.58
N GLU A 99 6.69 23.26 12.27
CA GLU A 99 5.50 23.13 13.10
C GLU A 99 5.85 23.13 14.58
N ARG A 100 7.10 22.81 14.89
CA ARG A 100 7.56 22.78 16.28
C ARG A 100 6.88 21.66 17.05
N LEU A 101 7.41 21.36 18.24
CA LEU A 101 6.86 20.31 19.08
C LEU A 101 6.24 20.88 20.36
N LYS A 102 5.57 22.02 20.21
CA LYS A 102 4.93 22.67 21.35
C LYS A 102 3.42 22.47 21.32
N ASP A 103 2.84 22.16 22.49
CA ASP A 103 1.41 21.94 22.59
C ASP A 103 0.96 22.00 24.05
N SER A 104 -0.19 22.64 24.29
CA SER A 104 -0.72 22.76 25.63
C SER A 104 -2.06 23.50 25.62
N PHE A 105 -2.16 24.52 24.79
CA PHE A 105 -3.38 25.32 24.68
C PHE A 105 -3.45 26.02 23.33
N GLU A 106 -2.34 26.61 22.91
CA GLU A 106 -2.27 27.32 21.64
C GLU A 106 -3.21 28.52 21.65
N ASN A 107 -2.85 29.55 22.42
CA ASN A 107 -3.66 30.76 22.51
C ASN A 107 -2.99 31.78 23.41
N MET A 1 -10.86 -1.98 9.66
CA MET A 1 -9.94 -2.01 8.48
C MET A 1 -9.50 -3.44 8.17
N THR A 2 -10.34 -4.17 7.44
CA THR A 2 -10.03 -5.54 7.06
C THR A 2 -9.30 -5.61 5.73
N LEU A 3 -9.05 -4.44 5.14
CA LEU A 3 -8.36 -4.36 3.86
C LEU A 3 -9.09 -5.14 2.79
N ASN A 4 -9.73 -4.41 1.87
CA ASN A 4 -10.47 -5.03 0.78
C ASN A 4 -9.55 -5.28 -0.43
N ILE A 5 -10.00 -6.13 -1.34
CA ILE A 5 -9.22 -6.46 -2.53
C ILE A 5 -10.06 -6.33 -3.80
N THR A 6 -9.40 -5.99 -4.89
CA THR A 6 -10.06 -5.83 -6.18
C THR A 6 -9.26 -6.51 -7.29
N SER A 7 -9.74 -7.66 -7.73
CA SER A 7 -9.07 -8.43 -8.78
C SER A 7 -9.88 -8.45 -10.07
N LYS A 8 -9.33 -7.89 -11.13
CA LYS A 8 -10.01 -7.84 -12.42
C LYS A 8 -9.98 -9.19 -13.17
N GLN A 9 -9.13 -10.13 -12.73
CA GLN A 9 -9.06 -11.43 -13.39
C GLN A 9 -8.87 -12.59 -12.40
N MET A 10 -7.86 -12.49 -11.54
CA MET A 10 -7.60 -13.55 -10.57
C MET A 10 -8.28 -13.23 -9.24
N ASP A 11 -9.38 -13.93 -8.98
CA ASP A 11 -10.14 -13.73 -7.76
C ASP A 11 -9.24 -13.80 -6.53
N ILE A 12 -9.83 -13.60 -5.35
CA ILE A 12 -9.08 -13.65 -4.10
C ILE A 12 -9.20 -15.02 -3.45
N THR A 13 -8.11 -15.49 -2.86
CA THR A 13 -8.08 -16.78 -2.20
C THR A 13 -7.29 -16.70 -0.89
N PRO A 14 -7.18 -17.81 -0.15
CA PRO A 14 -6.44 -17.84 1.13
C PRO A 14 -5.09 -17.13 1.04
N ALA A 15 -4.27 -17.52 0.06
CA ALA A 15 -2.96 -16.92 -0.12
C ALA A 15 -3.06 -15.40 -0.14
N ILE A 16 -3.54 -14.85 -1.25
CA ILE A 16 -3.71 -13.41 -1.38
C ILE A 16 -4.41 -12.84 -0.16
N ARG A 17 -5.68 -13.22 0.04
CA ARG A 17 -6.46 -12.74 1.17
C ARG A 17 -5.61 -12.70 2.45
N GLU A 18 -5.10 -13.85 2.84
CA GLU A 18 -4.26 -13.96 4.04
C GLU A 18 -3.04 -13.07 3.91
N HIS A 19 -2.47 -13.02 2.71
CA HIS A 19 -1.30 -12.19 2.45
C HIS A 19 -1.64 -10.73 2.70
N LEU A 20 -2.48 -10.18 1.82
CA LEU A 20 -2.93 -8.79 1.94
C LEU A 20 -3.35 -8.48 3.37
N GLU A 21 -4.19 -9.34 3.93
CA GLU A 21 -4.67 -9.17 5.30
C GLU A 21 -3.48 -9.13 6.25
N GLU A 22 -2.64 -10.15 6.19
CA GLU A 22 -1.46 -10.22 7.04
C GLU A 22 -0.63 -8.94 6.87
N ARG A 23 -0.41 -8.55 5.61
CA ARG A 23 0.35 -7.34 5.32
C ARG A 23 -0.30 -6.15 6.01
N LEU A 24 -1.63 -6.11 5.96
CA LEU A 24 -2.38 -5.03 6.61
C LEU A 24 -2.13 -5.08 8.11
N ALA A 25 -2.23 -6.28 8.68
CA ALA A 25 -1.99 -6.47 10.09
C ALA A 25 -0.58 -6.03 10.46
N LYS A 26 0.33 -6.20 9.51
CA LYS A 26 1.72 -5.79 9.70
C LYS A 26 1.84 -4.28 9.59
N LEU A 27 1.12 -3.70 8.64
CA LEU A 27 1.13 -2.26 8.44
C LEU A 27 0.31 -1.56 9.53
N GLY A 28 -0.42 -2.35 10.32
CA GLY A 28 -1.22 -1.79 11.38
C GLY A 28 -0.38 -1.12 12.45
N LYS A 29 0.83 -1.64 12.65
CA LYS A 29 1.74 -1.09 13.65
C LYS A 29 2.38 0.21 13.17
N TRP A 30 2.17 0.53 11.89
CA TRP A 30 2.72 1.75 11.31
C TRP A 30 1.84 2.94 11.69
N GLN A 31 2.29 3.74 12.67
CA GLN A 31 1.55 4.90 13.14
C GLN A 31 0.89 5.65 11.98
N THR A 32 -0.30 5.17 11.59
CA THR A 32 -1.05 5.75 10.50
C THR A 32 -2.52 5.35 10.62
N GLN A 33 -3.36 5.95 9.80
CA GLN A 33 -4.78 5.66 9.80
C GLN A 33 -5.12 5.02 8.47
N LEU A 34 -5.25 3.72 8.49
CA LEU A 34 -5.54 2.98 7.28
C LEU A 34 -6.98 3.21 6.85
N ILE A 35 -7.30 4.46 6.55
CA ILE A 35 -8.63 4.83 6.12
C ILE A 35 -9.03 4.08 4.86
N SER A 36 -9.97 3.15 5.01
CA SER A 36 -10.45 2.37 3.87
C SER A 36 -9.28 1.83 3.05
N PRO A 37 -8.80 0.63 3.41
CA PRO A 37 -7.68 -0.02 2.75
C PRO A 37 -8.11 -0.99 1.65
N HIS A 38 -7.62 -0.77 0.44
CA HIS A 38 -7.95 -1.64 -0.69
C HIS A 38 -6.69 -2.24 -1.29
N PHE A 39 -6.89 -3.16 -2.20
CA PHE A 39 -5.80 -3.80 -2.89
C PHE A 39 -6.21 -4.24 -4.28
N VAL A 40 -5.73 -3.52 -5.28
CA VAL A 40 -6.03 -3.82 -6.66
C VAL A 40 -5.01 -4.82 -7.21
N LEU A 41 -5.32 -6.10 -7.01
CA LEU A 41 -4.44 -7.18 -7.43
C LEU A 41 -4.75 -7.62 -8.86
N ASN A 42 -3.71 -7.83 -9.65
CA ASN A 42 -3.88 -8.28 -11.02
C ASN A 42 -2.70 -9.11 -11.50
N LYS A 43 -2.95 -9.88 -12.55
CA LYS A 43 -1.93 -10.74 -13.15
C LYS A 43 -1.81 -10.44 -14.63
N VAL A 44 -0.77 -10.94 -15.25
CA VAL A 44 -0.57 -10.75 -16.67
C VAL A 44 0.40 -11.79 -17.24
N PRO A 45 0.32 -12.04 -18.55
CA PRO A 45 1.19 -13.02 -19.22
C PRO A 45 2.67 -12.83 -18.87
N ASN A 46 3.11 -11.57 -18.88
CA ASN A 46 4.50 -11.24 -18.58
C ASN A 46 4.78 -11.21 -17.08
N GLY A 47 3.80 -11.60 -16.26
CA GLY A 47 4.00 -11.59 -14.83
C GLY A 47 2.73 -11.28 -14.06
N PHE A 48 2.91 -10.60 -12.95
CA PHE A 48 1.81 -10.22 -12.09
C PHE A 48 1.86 -8.73 -11.80
N SER A 49 0.74 -8.05 -11.97
CA SER A 49 0.66 -6.63 -11.68
C SER A 49 -0.21 -6.40 -10.48
N VAL A 50 0.38 -5.79 -9.47
CA VAL A 50 -0.33 -5.53 -8.23
C VAL A 50 -0.37 -4.04 -7.93
N GLU A 51 -1.41 -3.62 -7.22
CA GLU A 51 -1.56 -2.21 -6.86
C GLU A 51 -2.33 -2.09 -5.54
N ALA A 52 -1.81 -1.27 -4.63
CA ALA A 52 -2.44 -1.09 -3.33
C ALA A 52 -2.93 0.35 -3.14
N SER A 53 -3.90 0.52 -2.25
CA SER A 53 -4.46 1.83 -1.96
C SER A 53 -5.06 1.88 -0.55
N ILE A 54 -4.44 2.67 0.32
CA ILE A 54 -4.90 2.80 1.70
C ILE A 54 -4.90 4.26 2.14
N GLY A 55 -6.08 4.80 2.43
CA GLY A 55 -6.19 6.16 2.86
C GLY A 55 -5.46 6.42 4.15
N THR A 56 -5.05 7.67 4.32
CA THR A 56 -4.33 8.10 5.51
C THR A 56 -4.51 9.59 5.75
N PRO A 57 -4.66 10.03 7.01
CA PRO A 57 -4.80 11.45 7.32
C PRO A 57 -3.58 12.23 6.82
N LEU A 58 -2.52 11.50 6.48
CA LEU A 58 -1.30 12.11 5.99
C LEU A 58 -1.25 12.07 4.46
N GLY A 59 -2.12 11.25 3.86
CA GLY A 59 -2.18 11.14 2.41
C GLY A 59 -2.55 9.74 1.96
N ASN A 60 -3.51 9.66 1.04
CA ASN A 60 -3.96 8.38 0.51
C ASN A 60 -2.78 7.56 -0.01
N LEU A 61 -2.53 6.43 0.63
CA LEU A 61 -1.44 5.56 0.22
C LEU A 61 -1.83 4.80 -1.04
N LEU A 62 -0.89 4.69 -1.96
CA LEU A 62 -1.11 3.97 -3.21
C LEU A 62 0.18 3.37 -3.71
N ALA A 63 0.07 2.26 -4.41
CA ALA A 63 1.24 1.57 -4.95
C ALA A 63 0.85 0.68 -6.11
N SER A 64 1.83 0.30 -6.91
CA SER A 64 1.59 -0.56 -8.07
C SER A 64 2.90 -1.07 -8.65
N ALA A 65 2.95 -2.36 -8.97
CA ALA A 65 4.16 -2.95 -9.54
C ALA A 65 3.85 -4.18 -10.38
N THR A 66 4.76 -4.51 -11.28
CA THR A 66 4.60 -5.67 -12.16
C THR A 66 5.84 -6.56 -12.11
N SER A 67 5.64 -7.86 -11.95
CA SER A 67 6.76 -8.78 -11.88
C SER A 67 6.29 -10.23 -12.03
N ASP A 68 7.22 -11.11 -12.36
CA ASP A 68 6.91 -12.52 -12.52
C ASP A 68 6.86 -13.22 -11.16
N ASP A 69 6.99 -12.44 -10.08
CA ASP A 69 6.97 -12.99 -8.74
C ASP A 69 5.81 -12.40 -7.93
N MET A 70 4.71 -13.14 -7.90
CA MET A 70 3.50 -12.74 -7.18
C MET A 70 3.79 -12.05 -5.84
N TYR A 71 4.28 -12.82 -4.87
CA TYR A 71 4.55 -12.29 -3.55
C TYR A 71 5.66 -11.24 -3.57
N LYS A 72 6.49 -11.28 -4.59
CA LYS A 72 7.55 -10.28 -4.72
C LYS A 72 6.93 -8.98 -5.21
N ALA A 73 5.97 -9.09 -6.14
CA ALA A 73 5.26 -7.93 -6.64
C ALA A 73 4.54 -7.31 -5.47
N ILE A 74 3.89 -8.17 -4.70
CA ILE A 74 3.22 -7.75 -3.48
C ILE A 74 4.30 -7.22 -2.54
N ASN A 75 5.44 -7.91 -2.58
CA ASN A 75 6.61 -7.56 -1.81
C ASN A 75 7.03 -6.13 -2.16
N GLU A 76 6.93 -5.82 -3.45
CA GLU A 76 7.25 -4.49 -3.95
C GLU A 76 6.21 -3.47 -3.51
N VAL A 77 4.94 -3.76 -3.82
CA VAL A 77 3.84 -2.87 -3.45
C VAL A 77 3.94 -2.50 -1.98
N GLU A 78 4.06 -3.53 -1.13
CA GLU A 78 4.17 -3.30 0.30
C GLU A 78 5.35 -2.38 0.60
N GLU A 79 6.38 -2.49 -0.23
CA GLU A 79 7.56 -1.65 -0.07
C GLU A 79 7.23 -0.21 -0.43
N LYS A 80 6.48 -0.03 -1.51
CA LYS A 80 6.06 1.30 -1.93
C LYS A 80 5.07 1.88 -0.94
N LEU A 81 4.13 1.03 -0.51
CA LEU A 81 3.11 1.43 0.46
C LEU A 81 3.77 1.79 1.79
N GLU A 82 4.72 0.96 2.23
CA GLU A 82 5.42 1.22 3.49
C GLU A 82 6.31 2.45 3.35
N ARG A 83 7.18 2.42 2.35
CA ARG A 83 8.07 3.55 2.09
C ARG A 83 7.26 4.84 2.04
N GLN A 84 6.17 4.79 1.28
CA GLN A 84 5.27 5.94 1.17
C GLN A 84 4.74 6.28 2.56
N LEU A 85 4.34 5.25 3.31
CA LEU A 85 3.84 5.44 4.66
C LEU A 85 4.85 6.28 5.44
N ASN A 86 6.12 5.89 5.33
CA ASN A 86 7.20 6.61 5.98
C ASN A 86 7.23 8.04 5.46
N LYS A 87 7.00 8.19 4.16
CA LYS A 87 6.97 9.52 3.54
C LYS A 87 5.86 10.35 4.17
N LEU A 88 4.67 9.75 4.28
CA LEU A 88 3.54 10.44 4.87
C LEU A 88 3.90 10.85 6.30
N GLN A 89 4.30 9.86 7.09
CA GLN A 89 4.70 10.10 8.46
C GLN A 89 5.81 11.16 8.50
N HIS A 90 6.59 11.21 7.44
CA HIS A 90 7.68 12.17 7.31
C HIS A 90 7.15 13.54 6.93
N LYS A 91 6.13 13.54 6.07
CA LYS A 91 5.53 14.77 5.59
C LYS A 91 5.16 15.69 6.74
N SER A 92 5.01 16.98 6.45
CA SER A 92 4.66 17.97 7.46
C SER A 92 5.79 18.13 8.47
N GLU A 93 5.73 19.22 9.24
CA GLU A 93 6.73 19.50 10.25
C GLU A 93 6.35 18.90 11.59
N SER A 94 5.09 19.08 11.98
CA SER A 94 4.59 18.54 13.24
C SER A 94 4.51 17.02 13.19
N ARG A 95 5.50 16.37 13.79
CA ARG A 95 5.54 14.91 13.82
C ARG A 95 5.45 14.39 15.26
N ARG A 96 4.67 15.07 16.09
CA ARG A 96 4.50 14.69 17.49
C ARG A 96 3.02 14.54 17.83
N ALA A 97 2.75 13.95 18.99
CA ALA A 97 1.38 13.76 19.44
C ALA A 97 0.59 12.88 18.47
N ASP A 98 0.28 11.66 18.90
CA ASP A 98 -0.46 10.72 18.07
C ASP A 98 -1.26 9.75 18.92
N GLU A 99 -2.56 10.02 19.06
CA GLU A 99 -3.44 9.17 19.85
C GLU A 99 -2.97 9.11 21.30
N ARG A 100 -3.74 9.75 22.19
CA ARG A 100 -3.40 9.77 23.60
C ARG A 100 -4.00 8.56 24.32
N LEU A 101 -3.50 8.29 25.52
CA LEU A 101 -3.99 7.16 26.31
C LEU A 101 -5.37 7.45 26.89
N LYS A 102 -6.39 6.81 26.32
CA LYS A 102 -7.76 7.01 26.77
C LYS A 102 -8.60 5.76 26.49
N ASP A 103 -9.74 5.66 27.17
CA ASP A 103 -10.64 4.53 27.00
C ASP A 103 -11.76 4.87 26.01
N SER A 104 -12.70 3.94 25.88
CA SER A 104 -13.83 4.14 24.97
C SER A 104 -15.11 3.54 25.55
N PHE A 105 -16.23 3.81 24.90
CA PHE A 105 -17.52 3.30 25.35
C PHE A 105 -17.77 1.90 24.80
N GLU A 106 -18.67 1.16 25.45
CA GLU A 106 -19.00 -0.19 25.04
C GLU A 106 -20.50 -0.44 25.14
N ASN A 107 -21.16 -0.56 24.00
CA ASN A 107 -22.60 -0.81 23.96
C ASN A 107 -22.93 -2.01 23.08
N MET A 1 -10.78 -1.21 9.60
CA MET A 1 -10.43 -0.90 8.18
C MET A 1 -10.15 -2.19 7.41
N THR A 2 -11.17 -2.72 6.74
CA THR A 2 -11.03 -3.94 5.96
C THR A 2 -10.43 -3.64 4.59
N LEU A 3 -9.25 -4.22 4.33
CA LEU A 3 -8.58 -4.02 3.05
C LEU A 3 -9.40 -4.61 1.90
N ASN A 4 -9.91 -3.73 1.06
CA ASN A 4 -10.73 -4.15 -0.09
C ASN A 4 -9.87 -4.55 -1.29
N ILE A 5 -10.49 -5.29 -2.21
CA ILE A 5 -9.81 -5.75 -3.42
C ILE A 5 -10.66 -5.48 -4.66
N THR A 6 -10.08 -5.76 -5.83
CA THR A 6 -10.77 -5.54 -7.09
C THR A 6 -10.32 -6.55 -8.15
N SER A 7 -9.05 -6.47 -8.52
CA SER A 7 -8.47 -7.36 -9.53
C SER A 7 -9.25 -7.30 -10.84
N LYS A 8 -8.73 -6.52 -11.78
CA LYS A 8 -9.37 -6.39 -13.09
C LYS A 8 -9.49 -7.74 -13.78
N GLN A 9 -8.64 -8.69 -13.40
CA GLN A 9 -8.66 -10.02 -13.99
C GLN A 9 -8.66 -11.12 -12.92
N MET A 10 -7.47 -11.56 -12.50
CA MET A 10 -7.37 -12.61 -11.49
C MET A 10 -8.11 -12.21 -10.21
N ASP A 11 -9.25 -12.86 -9.99
CA ASP A 11 -10.06 -12.57 -8.81
C ASP A 11 -9.28 -12.85 -7.52
N ILE A 12 -9.97 -12.74 -6.40
CA ILE A 12 -9.34 -12.99 -5.10
C ILE A 12 -9.68 -14.38 -4.58
N THR A 13 -8.78 -14.95 -3.80
CA THR A 13 -8.98 -16.27 -3.23
C THR A 13 -8.46 -16.31 -1.79
N PRO A 14 -8.76 -17.38 -1.05
CA PRO A 14 -8.31 -17.54 0.34
C PRO A 14 -6.86 -17.15 0.56
N ALA A 15 -6.04 -17.28 -0.49
CA ALA A 15 -4.62 -16.96 -0.39
C ALA A 15 -4.40 -15.45 -0.34
N ILE A 16 -4.40 -14.81 -1.50
CA ILE A 16 -4.20 -13.36 -1.57
C ILE A 16 -5.04 -12.66 -0.52
N ARG A 17 -6.33 -13.02 -0.46
CA ARG A 17 -7.23 -12.42 0.52
C ARG A 17 -6.54 -12.37 1.88
N GLU A 18 -6.07 -13.52 2.34
CA GLU A 18 -5.37 -13.63 3.60
C GLU A 18 -4.08 -12.80 3.55
N HIS A 19 -3.41 -12.85 2.40
CA HIS A 19 -2.18 -12.08 2.21
C HIS A 19 -2.47 -10.59 2.36
N LEU A 20 -3.20 -10.03 1.40
CA LEU A 20 -3.59 -8.63 1.43
C LEU A 20 -4.11 -8.25 2.82
N GLU A 21 -5.05 -9.04 3.33
CA GLU A 21 -5.62 -8.81 4.65
C GLU A 21 -4.51 -8.80 5.70
N GLU A 22 -3.78 -9.92 5.78
CA GLU A 22 -2.67 -10.03 6.72
C GLU A 22 -1.72 -8.85 6.56
N ARG A 23 -1.55 -8.41 5.31
CA ARG A 23 -0.69 -7.27 5.02
C ARG A 23 -1.21 -6.04 5.73
N LEU A 24 -2.51 -5.78 5.56
CA LEU A 24 -3.14 -4.63 6.20
C LEU A 24 -3.07 -4.80 7.71
N ALA A 25 -3.34 -6.01 8.19
CA ALA A 25 -3.29 -6.30 9.61
C ALA A 25 -1.88 -6.05 10.14
N LYS A 26 -0.89 -6.33 9.29
CA LYS A 26 0.50 -6.12 9.65
C LYS A 26 0.83 -4.64 9.64
N LEU A 27 0.30 -3.94 8.64
CA LEU A 27 0.53 -2.50 8.51
C LEU A 27 -0.31 -1.75 9.55
N GLY A 28 -1.22 -2.45 10.22
CA GLY A 28 -2.04 -1.82 11.23
C GLY A 28 -1.22 -1.29 12.39
N LYS A 29 -0.09 -1.94 12.66
CA LYS A 29 0.79 -1.52 13.75
C LYS A 29 1.57 -0.27 13.38
N TRP A 30 1.51 0.12 12.10
CA TRP A 30 2.20 1.31 11.63
C TRP A 30 1.40 2.57 11.98
N GLN A 31 1.65 3.12 13.18
CA GLN A 31 0.97 4.32 13.67
C GLN A 31 0.30 5.12 12.56
N THR A 32 -0.78 4.55 12.02
CA THR A 32 -1.52 5.16 10.94
C THR A 32 -3.00 4.75 11.03
N GLN A 33 -3.84 5.41 10.26
CA GLN A 33 -5.26 5.11 10.23
C GLN A 33 -5.72 5.00 8.80
N LEU A 34 -5.77 3.78 8.31
CA LEU A 34 -6.17 3.53 6.94
C LEU A 34 -7.56 4.05 6.66
N ILE A 35 -7.62 5.26 6.11
CA ILE A 35 -8.89 5.89 5.78
C ILE A 35 -9.68 5.05 4.76
N SER A 36 -8.96 4.36 3.90
CA SER A 36 -9.57 3.50 2.89
C SER A 36 -8.51 2.62 2.23
N PRO A 37 -8.37 1.40 2.74
CA PRO A 37 -7.39 0.42 2.25
C PRO A 37 -7.89 -0.44 1.10
N HIS A 38 -7.26 -0.30 -0.05
CA HIS A 38 -7.60 -1.08 -1.23
C HIS A 38 -6.38 -1.82 -1.74
N PHE A 39 -6.62 -2.74 -2.65
CA PHE A 39 -5.55 -3.50 -3.25
C PHE A 39 -5.92 -3.96 -4.65
N VAL A 40 -5.34 -3.31 -5.65
CA VAL A 40 -5.60 -3.65 -7.04
C VAL A 40 -4.61 -4.71 -7.51
N LEU A 41 -5.04 -5.96 -7.40
CA LEU A 41 -4.22 -7.11 -7.79
C LEU A 41 -4.43 -7.48 -9.24
N ASN A 42 -3.34 -7.72 -9.96
CA ASN A 42 -3.44 -8.13 -11.34
C ASN A 42 -2.25 -8.99 -11.76
N LYS A 43 -2.42 -9.68 -12.87
CA LYS A 43 -1.38 -10.55 -13.42
C LYS A 43 -1.13 -10.21 -14.87
N VAL A 44 0.00 -10.67 -15.38
CA VAL A 44 0.33 -10.45 -16.77
C VAL A 44 1.26 -11.53 -17.30
N PRO A 45 1.30 -11.73 -18.62
CA PRO A 45 2.15 -12.75 -19.25
C PRO A 45 3.59 -12.70 -18.75
N ASN A 46 4.12 -11.48 -18.65
CA ASN A 46 5.50 -11.29 -18.19
C ASN A 46 5.62 -11.34 -16.66
N GLY A 47 4.52 -11.63 -15.97
CA GLY A 47 4.57 -11.69 -14.52
C GLY A 47 3.26 -11.33 -13.86
N PHE A 48 3.37 -10.69 -12.72
CA PHE A 48 2.22 -10.28 -11.95
C PHE A 48 2.33 -8.80 -11.59
N SER A 49 1.25 -8.06 -11.77
CA SER A 49 1.24 -6.64 -11.44
C SER A 49 0.29 -6.40 -10.28
N VAL A 50 0.81 -5.81 -9.24
CA VAL A 50 0.02 -5.53 -8.05
C VAL A 50 0.15 -4.07 -7.63
N GLU A 51 -1.00 -3.42 -7.45
CA GLU A 51 -1.02 -2.02 -7.04
C GLU A 51 -1.90 -1.85 -5.80
N ALA A 52 -1.34 -1.23 -4.78
CA ALA A 52 -2.06 -1.02 -3.53
C ALA A 52 -2.43 0.45 -3.35
N SER A 53 -3.47 0.69 -2.56
CA SER A 53 -3.94 2.05 -2.28
C SER A 53 -4.63 2.12 -0.91
N ILE A 54 -3.96 2.73 0.06
CA ILE A 54 -4.51 2.86 1.41
C ILE A 54 -4.50 4.30 1.88
N GLY A 55 -5.69 4.85 2.11
CA GLY A 55 -5.79 6.22 2.56
C GLY A 55 -5.16 6.45 3.90
N THR A 56 -4.64 7.64 4.06
CA THR A 56 -3.99 8.05 5.31
C THR A 56 -4.18 9.55 5.52
N PRO A 57 -4.44 10.00 6.76
CA PRO A 57 -4.59 11.42 7.05
C PRO A 57 -3.39 12.22 6.57
N LEU A 58 -2.27 11.52 6.33
CA LEU A 58 -1.04 12.17 5.88
C LEU A 58 -0.89 12.08 4.37
N GLY A 59 -1.77 11.33 3.72
CA GLY A 59 -1.73 11.19 2.27
C GLY A 59 -2.06 9.78 1.82
N ASN A 60 -2.99 9.69 0.88
CA ASN A 60 -3.42 8.39 0.35
C ASN A 60 -2.22 7.56 -0.10
N LEU A 61 -2.03 6.40 0.53
CA LEU A 61 -0.94 5.52 0.17
C LEU A 61 -1.25 4.82 -1.14
N LEU A 62 -0.23 4.67 -1.98
CA LEU A 62 -0.39 4.00 -3.27
C LEU A 62 0.90 3.32 -3.65
N ALA A 63 0.78 2.22 -4.37
CA ALA A 63 1.95 1.46 -4.80
C ALA A 63 1.60 0.57 -5.98
N SER A 64 2.63 0.13 -6.71
CA SER A 64 2.45 -0.74 -7.86
C SER A 64 3.75 -1.44 -8.21
N ALA A 65 3.67 -2.75 -8.44
CA ALA A 65 4.85 -3.53 -8.79
C ALA A 65 4.52 -4.65 -9.77
N THR A 66 5.44 -4.90 -10.69
CA THR A 66 5.27 -5.94 -11.70
C THR A 66 6.43 -6.91 -11.66
N SER A 67 6.14 -8.19 -11.48
CA SER A 67 7.19 -9.21 -11.43
C SER A 67 6.61 -10.60 -11.59
N ASP A 68 7.46 -11.54 -11.98
CA ASP A 68 7.04 -12.92 -12.15
C ASP A 68 6.83 -13.62 -10.80
N ASP A 69 7.03 -12.88 -9.71
CA ASP A 69 6.87 -13.45 -8.39
C ASP A 69 5.74 -12.77 -7.62
N MET A 70 4.58 -13.44 -7.63
CA MET A 70 3.37 -12.96 -6.98
C MET A 70 3.60 -12.29 -5.63
N TYR A 71 3.95 -13.10 -4.63
CA TYR A 71 4.14 -12.58 -3.29
C TYR A 71 5.33 -11.65 -3.17
N LYS A 72 6.27 -11.74 -4.10
CA LYS A 72 7.40 -10.83 -4.09
C LYS A 72 6.94 -9.48 -4.63
N ALA A 73 6.06 -9.54 -5.64
CA ALA A 73 5.48 -8.34 -6.22
C ALA A 73 4.70 -7.64 -5.12
N ILE A 74 3.90 -8.45 -4.43
CA ILE A 74 3.14 -7.98 -3.28
C ILE A 74 4.15 -7.52 -2.23
N ASN A 75 5.24 -8.30 -2.16
CA ASN A 75 6.35 -8.01 -1.28
C ASN A 75 6.90 -6.63 -1.59
N GLU A 76 6.97 -6.31 -2.88
CA GLU A 76 7.45 -5.02 -3.35
C GLU A 76 6.45 -3.93 -2.98
N VAL A 77 5.18 -4.12 -3.38
CA VAL A 77 4.14 -3.15 -3.08
C VAL A 77 4.16 -2.80 -1.60
N GLU A 78 4.18 -3.83 -0.76
CA GLU A 78 4.21 -3.63 0.67
C GLU A 78 5.41 -2.77 1.05
N GLU A 79 6.50 -2.92 0.30
CA GLU A 79 7.70 -2.14 0.53
C GLU A 79 7.46 -0.69 0.18
N LYS A 80 6.81 -0.47 -0.97
CA LYS A 80 6.50 0.89 -1.41
C LYS A 80 5.47 1.51 -0.48
N LEU A 81 4.44 0.73 -0.15
CA LEU A 81 3.38 1.19 0.75
C LEU A 81 3.96 1.50 2.13
N GLU A 82 4.82 0.61 2.64
CA GLU A 82 5.44 0.82 3.93
C GLU A 82 6.37 2.02 3.88
N ARG A 83 7.35 1.95 2.97
CA ARG A 83 8.30 3.03 2.79
C ARG A 83 7.55 4.36 2.71
N GLN A 84 6.48 4.37 1.91
CA GLN A 84 5.65 5.55 1.77
C GLN A 84 5.04 5.91 3.12
N LEU A 85 4.52 4.88 3.82
CA LEU A 85 3.95 5.08 5.15
C LEU A 85 4.93 5.87 6.00
N ASN A 86 6.18 5.40 5.99
CA ASN A 86 7.24 6.06 6.73
C ASN A 86 7.43 7.48 6.21
N LYS A 87 7.31 7.64 4.89
CA LYS A 87 7.44 8.95 4.27
C LYS A 87 6.36 9.87 4.82
N LEU A 88 5.12 9.40 4.80
CA LEU A 88 4.00 10.19 5.31
C LEU A 88 4.25 10.56 6.75
N GLN A 89 4.52 9.54 7.56
CA GLN A 89 4.79 9.74 8.98
C GLN A 89 6.04 10.59 9.18
N HIS A 90 6.95 10.53 8.21
CA HIS A 90 8.19 11.28 8.26
C HIS A 90 7.98 12.72 7.85
N LYS A 91 7.54 12.89 6.61
CA LYS A 91 7.30 14.22 6.06
C LYS A 91 6.35 15.03 6.94
N SER A 92 5.94 16.19 6.44
CA SER A 92 5.02 17.06 7.18
C SER A 92 4.31 18.02 6.24
N GLU A 93 3.17 17.59 5.71
CA GLU A 93 2.40 18.42 4.79
C GLU A 93 1.35 19.23 5.55
N SER A 94 0.39 19.78 4.81
CA SER A 94 -0.68 20.58 5.42
C SER A 94 -1.94 19.76 5.62
N ARG A 95 -3.01 20.42 6.02
CA ARG A 95 -4.29 19.74 6.25
C ARG A 95 -5.01 19.47 4.93
N ARG A 96 -4.79 20.36 3.96
CA ARG A 96 -5.42 20.21 2.64
C ARG A 96 -4.80 19.05 1.88
N ALA A 97 -5.59 18.46 0.98
CA ALA A 97 -5.12 17.33 0.18
C ALA A 97 -6.16 16.91 -0.84
N ASP A 98 -5.72 16.71 -2.08
CA ASP A 98 -6.62 16.32 -3.16
C ASP A 98 -7.73 17.34 -3.35
N GLU A 99 -8.43 17.24 -4.49
CA GLU A 99 -9.51 18.17 -4.79
C GLU A 99 -10.21 17.76 -6.09
N ARG A 100 -10.35 16.46 -6.30
CA ARG A 100 -11.01 15.94 -7.51
C ARG A 100 -11.26 14.45 -7.38
N LEU A 101 -12.35 13.98 -8.00
CA LEU A 101 -12.71 12.57 -7.96
C LEU A 101 -12.26 11.86 -9.24
N LYS A 102 -10.97 11.86 -9.49
CA LYS A 102 -10.42 11.21 -10.68
C LYS A 102 -10.91 11.90 -11.96
N ASP A 103 -12.13 11.58 -12.35
CA ASP A 103 -12.72 12.17 -13.56
C ASP A 103 -14.25 12.14 -13.48
N SER A 104 -14.81 10.97 -13.23
CA SER A 104 -16.25 10.81 -13.13
C SER A 104 -16.93 11.18 -14.44
N PHE A 105 -18.10 10.60 -14.69
CA PHE A 105 -18.84 10.86 -15.91
C PHE A 105 -18.03 10.48 -17.14
N GLU A 106 -18.68 10.52 -18.31
CA GLU A 106 -18.02 10.18 -19.55
C GLU A 106 -16.89 11.16 -19.86
N ASN A 107 -16.00 10.77 -20.77
CA ASN A 107 -14.87 11.62 -21.15
C ASN A 107 -14.62 11.54 -22.65
N MET A 1 -11.24 -1.76 9.04
CA MET A 1 -10.02 -1.75 8.19
C MET A 1 -9.45 -3.15 8.02
N THR A 2 -10.18 -4.00 7.32
CA THR A 2 -9.76 -5.37 7.07
C THR A 2 -9.07 -5.52 5.72
N LEU A 3 -8.89 -4.39 5.05
CA LEU A 3 -8.25 -4.37 3.74
C LEU A 3 -9.08 -5.14 2.71
N ASN A 4 -9.79 -4.39 1.87
CA ASN A 4 -10.63 -4.98 0.84
C ASN A 4 -9.84 -5.30 -0.43
N ILE A 5 -10.45 -6.13 -1.28
CA ILE A 5 -9.83 -6.53 -2.53
C ILE A 5 -10.77 -6.27 -3.71
N THR A 6 -10.21 -6.36 -4.91
CA THR A 6 -10.97 -6.16 -6.14
C THR A 6 -10.67 -7.28 -7.12
N SER A 7 -9.38 -7.46 -7.38
CA SER A 7 -8.90 -8.50 -8.30
C SER A 7 -9.77 -8.62 -9.54
N LYS A 8 -9.33 -8.00 -10.63
CA LYS A 8 -10.07 -8.02 -11.89
C LYS A 8 -10.19 -9.44 -12.44
N GLN A 9 -9.10 -10.20 -12.39
CA GLN A 9 -9.09 -11.58 -12.89
C GLN A 9 -8.98 -12.59 -11.75
N MET A 10 -7.76 -12.98 -11.41
CA MET A 10 -7.53 -13.95 -10.34
C MET A 10 -8.30 -13.58 -9.08
N ASP A 11 -9.36 -14.34 -8.80
CA ASP A 11 -10.17 -14.07 -7.62
C ASP A 11 -9.32 -14.13 -6.36
N ILE A 12 -9.92 -13.78 -5.22
CA ILE A 12 -9.20 -13.81 -3.95
C ILE A 12 -9.37 -15.15 -3.26
N THR A 13 -8.33 -15.59 -2.58
CA THR A 13 -8.34 -16.85 -1.86
C THR A 13 -7.55 -16.74 -0.57
N PRO A 14 -7.57 -17.78 0.29
CA PRO A 14 -6.84 -17.78 1.55
C PRO A 14 -5.45 -17.15 1.43
N ALA A 15 -4.68 -17.60 0.46
CA ALA A 15 -3.33 -17.08 0.24
C ALA A 15 -3.35 -15.56 0.16
N ILE A 16 -3.83 -15.03 -0.96
CA ILE A 16 -3.91 -13.59 -1.14
C ILE A 16 -4.59 -12.94 0.07
N ARG A 17 -5.87 -13.27 0.25
CA ARG A 17 -6.64 -12.74 1.36
C ARG A 17 -5.80 -12.65 2.64
N GLU A 18 -5.30 -13.81 3.07
CA GLU A 18 -4.47 -13.87 4.27
C GLU A 18 -3.21 -13.01 4.09
N HIS A 19 -2.66 -13.02 2.88
CA HIS A 19 -1.48 -12.24 2.57
C HIS A 19 -1.79 -10.76 2.76
N LEU A 20 -2.63 -10.23 1.86
CA LEU A 20 -3.05 -8.83 1.94
C LEU A 20 -3.44 -8.47 3.37
N GLU A 21 -4.30 -9.29 3.96
CA GLU A 21 -4.74 -9.08 5.34
C GLU A 21 -3.54 -9.01 6.27
N GLU A 22 -2.69 -10.04 6.21
CA GLU A 22 -1.50 -10.08 7.05
C GLU A 22 -0.67 -8.81 6.84
N ARG A 23 -0.51 -8.42 5.58
CA ARG A 23 0.24 -7.21 5.25
C ARG A 23 -0.40 -6.01 5.93
N LEU A 24 -1.73 -5.93 5.85
CA LEU A 24 -2.46 -4.85 6.48
C LEU A 24 -2.21 -4.88 7.98
N ALA A 25 -2.31 -6.07 8.56
CA ALA A 25 -2.07 -6.24 9.98
C ALA A 25 -0.65 -5.80 10.33
N LYS A 26 0.26 -6.04 9.40
CA LYS A 26 1.65 -5.64 9.59
C LYS A 26 1.78 -4.12 9.50
N LEU A 27 1.02 -3.53 8.57
CA LEU A 27 1.01 -2.09 8.39
C LEU A 27 0.19 -1.41 9.49
N GLY A 28 -0.52 -2.21 10.28
CA GLY A 28 -1.32 -1.67 11.35
C GLY A 28 -0.48 -0.98 12.41
N LYS A 29 0.73 -1.49 12.62
CA LYS A 29 1.64 -0.91 13.61
C LYS A 29 2.32 0.34 13.08
N TRP A 30 2.14 0.62 11.79
CA TRP A 30 2.75 1.79 11.17
C TRP A 30 1.94 3.04 11.48
N GLN A 31 2.33 3.74 12.56
CA GLN A 31 1.66 4.97 13.00
C GLN A 31 0.92 5.67 11.86
N THR A 32 -0.26 5.14 11.54
CA THR A 32 -1.06 5.68 10.46
C THR A 32 -2.52 5.25 10.61
N GLN A 33 -3.39 5.82 9.79
CA GLN A 33 -4.80 5.49 9.79
C GLN A 33 -5.14 4.88 8.46
N LEU A 34 -5.36 3.59 8.46
CA LEU A 34 -5.66 2.90 7.23
C LEU A 34 -7.08 3.19 6.77
N ILE A 35 -7.34 4.47 6.48
CA ILE A 35 -8.65 4.90 6.03
C ILE A 35 -9.06 4.16 4.75
N SER A 36 -10.04 3.28 4.88
CA SER A 36 -10.54 2.50 3.76
C SER A 36 -9.39 1.97 2.91
N PRO A 37 -8.89 0.78 3.25
CA PRO A 37 -7.79 0.13 2.58
C PRO A 37 -8.24 -0.88 1.53
N HIS A 38 -7.74 -0.73 0.30
CA HIS A 38 -8.08 -1.64 -0.78
C HIS A 38 -6.84 -2.25 -1.39
N PHE A 39 -7.06 -3.23 -2.25
CA PHE A 39 -5.97 -3.89 -2.93
C PHE A 39 -6.41 -4.43 -4.29
N VAL A 40 -6.04 -3.71 -5.34
CA VAL A 40 -6.39 -4.11 -6.70
C VAL A 40 -5.31 -5.03 -7.24
N LEU A 41 -5.53 -6.32 -7.05
CA LEU A 41 -4.58 -7.36 -7.47
C LEU A 41 -4.91 -7.90 -8.86
N ASN A 42 -3.87 -8.13 -9.65
CA ASN A 42 -4.06 -8.69 -10.98
C ASN A 42 -2.84 -9.50 -11.43
N LYS A 43 -3.05 -10.32 -12.44
CA LYS A 43 -1.99 -11.15 -12.99
C LYS A 43 -1.90 -10.97 -14.49
N VAL A 44 -0.80 -11.40 -15.07
CA VAL A 44 -0.61 -11.31 -16.49
C VAL A 44 0.40 -12.35 -17.00
N PRO A 45 0.35 -12.69 -18.29
CA PRO A 45 1.26 -13.68 -18.88
C PRO A 45 2.72 -13.41 -18.54
N ASN A 46 3.12 -12.15 -18.64
CA ASN A 46 4.51 -11.76 -18.35
C ASN A 46 4.77 -11.60 -16.84
N GLY A 47 3.78 -11.93 -16.01
CA GLY A 47 3.96 -11.80 -14.58
C GLY A 47 2.67 -11.51 -13.86
N PHE A 48 2.80 -10.75 -12.79
CA PHE A 48 1.66 -10.36 -11.98
C PHE A 48 1.64 -8.86 -11.76
N SER A 49 0.49 -8.24 -12.00
CA SER A 49 0.33 -6.82 -11.79
C SER A 49 -0.54 -6.61 -10.58
N VAL A 50 0.02 -5.93 -9.60
CA VAL A 50 -0.69 -5.68 -8.36
C VAL A 50 -0.69 -4.20 -8.01
N GLU A 51 -1.73 -3.75 -7.33
CA GLU A 51 -1.85 -2.35 -6.92
C GLU A 51 -2.66 -2.22 -5.65
N ALA A 52 -2.17 -1.42 -4.71
CA ALA A 52 -2.85 -1.21 -3.43
C ALA A 52 -3.25 0.25 -3.25
N SER A 53 -4.21 0.49 -2.37
CA SER A 53 -4.68 1.85 -2.10
C SER A 53 -5.23 1.98 -0.68
N ILE A 54 -4.58 2.82 0.13
CA ILE A 54 -5.02 3.04 1.50
C ILE A 54 -5.00 4.53 1.81
N GLY A 55 -6.04 5.01 2.49
CA GLY A 55 -6.11 6.41 2.85
C GLY A 55 -5.53 6.69 4.21
N THR A 56 -4.85 7.80 4.31
CA THR A 56 -4.24 8.22 5.56
C THR A 56 -4.59 9.67 5.89
N PRO A 57 -4.87 9.98 7.17
CA PRO A 57 -5.18 11.34 7.58
C PRO A 57 -4.07 12.30 7.19
N LEU A 58 -2.89 11.74 6.90
CA LEU A 58 -1.73 12.52 6.53
C LEU A 58 -1.63 12.64 5.00
N GLY A 59 -2.33 11.75 4.30
CA GLY A 59 -2.33 11.76 2.85
C GLY A 59 -2.60 10.38 2.27
N ASN A 60 -3.52 10.32 1.31
CA ASN A 60 -3.87 9.06 0.67
C ASN A 60 -2.64 8.25 0.31
N LEU A 61 -2.83 6.98 -0.01
CA LEU A 61 -1.72 6.11 -0.37
C LEU A 61 -2.12 5.11 -1.44
N LEU A 62 -1.20 4.90 -2.38
CA LEU A 62 -1.41 3.97 -3.48
C LEU A 62 -0.10 3.27 -3.83
N ALA A 63 -0.21 2.09 -4.40
CA ALA A 63 0.96 1.32 -4.81
C ALA A 63 0.62 0.44 -5.99
N SER A 64 1.63 0.06 -6.77
CA SER A 64 1.42 -0.77 -7.94
C SER A 64 2.73 -1.32 -8.47
N ALA A 65 2.78 -2.63 -8.73
CA ALA A 65 3.99 -3.26 -9.23
C ALA A 65 3.65 -4.45 -10.12
N THR A 66 4.53 -4.71 -11.09
CA THR A 66 4.35 -5.82 -12.02
C THR A 66 5.61 -6.69 -12.03
N SER A 67 5.45 -7.98 -11.78
CA SER A 67 6.60 -8.88 -11.76
C SER A 67 6.17 -10.33 -11.92
N ASP A 68 7.12 -11.19 -12.25
CA ASP A 68 6.85 -12.61 -12.43
C ASP A 68 6.78 -13.33 -11.08
N ASP A 69 6.80 -12.56 -9.98
CA ASP A 69 6.75 -13.14 -8.65
C ASP A 69 5.61 -12.53 -7.83
N MET A 70 4.49 -13.23 -7.80
CA MET A 70 3.30 -12.81 -7.07
C MET A 70 3.61 -12.15 -5.73
N TYR A 71 4.04 -12.95 -4.77
CA TYR A 71 4.33 -12.45 -3.44
C TYR A 71 5.49 -11.46 -3.43
N LYS A 72 6.29 -11.47 -4.49
CA LYS A 72 7.38 -10.52 -4.60
C LYS A 72 6.80 -9.20 -5.06
N ALA A 73 5.81 -9.28 -5.97
CA ALA A 73 5.12 -8.10 -6.44
C ALA A 73 4.44 -7.46 -5.25
N ILE A 74 3.80 -8.31 -4.46
CA ILE A 74 3.18 -7.88 -3.22
C ILE A 74 4.29 -7.40 -2.29
N ASN A 75 5.40 -8.13 -2.36
CA ASN A 75 6.60 -7.81 -1.62
C ASN A 75 7.03 -6.39 -1.97
N GLU A 76 6.85 -6.04 -3.23
CA GLU A 76 7.18 -4.72 -3.73
C GLU A 76 6.15 -3.70 -3.27
N VAL A 77 4.87 -3.97 -3.58
CA VAL A 77 3.77 -3.09 -3.18
C VAL A 77 3.92 -2.67 -1.73
N GLU A 78 4.03 -3.66 -0.86
CA GLU A 78 4.19 -3.39 0.57
C GLU A 78 5.36 -2.44 0.79
N GLU A 79 6.40 -2.59 -0.03
CA GLU A 79 7.57 -1.74 0.07
C GLU A 79 7.21 -0.32 -0.35
N LYS A 80 6.45 -0.20 -1.44
CA LYS A 80 6.03 1.12 -1.92
C LYS A 80 5.10 1.77 -0.92
N LEU A 81 4.11 1.00 -0.47
CA LEU A 81 3.14 1.49 0.50
C LEU A 81 3.84 1.85 1.81
N GLU A 82 4.75 1.00 2.26
CA GLU A 82 5.50 1.26 3.49
C GLU A 82 6.42 2.45 3.28
N ARG A 83 7.15 2.42 2.17
CA ARG A 83 8.06 3.52 1.82
C ARG A 83 7.30 4.83 1.82
N GLN A 84 6.10 4.80 1.23
CA GLN A 84 5.26 5.98 1.17
C GLN A 84 4.80 6.34 2.59
N LEU A 85 4.55 5.31 3.40
CA LEU A 85 4.14 5.52 4.78
C LEU A 85 5.22 6.32 5.50
N ASN A 86 6.45 5.81 5.44
CA ASN A 86 7.59 6.47 6.04
C ASN A 86 7.77 7.85 5.43
N LYS A 87 7.60 7.92 4.11
CA LYS A 87 7.73 9.18 3.39
C LYS A 87 6.72 10.18 3.93
N LEU A 88 5.48 9.72 4.08
CA LEU A 88 4.42 10.57 4.61
C LEU A 88 4.82 11.09 5.97
N GLN A 89 4.92 10.16 6.93
CA GLN A 89 5.31 10.50 8.29
C GLN A 89 6.57 11.36 8.29
N HIS A 90 7.42 11.13 7.28
CA HIS A 90 8.67 11.88 7.15
C HIS A 90 8.38 13.31 6.73
N LYS A 91 7.93 13.45 5.48
CA LYS A 91 7.62 14.75 4.93
C LYS A 91 8.78 15.74 5.12
N SER A 92 9.57 15.91 4.08
CA SER A 92 10.71 16.83 4.12
C SER A 92 10.31 18.20 3.57
N GLU A 93 9.35 18.21 2.65
CA GLU A 93 8.89 19.45 2.05
C GLU A 93 7.52 19.84 2.62
N SER A 94 6.86 20.77 1.95
CA SER A 94 5.54 21.23 2.39
C SER A 94 4.66 21.58 1.20
N ARG A 95 3.66 20.74 0.95
CA ARG A 95 2.73 20.95 -0.16
C ARG A 95 1.62 21.92 0.24
N ARG A 96 1.39 22.93 -0.60
CA ARG A 96 0.35 23.92 -0.34
C ARG A 96 0.62 24.65 0.97
N ALA A 97 1.41 25.72 0.88
CA ALA A 97 1.76 26.52 2.06
C ALA A 97 2.14 27.94 1.67
N ASP A 98 1.49 28.46 0.63
CA ASP A 98 1.76 29.81 0.15
C ASP A 98 0.94 30.84 0.92
N GLU A 99 1.57 31.50 1.88
CA GLU A 99 0.90 32.51 2.69
C GLU A 99 1.62 33.85 2.60
N ARG A 100 1.08 34.76 1.80
CA ARG A 100 1.68 36.08 1.62
C ARG A 100 3.09 35.97 1.04
N LEU A 101 3.59 37.07 0.50
CA LEU A 101 4.93 37.10 -0.08
C LEU A 101 5.83 38.06 0.67
N LYS A 102 7.06 38.21 0.19
CA LYS A 102 8.02 39.11 0.81
C LYS A 102 8.34 38.67 2.24
N ASP A 103 9.40 37.88 2.40
CA ASP A 103 9.81 37.39 3.70
C ASP A 103 10.94 38.24 4.27
N SER A 104 10.57 39.26 5.04
CA SER A 104 11.55 40.15 5.65
C SER A 104 12.41 40.83 4.59
N PHE A 105 13.31 41.71 5.03
CA PHE A 105 14.18 42.42 4.11
C PHE A 105 15.44 41.63 3.82
N GLU A 106 16.27 41.44 4.84
CA GLU A 106 17.51 40.69 4.70
C GLU A 106 18.45 41.37 3.72
N ASN A 107 19.63 41.77 4.20
CA ASN A 107 20.62 42.43 3.36
C ASN A 107 21.28 41.45 2.41
N MET A 1 -10.80 -1.78 10.33
CA MET A 1 -10.33 -1.52 8.94
C MET A 1 -9.98 -2.82 8.22
N THR A 2 -10.93 -3.32 7.43
CA THR A 2 -10.72 -4.55 6.68
C THR A 2 -10.21 -4.25 5.27
N LEU A 3 -9.02 -4.74 4.95
CA LEU A 3 -8.42 -4.52 3.64
C LEU A 3 -9.29 -5.13 2.55
N ASN A 4 -9.80 -4.28 1.66
CA ASN A 4 -10.65 -4.74 0.57
C ASN A 4 -9.84 -4.96 -0.70
N ILE A 5 -10.41 -5.72 -1.63
CA ILE A 5 -9.75 -6.01 -2.90
C ILE A 5 -10.58 -5.54 -4.08
N THR A 6 -9.99 -5.59 -5.26
CA THR A 6 -10.67 -5.17 -6.49
C THR A 6 -9.95 -5.70 -7.72
N SER A 7 -9.46 -6.94 -7.61
CA SER A 7 -8.74 -7.57 -8.71
C SER A 7 -9.56 -7.50 -10.00
N LYS A 8 -8.96 -6.93 -11.05
CA LYS A 8 -9.65 -6.76 -12.33
C LYS A 8 -9.83 -8.07 -13.09
N GLN A 9 -8.79 -8.91 -13.14
CA GLN A 9 -8.88 -10.17 -13.87
C GLN A 9 -8.94 -11.38 -12.93
N MET A 10 -7.84 -11.67 -12.26
CA MET A 10 -7.79 -12.82 -11.35
C MET A 10 -8.51 -12.51 -10.05
N ASP A 11 -9.58 -13.27 -9.78
CA ASP A 11 -10.34 -13.08 -8.56
C ASP A 11 -9.46 -13.29 -7.34
N ILE A 12 -10.05 -13.23 -6.15
CA ILE A 12 -9.29 -13.42 -4.92
C ILE A 12 -9.57 -14.79 -4.32
N THR A 13 -8.56 -15.32 -3.63
CA THR A 13 -8.67 -16.61 -2.98
C THR A 13 -7.95 -16.59 -1.64
N PRO A 14 -8.09 -17.67 -0.83
CA PRO A 14 -7.45 -17.75 0.48
C PRO A 14 -6.01 -17.26 0.47
N ALA A 15 -5.26 -17.64 -0.55
CA ALA A 15 -3.86 -17.22 -0.67
C ALA A 15 -3.72 -15.71 -0.61
N ILE A 16 -3.94 -15.04 -1.75
CA ILE A 16 -3.85 -13.59 -1.79
C ILE A 16 -4.66 -12.97 -0.67
N ARG A 17 -5.96 -13.29 -0.64
CA ARG A 17 -6.86 -12.77 0.39
C ARG A 17 -6.14 -12.75 1.75
N GLU A 18 -5.67 -13.92 2.17
CA GLU A 18 -4.95 -14.05 3.42
C GLU A 18 -3.69 -13.18 3.39
N HIS A 19 -3.03 -13.17 2.24
CA HIS A 19 -1.82 -12.36 2.07
C HIS A 19 -2.16 -10.89 2.27
N LEU A 20 -2.95 -10.35 1.34
CA LEU A 20 -3.38 -8.96 1.41
C LEU A 20 -3.85 -8.62 2.82
N GLU A 21 -4.77 -9.43 3.35
CA GLU A 21 -5.28 -9.23 4.71
C GLU A 21 -4.12 -9.19 5.70
N GLU A 22 -3.34 -10.26 5.72
CA GLU A 22 -2.18 -10.34 6.60
C GLU A 22 -1.29 -9.13 6.41
N ARG A 23 -1.23 -8.65 5.16
CA ARG A 23 -0.41 -7.49 4.84
C ARG A 23 -0.97 -6.27 5.58
N LEU A 24 -2.28 -6.07 5.50
CA LEU A 24 -2.92 -4.96 6.19
C LEU A 24 -2.72 -5.11 7.69
N ALA A 25 -3.07 -6.29 8.20
CA ALA A 25 -2.90 -6.57 9.63
C ALA A 25 -1.46 -6.33 10.04
N LYS A 26 -0.55 -6.57 9.11
CA LYS A 26 0.87 -6.37 9.36
C LYS A 26 1.20 -4.89 9.34
N LEU A 27 0.55 -4.15 8.44
CA LEU A 27 0.76 -2.72 8.33
C LEU A 27 0.04 -1.98 9.46
N GLY A 28 -0.79 -2.70 10.22
CA GLY A 28 -1.50 -2.09 11.32
C GLY A 28 -0.55 -1.54 12.38
N LYS A 29 0.54 -2.24 12.61
CA LYS A 29 1.54 -1.82 13.59
C LYS A 29 2.08 -0.43 13.26
N TRP A 30 1.96 -0.03 12.00
CA TRP A 30 2.43 1.26 11.55
C TRP A 30 1.52 2.37 12.02
N GLN A 31 2.00 3.13 13.02
CA GLN A 31 1.23 4.25 13.61
C GLN A 31 0.42 4.99 12.56
N THR A 32 -0.64 4.33 12.09
CA THR A 32 -1.51 4.90 11.09
C THR A 32 -2.88 4.23 11.14
N GLN A 33 -3.86 4.85 10.50
CA GLN A 33 -5.20 4.33 10.46
C GLN A 33 -5.64 4.24 9.01
N LEU A 34 -5.46 3.06 8.44
CA LEU A 34 -5.78 2.83 7.05
C LEU A 34 -7.20 3.26 6.71
N ILE A 35 -7.36 4.52 6.34
CA ILE A 35 -8.66 5.05 5.97
C ILE A 35 -9.19 4.30 4.75
N SER A 36 -9.94 3.24 5.00
CA SER A 36 -10.49 2.44 3.92
C SER A 36 -9.38 1.96 3.00
N PRO A 37 -8.83 0.77 3.26
CA PRO A 37 -7.74 0.17 2.50
C PRO A 37 -8.21 -0.78 1.42
N HIS A 38 -7.63 -0.62 0.22
CA HIS A 38 -7.96 -1.47 -0.92
C HIS A 38 -6.70 -2.10 -1.49
N PHE A 39 -6.91 -3.03 -2.40
CA PHE A 39 -5.81 -3.70 -3.07
C PHE A 39 -6.22 -4.18 -4.46
N VAL A 40 -5.77 -3.46 -5.48
CA VAL A 40 -6.07 -3.82 -6.85
C VAL A 40 -5.02 -4.80 -7.38
N LEU A 41 -5.32 -6.08 -7.22
CA LEU A 41 -4.41 -7.14 -7.63
C LEU A 41 -4.70 -7.62 -9.04
N ASN A 42 -3.64 -7.86 -9.81
CA ASN A 42 -3.78 -8.33 -11.19
C ASN A 42 -2.60 -9.19 -11.64
N LYS A 43 -2.82 -9.90 -12.73
CA LYS A 43 -1.80 -10.77 -13.32
C LYS A 43 -1.67 -10.48 -14.80
N VAL A 44 -0.63 -11.02 -15.41
CA VAL A 44 -0.42 -10.86 -16.83
C VAL A 44 0.52 -11.92 -17.38
N PRO A 45 0.45 -12.20 -18.69
CA PRO A 45 1.30 -13.21 -19.33
C PRO A 45 2.78 -13.03 -19.00
N ASN A 46 3.23 -11.79 -19.02
CA ASN A 46 4.63 -11.48 -18.73
C ASN A 46 4.92 -11.43 -17.22
N GLY A 47 3.91 -11.73 -16.40
CA GLY A 47 4.11 -11.70 -14.96
C GLY A 47 2.84 -11.39 -14.20
N PHE A 48 3.02 -10.72 -13.09
CA PHE A 48 1.92 -10.33 -12.23
C PHE A 48 1.97 -8.84 -11.93
N SER A 49 0.85 -8.16 -12.11
CA SER A 49 0.78 -6.74 -11.82
C SER A 49 -0.12 -6.51 -10.63
N VAL A 50 0.44 -5.92 -9.61
CA VAL A 50 -0.30 -5.65 -8.38
C VAL A 50 -0.32 -4.16 -8.08
N GLU A 51 -1.37 -3.73 -7.39
CA GLU A 51 -1.52 -2.32 -7.02
C GLU A 51 -2.30 -2.20 -5.72
N ALA A 52 -1.80 -1.36 -4.82
CA ALA A 52 -2.46 -1.16 -3.53
C ALA A 52 -2.92 0.28 -3.37
N SER A 53 -3.90 0.48 -2.50
CA SER A 53 -4.44 1.81 -2.24
C SER A 53 -5.02 1.90 -0.84
N ILE A 54 -4.35 2.64 0.02
CA ILE A 54 -4.79 2.83 1.39
C ILE A 54 -4.75 4.30 1.79
N GLY A 55 -5.74 4.75 2.53
CA GLY A 55 -5.79 6.13 2.95
C GLY A 55 -5.26 6.31 4.35
N THR A 56 -4.71 7.48 4.59
CA THR A 56 -4.16 7.81 5.90
C THR A 56 -4.42 9.27 6.24
N PRO A 57 -4.80 9.57 7.51
CA PRO A 57 -5.03 10.96 7.92
C PRO A 57 -3.82 11.83 7.62
N LEU A 58 -2.67 11.20 7.41
CA LEU A 58 -1.43 11.91 7.12
C LEU A 58 -1.22 12.06 5.62
N GLY A 59 -2.01 11.32 4.84
CA GLY A 59 -1.91 11.37 3.40
C GLY A 59 -2.22 10.04 2.75
N ASN A 60 -3.04 10.06 1.71
CA ASN A 60 -3.42 8.85 1.00
C ASN A 60 -2.20 7.98 0.69
N LEU A 61 -2.45 6.74 0.30
CA LEU A 61 -1.38 5.83 -0.03
C LEU A 61 -1.80 4.89 -1.15
N LEU A 62 -0.84 4.55 -2.00
CA LEU A 62 -1.08 3.65 -3.12
C LEU A 62 0.22 3.02 -3.57
N ALA A 63 0.13 2.09 -4.50
CA ALA A 63 1.31 1.42 -5.01
C ALA A 63 0.95 0.52 -6.19
N SER A 64 1.96 0.11 -6.94
CA SER A 64 1.75 -0.75 -8.10
C SER A 64 3.07 -1.30 -8.62
N ALA A 65 3.09 -2.57 -9.00
CA ALA A 65 4.30 -3.20 -9.50
C ALA A 65 3.98 -4.39 -10.39
N THR A 66 4.91 -4.69 -11.31
CA THR A 66 4.75 -5.82 -12.23
C THR A 66 5.98 -6.72 -12.18
N SER A 67 5.76 -8.02 -12.02
CA SER A 67 6.87 -8.96 -11.95
C SER A 67 6.39 -10.40 -12.09
N ASP A 68 7.32 -11.30 -12.39
CA ASP A 68 6.99 -12.70 -12.53
C ASP A 68 6.92 -13.38 -11.16
N ASP A 69 7.07 -12.60 -10.09
CA ASP A 69 7.02 -13.13 -8.74
C ASP A 69 5.84 -12.54 -7.97
N MET A 70 4.74 -13.29 -7.97
CA MET A 70 3.50 -12.89 -7.29
C MET A 70 3.75 -12.21 -5.95
N TYR A 71 4.19 -12.98 -4.97
CA TYR A 71 4.41 -12.46 -3.63
C TYR A 71 5.51 -11.41 -3.60
N LYS A 72 6.40 -11.45 -4.59
CA LYS A 72 7.45 -10.45 -4.67
C LYS A 72 6.85 -9.15 -5.17
N ALA A 73 5.93 -9.26 -6.13
CA ALA A 73 5.24 -8.09 -6.65
C ALA A 73 4.48 -7.46 -5.50
N ILE A 74 3.81 -8.33 -4.75
CA ILE A 74 3.11 -7.92 -3.54
C ILE A 74 4.15 -7.39 -2.58
N ASN A 75 5.29 -8.09 -2.58
CA ASN A 75 6.43 -7.74 -1.77
C ASN A 75 6.88 -6.32 -2.11
N GLU A 76 6.82 -6.00 -3.40
CA GLU A 76 7.19 -4.68 -3.88
C GLU A 76 6.13 -3.65 -3.47
N VAL A 77 4.87 -3.92 -3.83
CA VAL A 77 3.77 -3.03 -3.48
C VAL A 77 3.82 -2.67 -2.01
N GLU A 78 3.89 -3.70 -1.17
CA GLU A 78 3.96 -3.49 0.26
C GLU A 78 5.15 -2.61 0.61
N GLU A 79 6.20 -2.72 -0.20
CA GLU A 79 7.39 -1.91 0.00
C GLU A 79 7.11 -0.46 -0.34
N LYS A 80 6.37 -0.24 -1.42
CA LYS A 80 6.01 1.12 -1.82
C LYS A 80 5.02 1.69 -0.82
N LEU A 81 4.02 0.89 -0.46
CA LEU A 81 3.01 1.30 0.51
C LEU A 81 3.67 1.60 1.85
N GLU A 82 4.57 0.72 2.28
CA GLU A 82 5.28 0.91 3.53
C GLU A 82 6.16 2.14 3.43
N ARG A 83 6.97 2.18 2.37
CA ARG A 83 7.86 3.31 2.14
C ARG A 83 7.08 4.62 2.25
N GLN A 84 5.95 4.68 1.56
CA GLN A 84 5.10 5.86 1.61
C GLN A 84 4.63 6.09 3.04
N LEU A 85 4.24 5.00 3.70
CA LEU A 85 3.80 5.08 5.10
C LEU A 85 4.87 5.78 5.91
N ASN A 86 6.09 5.27 5.81
CA ASN A 86 7.23 5.85 6.52
C ASN A 86 7.40 7.30 6.09
N LYS A 87 7.11 7.57 4.82
CA LYS A 87 7.20 8.93 4.31
C LYS A 87 6.27 9.82 5.12
N LEU A 88 5.06 9.32 5.35
CA LEU A 88 4.10 10.07 6.14
C LEU A 88 4.64 10.24 7.54
N GLN A 89 5.01 9.12 8.15
CA GLN A 89 5.60 9.13 9.49
C GLN A 89 6.80 10.07 9.52
N HIS A 90 7.46 10.18 8.36
CA HIS A 90 8.63 11.03 8.22
C HIS A 90 8.23 12.50 8.10
N LYS A 91 7.36 12.78 7.14
CA LYS A 91 6.91 14.15 6.89
C LYS A 91 6.47 14.83 8.18
N SER A 92 6.20 16.12 8.10
CA SER A 92 5.77 16.90 9.26
C SER A 92 5.46 18.34 8.87
N GLU A 93 4.38 18.52 8.13
CA GLU A 93 3.98 19.86 7.69
C GLU A 93 3.72 20.77 8.87
N SER A 94 2.81 20.36 9.75
CA SER A 94 2.48 21.14 10.93
C SER A 94 1.99 22.54 10.55
N ARG A 95 1.49 22.67 9.32
CA ARG A 95 0.99 23.95 8.83
C ARG A 95 -0.51 23.87 8.54
N ARG A 96 -0.96 22.70 8.10
CA ARG A 96 -2.36 22.50 7.78
C ARG A 96 -2.80 21.07 8.13
N ALA A 97 -4.03 20.95 8.63
CA ALA A 97 -4.56 19.65 9.01
C ALA A 97 -5.82 19.31 8.20
N ASP A 98 -5.99 18.03 7.89
CA ASP A 98 -7.14 17.58 7.11
C ASP A 98 -7.18 18.27 5.75
N GLU A 99 -8.08 17.80 4.89
CA GLU A 99 -8.22 18.37 3.56
C GLU A 99 -9.40 17.75 2.81
N ARG A 100 -10.20 18.59 2.16
CA ARG A 100 -11.35 18.12 1.41
C ARG A 100 -12.06 19.29 0.72
N LEU A 101 -12.14 20.42 1.41
CA LEU A 101 -12.78 21.61 0.86
C LEU A 101 -14.25 21.35 0.54
N LYS A 102 -14.51 20.74 -0.62
CA LYS A 102 -15.87 20.44 -1.03
C LYS A 102 -16.02 18.95 -1.33
N ASP A 103 -15.02 18.37 -1.98
CA ASP A 103 -15.05 16.96 -2.33
C ASP A 103 -14.34 16.13 -1.27
N SER A 104 -14.85 14.93 -1.02
CA SER A 104 -14.25 14.03 -0.04
C SER A 104 -13.51 12.88 -0.71
N PHE A 105 -14.24 12.12 -1.52
CA PHE A 105 -13.64 10.98 -2.23
C PHE A 105 -13.38 11.34 -3.69
N GLU A 106 -12.33 10.76 -4.26
CA GLU A 106 -11.96 11.01 -5.64
C GLU A 106 -11.11 9.88 -6.19
N ASN A 107 -10.11 9.46 -5.41
CA ASN A 107 -9.22 8.38 -5.83
C ASN A 107 -9.00 7.39 -4.69
N MET A 1 -10.20 -1.22 9.24
CA MET A 1 -9.69 -1.34 7.85
C MET A 1 -10.22 -2.60 7.17
N THR A 2 -9.67 -3.76 7.55
CA THR A 2 -10.09 -5.04 6.98
C THR A 2 -9.55 -5.23 5.56
N LEU A 3 -8.84 -4.23 5.06
CA LEU A 3 -8.25 -4.26 3.71
C LEU A 3 -9.09 -5.03 2.71
N ASN A 4 -9.79 -4.29 1.85
CA ASN A 4 -10.62 -4.92 0.82
C ASN A 4 -9.79 -5.20 -0.43
N ILE A 5 -10.27 -6.12 -1.26
CA ILE A 5 -9.56 -6.48 -2.48
C ILE A 5 -10.44 -6.34 -3.72
N THR A 6 -9.81 -6.10 -4.87
CA THR A 6 -10.53 -5.93 -6.12
C THR A 6 -9.62 -6.26 -7.31
N SER A 7 -9.31 -7.54 -7.46
CA SER A 7 -8.45 -7.99 -8.55
C SER A 7 -9.23 -8.10 -9.86
N LYS A 8 -8.58 -7.77 -10.97
CA LYS A 8 -9.21 -7.81 -12.28
C LYS A 8 -9.41 -9.25 -12.79
N GLN A 9 -8.36 -10.07 -12.72
CA GLN A 9 -8.43 -11.45 -13.18
C GLN A 9 -8.37 -12.44 -12.01
N MET A 10 -7.16 -12.81 -11.60
CA MET A 10 -6.99 -13.76 -10.50
C MET A 10 -7.85 -13.37 -9.31
N ASP A 11 -8.90 -14.16 -9.07
CA ASP A 11 -9.81 -13.89 -7.96
C ASP A 11 -9.07 -13.90 -6.63
N ILE A 12 -9.82 -13.75 -5.54
CA ILE A 12 -9.24 -13.74 -4.21
C ILE A 12 -9.42 -15.08 -3.52
N THR A 13 -8.36 -15.54 -2.86
CA THR A 13 -8.40 -16.81 -2.16
C THR A 13 -7.61 -16.70 -0.85
N PRO A 14 -7.53 -17.80 -0.07
CA PRO A 14 -6.81 -17.80 1.21
C PRO A 14 -5.45 -17.10 1.12
N ALA A 15 -4.66 -17.48 0.12
CA ALA A 15 -3.34 -16.89 -0.07
C ALA A 15 -3.43 -15.37 -0.12
N ILE A 16 -3.89 -14.84 -1.27
CA ILE A 16 -4.04 -13.40 -1.43
C ILE A 16 -4.74 -12.79 -0.22
N ARG A 17 -6.00 -13.19 -0.01
CA ARG A 17 -6.79 -12.70 1.13
C ARG A 17 -5.93 -12.59 2.38
N GLU A 18 -5.42 -13.73 2.84
CA GLU A 18 -4.58 -13.79 4.03
C GLU A 18 -3.34 -12.90 3.86
N HIS A 19 -2.77 -12.91 2.66
CA HIS A 19 -1.60 -12.11 2.36
C HIS A 19 -1.92 -10.64 2.57
N LEU A 20 -2.75 -10.10 1.70
CA LEU A 20 -3.17 -8.70 1.80
C LEU A 20 -3.59 -8.37 3.23
N GLU A 21 -4.49 -9.17 3.78
CA GLU A 21 -4.97 -8.98 5.14
C GLU A 21 -3.79 -8.87 6.09
N GLU A 22 -2.93 -9.89 6.09
CA GLU A 22 -1.74 -9.90 6.94
C GLU A 22 -0.95 -8.61 6.73
N ARG A 23 -0.82 -8.21 5.47
CA ARG A 23 -0.10 -6.98 5.14
C ARG A 23 -0.76 -5.80 5.83
N LEU A 24 -2.08 -5.78 5.80
CA LEU A 24 -2.83 -4.71 6.45
C LEU A 24 -2.59 -4.75 7.95
N ALA A 25 -2.71 -5.93 8.53
CA ALA A 25 -2.48 -6.12 9.95
C ALA A 25 -1.07 -5.69 10.32
N LYS A 26 -0.15 -5.83 9.37
CA LYS A 26 1.24 -5.44 9.57
C LYS A 26 1.38 -3.93 9.41
N LEU A 27 0.60 -3.37 8.48
CA LEU A 27 0.64 -1.93 8.23
C LEU A 27 -0.17 -1.17 9.27
N GLY A 28 -0.93 -1.89 10.10
CA GLY A 28 -1.73 -1.26 11.13
C GLY A 28 -0.87 -0.45 12.09
N LYS A 29 0.17 -1.09 12.63
CA LYS A 29 1.08 -0.44 13.57
C LYS A 29 1.99 0.56 12.86
N TRP A 30 1.93 0.59 11.54
CA TRP A 30 2.77 1.48 10.76
C TRP A 30 2.36 2.94 10.92
N GLN A 31 2.56 3.48 12.12
CA GLN A 31 2.24 4.88 12.43
C GLN A 31 1.16 5.45 11.52
N THR A 32 0.03 4.78 11.43
CA THR A 32 -1.05 5.23 10.58
C THR A 32 -2.33 4.43 10.83
N GLN A 33 -3.44 4.96 10.32
CA GLN A 33 -4.73 4.32 10.43
C GLN A 33 -5.30 4.16 9.04
N LEU A 34 -5.02 3.04 8.43
CA LEU A 34 -5.44 2.77 7.07
C LEU A 34 -6.91 3.08 6.87
N ILE A 35 -7.18 4.29 6.40
CA ILE A 35 -8.53 4.74 6.13
C ILE A 35 -9.10 4.04 4.90
N SER A 36 -9.99 3.10 5.11
CA SER A 36 -10.60 2.35 4.01
C SER A 36 -9.53 1.91 3.00
N PRO A 37 -8.96 0.71 3.22
CA PRO A 37 -7.91 0.16 2.39
C PRO A 37 -8.41 -0.82 1.33
N HIS A 38 -7.83 -0.74 0.15
CA HIS A 38 -8.17 -1.63 -0.96
C HIS A 38 -6.92 -2.28 -1.51
N PHE A 39 -7.12 -3.23 -2.40
CA PHE A 39 -6.01 -3.92 -3.03
C PHE A 39 -6.37 -4.40 -4.42
N VAL A 40 -6.03 -3.60 -5.42
CA VAL A 40 -6.31 -3.95 -6.80
C VAL A 40 -5.13 -4.73 -7.39
N LEU A 41 -5.20 -6.05 -7.26
CA LEU A 41 -4.15 -6.92 -7.76
C LEU A 41 -4.49 -7.52 -9.11
N ASN A 42 -3.46 -7.77 -9.91
CA ASN A 42 -3.65 -8.36 -11.23
C ASN A 42 -2.42 -9.18 -11.63
N LYS A 43 -2.59 -9.99 -12.66
CA LYS A 43 -1.51 -10.83 -13.16
C LYS A 43 -1.43 -10.74 -14.68
N VAL A 44 -0.28 -11.11 -15.21
CA VAL A 44 -0.08 -11.12 -16.65
C VAL A 44 1.10 -12.03 -17.03
N PRO A 45 1.10 -12.54 -18.27
CA PRO A 45 2.17 -13.42 -18.74
C PRO A 45 3.56 -12.89 -18.43
N ASN A 46 3.76 -11.60 -18.67
CA ASN A 46 5.05 -10.95 -18.41
C ASN A 46 5.22 -10.57 -16.94
N GLY A 47 4.54 -11.28 -16.04
CA GLY A 47 4.66 -10.98 -14.63
C GLY A 47 3.33 -10.61 -14.01
N PHE A 48 3.34 -10.41 -12.71
CA PHE A 48 2.15 -10.06 -11.96
C PHE A 48 2.15 -8.57 -11.68
N SER A 49 1.00 -7.94 -11.86
CA SER A 49 0.86 -6.52 -11.59
C SER A 49 -0.08 -6.32 -10.42
N VAL A 50 0.41 -5.64 -9.41
CA VAL A 50 -0.38 -5.40 -8.21
C VAL A 50 -0.38 -3.92 -7.85
N GLU A 51 -1.58 -3.37 -7.63
CA GLU A 51 -1.72 -1.97 -7.27
C GLU A 51 -2.55 -1.86 -6.00
N ALA A 52 -2.04 -1.08 -5.05
CA ALA A 52 -2.72 -0.89 -3.77
C ALA A 52 -3.17 0.55 -3.58
N SER A 53 -4.12 0.76 -2.69
CA SER A 53 -4.65 2.08 -2.39
C SER A 53 -5.26 2.12 -0.98
N ILE A 54 -4.57 2.80 -0.07
CA ILE A 54 -5.03 2.91 1.32
C ILE A 54 -4.99 4.35 1.81
N GLY A 55 -6.10 4.80 2.39
CA GLY A 55 -6.16 6.15 2.89
C GLY A 55 -5.46 6.31 4.23
N THR A 56 -5.03 7.51 4.49
CA THR A 56 -4.35 7.83 5.74
C THR A 56 -4.60 9.28 6.14
N PRO A 57 -4.80 9.55 7.44
CA PRO A 57 -5.01 10.93 7.90
C PRO A 57 -3.86 11.84 7.48
N LEU A 58 -2.74 11.22 7.08
CA LEU A 58 -1.57 11.98 6.66
C LEU A 58 -1.51 12.10 5.14
N GLY A 59 -2.25 11.24 4.45
CA GLY A 59 -2.27 11.27 3.00
C GLY A 59 -2.59 9.91 2.38
N ASN A 60 -3.53 9.90 1.43
CA ASN A 60 -3.93 8.68 0.76
C ASN A 60 -2.72 7.91 0.24
N LEU A 61 -2.81 6.59 0.24
CA LEU A 61 -1.72 5.74 -0.22
C LEU A 61 -2.11 5.02 -1.51
N LEU A 62 -1.12 4.89 -2.40
CA LEU A 62 -1.32 4.20 -3.66
C LEU A 62 -0.02 3.51 -4.04
N ALA A 63 -0.14 2.42 -4.78
CA ALA A 63 1.04 1.68 -5.21
C ALA A 63 0.71 0.79 -6.40
N SER A 64 1.74 0.38 -7.12
CA SER A 64 1.57 -0.49 -8.28
C SER A 64 2.92 -1.03 -8.73
N ALA A 65 2.97 -2.33 -8.99
CA ALA A 65 4.22 -2.96 -9.42
C ALA A 65 3.97 -4.23 -10.24
N THR A 66 4.85 -4.45 -11.23
CA THR A 66 4.76 -5.63 -12.09
C THR A 66 6.05 -6.41 -12.03
N SER A 67 5.98 -7.65 -11.57
CA SER A 67 7.17 -8.49 -11.46
C SER A 67 6.87 -9.92 -11.89
N ASP A 68 7.89 -10.77 -11.86
CA ASP A 68 7.72 -12.16 -12.25
C ASP A 68 7.49 -13.02 -11.02
N ASP A 69 6.91 -12.43 -9.97
CA ASP A 69 6.66 -13.16 -8.73
C ASP A 69 5.46 -12.59 -7.97
N MET A 70 4.40 -13.37 -7.91
CA MET A 70 3.17 -13.00 -7.22
C MET A 70 3.42 -12.26 -5.91
N TYR A 71 3.91 -13.00 -4.92
CA TYR A 71 4.16 -12.43 -3.60
C TYR A 71 5.29 -11.43 -3.61
N LYS A 72 6.20 -11.54 -4.59
CA LYS A 72 7.28 -10.58 -4.69
C LYS A 72 6.71 -9.26 -5.21
N ALA A 73 5.73 -9.37 -6.11
CA ALA A 73 5.06 -8.21 -6.65
C ALA A 73 4.36 -7.52 -5.50
N ILE A 74 3.63 -8.34 -4.74
CA ILE A 74 2.96 -7.85 -3.55
C ILE A 74 4.04 -7.35 -2.59
N ASN A 75 5.15 -8.09 -2.61
CA ASN A 75 6.33 -7.78 -1.83
C ASN A 75 6.82 -6.38 -2.18
N GLU A 76 6.79 -6.09 -3.47
CA GLU A 76 7.21 -4.78 -3.98
C GLU A 76 6.18 -3.71 -3.57
N VAL A 77 4.92 -3.95 -3.91
CA VAL A 77 3.85 -3.02 -3.57
C VAL A 77 3.93 -2.62 -2.12
N GLU A 78 3.97 -3.63 -1.24
CA GLU A 78 4.06 -3.38 0.18
C GLU A 78 5.22 -2.45 0.49
N GLU A 79 6.32 -2.62 -0.26
CA GLU A 79 7.48 -1.78 -0.09
C GLU A 79 7.13 -0.36 -0.51
N LYS A 80 6.32 -0.24 -1.55
CA LYS A 80 5.88 1.06 -2.02
C LYS A 80 5.03 1.72 -0.94
N LEU A 81 3.89 1.08 -0.65
CA LEU A 81 2.98 1.57 0.38
C LEU A 81 3.73 1.88 1.68
N GLU A 82 4.62 0.97 2.09
CA GLU A 82 5.39 1.18 3.31
C GLU A 82 6.30 2.39 3.14
N ARG A 83 6.99 2.45 2.00
CA ARG A 83 7.88 3.57 1.72
C ARG A 83 7.11 4.89 1.83
N GLN A 84 5.96 4.95 1.16
CA GLN A 84 5.13 6.15 1.21
C GLN A 84 4.73 6.40 2.66
N LEU A 85 4.34 5.33 3.35
CA LEU A 85 3.96 5.42 4.76
C LEU A 85 5.05 6.15 5.52
N ASN A 86 6.28 5.64 5.40
CA ASN A 86 7.43 6.24 6.04
C ASN A 86 7.55 7.69 5.59
N LYS A 87 7.15 7.94 4.35
CA LYS A 87 7.17 9.30 3.81
C LYS A 87 6.18 10.17 4.58
N LEU A 88 4.94 9.69 4.68
CA LEU A 88 3.91 10.41 5.39
C LEU A 88 4.38 10.75 6.79
N GLN A 89 4.77 9.71 7.52
CA GLN A 89 5.26 9.88 8.88
C GLN A 89 6.52 10.74 8.91
N HIS A 90 7.24 10.76 7.78
CA HIS A 90 8.46 11.56 7.66
C HIS A 90 8.12 13.02 7.38
N LYS A 91 7.62 13.27 6.16
CA LYS A 91 7.25 14.61 5.73
C LYS A 91 8.23 15.66 6.23
N SER A 92 9.50 15.29 6.32
CA SER A 92 10.55 16.19 6.78
C SER A 92 11.90 15.51 6.78
N GLU A 93 12.06 14.52 7.66
CA GLU A 93 13.31 13.76 7.76
C GLU A 93 14.47 14.70 8.06
N SER A 94 15.70 14.20 7.90
CA SER A 94 16.90 14.98 8.15
C SER A 94 18.15 14.16 7.88
N ARG A 95 19.13 14.78 7.22
CA ARG A 95 20.38 14.11 6.90
C ARG A 95 21.38 15.07 6.29
N ARG A 96 22.64 14.95 6.70
CA ARG A 96 23.70 15.82 6.20
C ARG A 96 23.40 17.28 6.51
N ALA A 97 24.12 17.83 7.49
CA ALA A 97 23.93 19.22 7.89
C ALA A 97 25.27 19.91 8.13
N ASP A 98 25.88 20.40 7.07
CA ASP A 98 27.16 21.08 7.17
C ASP A 98 26.99 22.59 7.09
N GLU A 99 28.10 23.32 7.20
CA GLU A 99 28.06 24.78 7.16
C GLU A 99 28.81 25.30 5.93
N ARG A 100 30.06 24.86 5.79
CA ARG A 100 30.89 25.29 4.66
C ARG A 100 32.27 24.64 4.73
N LEU A 101 32.79 24.23 3.58
CA LEU A 101 34.10 23.59 3.51
C LEU A 101 34.14 22.33 4.38
N LYS A 102 35.32 21.73 4.46
CA LYS A 102 35.50 20.52 5.26
C LYS A 102 36.72 20.64 6.17
N ASP A 103 36.49 21.14 7.38
CA ASP A 103 37.58 21.31 8.34
C ASP A 103 37.33 20.45 9.58
N SER A 104 38.42 20.05 10.24
CA SER A 104 38.33 19.23 11.44
C SER A 104 38.56 20.06 12.69
N PHE A 105 37.47 20.51 13.30
CA PHE A 105 37.55 21.32 14.52
C PHE A 105 37.22 20.48 15.76
N GLU A 106 36.11 19.75 15.70
CA GLU A 106 35.68 18.91 16.80
C GLU A 106 35.27 17.53 16.32
N ASN A 107 34.92 16.65 17.26
CA ASN A 107 34.51 15.29 16.92
C ASN A 107 32.99 15.18 16.90
N MET A 1 -9.75 -1.20 10.22
CA MET A 1 -10.17 -0.57 8.94
C MET A 1 -10.55 -1.62 7.90
N THR A 2 -10.00 -2.82 8.05
CA THR A 2 -10.28 -3.91 7.13
C THR A 2 -9.79 -3.58 5.72
N LEU A 3 -8.88 -4.40 5.20
CA LEU A 3 -8.34 -4.20 3.86
C LEU A 3 -9.24 -4.82 2.80
N ASN A 4 -9.56 -4.04 1.77
CA ASN A 4 -10.42 -4.52 0.70
C ASN A 4 -9.60 -4.88 -0.54
N ILE A 5 -10.14 -5.78 -1.35
CA ILE A 5 -9.48 -6.21 -2.56
C ILE A 5 -10.42 -6.15 -3.76
N THR A 6 -9.86 -6.19 -4.96
CA THR A 6 -10.68 -6.13 -6.18
C THR A 6 -10.15 -7.09 -7.25
N SER A 7 -8.94 -6.83 -7.74
CA SER A 7 -8.33 -7.65 -8.79
C SER A 7 -9.25 -7.75 -10.00
N LYS A 8 -8.88 -7.04 -11.07
CA LYS A 8 -9.68 -7.02 -12.30
C LYS A 8 -9.83 -8.40 -12.91
N GLN A 9 -8.78 -9.22 -12.85
CA GLN A 9 -8.82 -10.56 -13.42
C GLN A 9 -8.81 -11.64 -12.32
N MET A 10 -7.64 -12.23 -12.06
CA MET A 10 -7.51 -13.26 -11.04
C MET A 10 -8.25 -12.87 -9.77
N ASP A 11 -9.37 -13.56 -9.51
CA ASP A 11 -10.18 -13.27 -8.33
C ASP A 11 -9.36 -13.42 -7.06
N ILE A 12 -10.04 -13.27 -5.92
CA ILE A 12 -9.38 -13.40 -4.62
C ILE A 12 -9.58 -14.79 -4.05
N THR A 13 -8.61 -15.24 -3.26
CA THR A 13 -8.66 -16.55 -2.64
C THR A 13 -7.95 -16.51 -1.29
N PRO A 14 -8.00 -17.61 -0.51
CA PRO A 14 -7.36 -17.67 0.80
C PRO A 14 -5.98 -17.00 0.84
N ALA A 15 -5.07 -17.45 -0.02
CA ALA A 15 -3.72 -16.90 -0.07
C ALA A 15 -3.75 -15.37 -0.08
N ILE A 16 -3.93 -14.78 -1.26
CA ILE A 16 -3.98 -13.32 -1.38
C ILE A 16 -4.80 -12.71 -0.25
N ARG A 17 -6.07 -13.07 -0.18
CA ARG A 17 -6.96 -12.56 0.87
C ARG A 17 -6.21 -12.49 2.21
N GLU A 18 -5.67 -13.63 2.63
CA GLU A 18 -4.90 -13.71 3.87
C GLU A 18 -3.65 -12.85 3.77
N HIS A 19 -3.01 -12.87 2.61
CA HIS A 19 -1.81 -12.09 2.38
C HIS A 19 -2.13 -10.61 2.52
N LEU A 20 -2.93 -10.10 1.58
CA LEU A 20 -3.35 -8.70 1.59
C LEU A 20 -3.82 -8.30 2.99
N GLU A 21 -4.74 -9.08 3.56
CA GLU A 21 -5.24 -8.81 4.90
C GLU A 21 -4.07 -8.78 5.88
N GLU A 22 -3.27 -9.83 5.87
CA GLU A 22 -2.10 -9.93 6.75
C GLU A 22 -1.22 -8.69 6.56
N ARG A 23 -1.04 -8.27 5.31
CA ARG A 23 -0.24 -7.11 5.01
C ARG A 23 -0.82 -5.88 5.69
N LEU A 24 -2.15 -5.73 5.61
CA LEU A 24 -2.83 -4.62 6.25
C LEU A 24 -2.65 -4.70 7.76
N ALA A 25 -2.99 -5.86 8.33
CA ALA A 25 -2.85 -6.07 9.76
C ALA A 25 -1.41 -5.80 10.20
N LYS A 26 -0.47 -6.09 9.31
CA LYS A 26 0.94 -5.86 9.59
C LYS A 26 1.25 -4.37 9.49
N LEU A 27 0.62 -3.71 8.53
CA LEU A 27 0.84 -2.27 8.35
C LEU A 27 0.07 -1.47 9.40
N GLY A 28 -0.81 -2.14 10.14
CA GLY A 28 -1.57 -1.46 11.17
C GLY A 28 -0.68 -0.87 12.25
N LYS A 29 0.40 -1.59 12.57
CA LYS A 29 1.34 -1.13 13.58
C LYS A 29 1.91 0.24 13.22
N TRP A 30 1.94 0.53 11.92
CA TRP A 30 2.45 1.80 11.44
C TRP A 30 1.54 2.94 11.81
N GLN A 31 1.94 3.71 12.84
CA GLN A 31 1.16 4.85 13.34
C GLN A 31 0.35 5.53 12.24
N THR A 32 -0.68 4.84 11.78
CA THR A 32 -1.54 5.36 10.73
C THR A 32 -2.93 4.74 10.85
N GLN A 33 -3.90 5.34 10.17
CA GLN A 33 -5.26 4.85 10.18
C GLN A 33 -5.75 4.74 8.75
N LEU A 34 -5.62 3.55 8.19
CA LEU A 34 -6.02 3.31 6.82
C LEU A 34 -7.45 3.78 6.56
N ILE A 35 -7.57 5.02 6.11
CA ILE A 35 -8.86 5.62 5.81
C ILE A 35 -9.63 4.78 4.78
N SER A 36 -8.90 4.17 3.86
CA SER A 36 -9.50 3.34 2.83
C SER A 36 -8.46 2.47 2.16
N PRO A 37 -8.22 1.29 2.72
CA PRO A 37 -7.23 0.33 2.23
C PRO A 37 -7.78 -0.64 1.19
N HIS A 38 -7.26 -0.55 -0.02
CA HIS A 38 -7.67 -1.44 -1.10
C HIS A 38 -6.46 -2.15 -1.67
N PHE A 39 -6.73 -3.11 -2.54
CA PHE A 39 -5.66 -3.86 -3.18
C PHE A 39 -6.06 -4.36 -4.56
N VAL A 40 -5.67 -3.61 -5.58
CA VAL A 40 -5.96 -3.98 -6.95
C VAL A 40 -4.85 -4.85 -7.51
N LEU A 41 -5.00 -6.16 -7.33
CA LEU A 41 -4.02 -7.13 -7.78
C LEU A 41 -4.40 -7.78 -9.11
N ASN A 42 -3.39 -8.01 -9.94
CA ASN A 42 -3.64 -8.65 -11.24
C ASN A 42 -2.45 -9.47 -11.71
N LYS A 43 -2.69 -10.26 -12.74
CA LYS A 43 -1.65 -11.11 -13.32
C LYS A 43 -1.49 -10.79 -14.80
N VAL A 44 -0.42 -11.30 -15.38
CA VAL A 44 -0.16 -11.10 -16.78
C VAL A 44 0.93 -12.04 -17.28
N PRO A 45 0.99 -12.30 -18.60
CA PRO A 45 1.98 -13.19 -19.20
C PRO A 45 3.42 -12.84 -18.78
N ASN A 46 3.71 -11.55 -18.75
CA ASN A 46 5.04 -11.08 -18.37
C ASN A 46 5.24 -11.07 -16.85
N GLY A 47 4.23 -11.52 -16.11
CA GLY A 47 4.34 -11.54 -14.68
C GLY A 47 3.03 -11.17 -14.01
N PHE A 48 3.12 -10.80 -12.76
CA PHE A 48 1.96 -10.40 -11.98
C PHE A 48 1.96 -8.90 -11.76
N SER A 49 0.91 -8.23 -12.20
CA SER A 49 0.78 -6.80 -12.01
C SER A 49 -0.11 -6.56 -10.81
N VAL A 50 0.43 -5.88 -9.83
CA VAL A 50 -0.28 -5.61 -8.60
C VAL A 50 -0.22 -4.14 -8.22
N GLU A 51 -1.29 -3.65 -7.60
CA GLU A 51 -1.36 -2.25 -7.17
C GLU A 51 -2.23 -2.12 -5.93
N ALA A 52 -1.75 -1.37 -4.95
CA ALA A 52 -2.48 -1.16 -3.71
C ALA A 52 -2.84 0.31 -3.53
N SER A 53 -3.86 0.56 -2.72
CA SER A 53 -4.31 1.93 -2.47
C SER A 53 -4.92 2.06 -1.07
N ILE A 54 -4.19 2.73 -0.18
CA ILE A 54 -4.65 2.94 1.19
C ILE A 54 -4.68 4.42 1.53
N GLY A 55 -5.70 4.85 2.26
CA GLY A 55 -5.81 6.24 2.64
C GLY A 55 -5.26 6.49 4.02
N THR A 56 -4.67 7.65 4.18
CA THR A 56 -4.09 8.05 5.45
C THR A 56 -4.39 9.52 5.75
N PRO A 57 -4.78 9.86 6.99
CA PRO A 57 -5.04 11.25 7.35
C PRO A 57 -3.86 12.16 6.98
N LEU A 58 -2.68 11.55 6.82
CA LEU A 58 -1.48 12.30 6.48
C LEU A 58 -1.32 12.40 4.96
N GLY A 59 -2.07 11.58 4.24
CA GLY A 59 -2.02 11.59 2.78
C GLY A 59 -2.29 10.22 2.19
N ASN A 60 -3.17 10.17 1.20
CA ASN A 60 -3.53 8.92 0.55
C ASN A 60 -2.27 8.11 0.21
N LEU A 61 -2.46 6.84 -0.14
CA LEU A 61 -1.34 5.98 -0.49
C LEU A 61 -1.70 5.04 -1.62
N LEU A 62 -0.74 4.84 -2.51
CA LEU A 62 -0.91 3.96 -3.66
C LEU A 62 0.40 3.25 -3.96
N ALA A 63 0.31 2.08 -4.57
CA ALA A 63 1.48 1.31 -4.93
C ALA A 63 1.18 0.42 -6.12
N SER A 64 2.23 0.02 -6.84
CA SER A 64 2.06 -0.84 -8.01
C SER A 64 3.37 -1.49 -8.42
N ALA A 65 3.32 -2.78 -8.72
CA ALA A 65 4.50 -3.53 -9.13
C ALA A 65 4.14 -4.69 -10.04
N THR A 66 5.00 -4.96 -11.01
CA THR A 66 4.78 -6.05 -11.96
C THR A 66 5.98 -7.00 -11.95
N SER A 67 5.75 -8.25 -11.55
CA SER A 67 6.82 -9.23 -11.51
C SER A 67 6.28 -10.64 -11.62
N ASP A 68 7.11 -11.56 -12.12
CA ASP A 68 6.72 -12.95 -12.25
C ASP A 68 6.59 -13.63 -10.89
N ASP A 69 6.93 -12.89 -9.83
CA ASP A 69 6.85 -13.43 -8.48
C ASP A 69 5.74 -12.75 -7.68
N MET A 70 4.58 -13.39 -7.67
CA MET A 70 3.39 -12.91 -6.98
C MET A 70 3.69 -12.26 -5.62
N TYR A 71 4.09 -13.07 -4.65
CA TYR A 71 4.34 -12.58 -3.30
C TYR A 71 5.48 -11.58 -3.27
N LYS A 72 6.40 -11.67 -4.22
CA LYS A 72 7.49 -10.71 -4.28
C LYS A 72 6.94 -9.39 -4.81
N ALA A 73 6.00 -9.49 -5.76
CA ALA A 73 5.34 -8.32 -6.31
C ALA A 73 4.63 -7.62 -5.17
N ILE A 74 3.92 -8.43 -4.39
CA ILE A 74 3.24 -7.94 -3.21
C ILE A 74 4.30 -7.48 -2.23
N ASN A 75 5.41 -8.22 -2.22
CA ASN A 75 6.56 -7.92 -1.42
C ASN A 75 7.06 -6.52 -1.76
N GLU A 76 7.00 -6.21 -3.06
CA GLU A 76 7.40 -4.90 -3.56
C GLU A 76 6.38 -3.84 -3.16
N VAL A 77 5.11 -4.08 -3.53
CA VAL A 77 4.03 -3.16 -3.19
C VAL A 77 4.11 -2.75 -1.73
N GLU A 78 4.15 -3.76 -0.86
CA GLU A 78 4.23 -3.51 0.56
C GLU A 78 5.41 -2.60 0.87
N GLU A 79 6.48 -2.77 0.11
CA GLU A 79 7.67 -1.95 0.30
C GLU A 79 7.39 -0.51 -0.13
N LYS A 80 6.71 -0.36 -1.26
CA LYS A 80 6.37 0.96 -1.77
C LYS A 80 5.37 1.62 -0.82
N LEU A 81 4.33 0.87 -0.48
CA LEU A 81 3.30 1.36 0.43
C LEU A 81 3.91 1.72 1.78
N GLU A 82 4.78 0.84 2.30
CA GLU A 82 5.44 1.10 3.57
C GLU A 82 6.35 2.31 3.44
N ARG A 83 7.17 2.31 2.39
CA ARG A 83 8.08 3.41 2.13
C ARG A 83 7.31 4.73 2.14
N GLN A 84 6.21 4.75 1.40
CA GLN A 84 5.36 5.94 1.35
C GLN A 84 4.84 6.25 2.74
N LEU A 85 4.45 5.21 3.48
CA LEU A 85 3.98 5.37 4.84
C LEU A 85 5.03 6.12 5.64
N ASN A 86 6.27 5.62 5.55
CA ASN A 86 7.39 6.24 6.22
C ASN A 86 7.54 7.68 5.73
N LYS A 87 7.23 7.89 4.45
CA LYS A 87 7.29 9.22 3.88
C LYS A 87 6.34 10.14 4.63
N LEU A 88 5.10 9.69 4.78
CA LEU A 88 4.11 10.47 5.50
C LEU A 88 4.59 10.72 6.92
N GLN A 89 4.80 9.62 7.64
CA GLN A 89 5.27 9.70 9.02
C GLN A 89 6.55 10.54 9.09
N HIS A 90 7.27 10.60 7.98
CA HIS A 90 8.52 11.37 7.89
C HIS A 90 8.23 12.84 7.69
N LYS A 91 7.58 13.14 6.57
CA LYS A 91 7.22 14.49 6.18
C LYS A 91 8.40 15.46 6.32
N SER A 92 8.97 15.81 5.17
CA SER A 92 10.12 16.73 5.14
C SER A 92 9.74 18.01 4.41
N GLU A 93 10.76 18.80 4.04
CA GLU A 93 10.53 20.06 3.34
C GLU A 93 10.02 19.80 1.92
N SER A 94 10.86 19.20 1.09
CA SER A 94 10.48 18.90 -0.30
C SER A 94 9.41 17.82 -0.35
N ARG A 95 8.88 17.59 -1.54
CA ARG A 95 7.84 16.58 -1.74
C ARG A 95 7.61 16.31 -3.22
N ARG A 96 7.79 15.06 -3.62
CA ARG A 96 7.60 14.67 -5.01
C ARG A 96 7.70 13.15 -5.16
N ALA A 97 7.00 12.62 -6.17
CA ALA A 97 7.02 11.19 -6.43
C ALA A 97 6.53 10.88 -7.85
N ASP A 98 7.36 10.18 -8.61
CA ASP A 98 7.02 9.82 -9.98
C ASP A 98 7.16 8.31 -10.20
N GLU A 99 6.47 7.80 -11.21
CA GLU A 99 6.52 6.38 -11.53
C GLU A 99 6.60 6.15 -13.04
N ARG A 100 7.34 5.14 -13.45
CA ARG A 100 7.49 4.82 -14.86
C ARG A 100 6.29 4.06 -15.38
N LEU A 101 6.26 3.82 -16.69
CA LEU A 101 5.16 3.10 -17.32
C LEU A 101 5.64 1.81 -17.95
N LYS A 102 4.73 1.10 -18.61
CA LYS A 102 5.07 -0.15 -19.27
C LYS A 102 5.42 0.08 -20.74
N ASP A 103 6.27 -0.80 -21.28
CA ASP A 103 6.68 -0.69 -22.68
C ASP A 103 7.39 0.64 -22.93
N SER A 104 8.67 0.70 -22.59
CA SER A 104 9.46 1.91 -22.79
C SER A 104 10.61 1.67 -23.75
N PHE A 105 11.38 2.71 -24.02
CA PHE A 105 12.51 2.61 -24.93
C PHE A 105 13.76 2.12 -24.20
N GLU A 106 13.87 2.46 -22.92
CA GLU A 106 15.01 2.06 -22.12
C GLU A 106 14.63 0.92 -21.18
N ASN A 107 15.53 -0.04 -21.03
CA ASN A 107 15.29 -1.19 -20.16
C ASN A 107 14.08 -1.98 -20.63
N MET A 1 -9.91 -0.95 10.37
CA MET A 1 -9.48 -0.70 8.97
C MET A 1 -9.39 -2.00 8.18
N THR A 2 -10.53 -2.49 7.72
CA THR A 2 -10.58 -3.73 6.95
C THR A 2 -10.01 -3.51 5.55
N LEU A 3 -8.99 -4.29 5.20
CA LEU A 3 -8.36 -4.18 3.90
C LEU A 3 -9.19 -4.88 2.83
N ASN A 4 -9.79 -4.10 1.95
CA ASN A 4 -10.61 -4.66 0.87
C ASN A 4 -9.74 -5.01 -0.34
N ILE A 5 -10.27 -5.85 -1.21
CA ILE A 5 -9.54 -6.27 -2.40
C ILE A 5 -10.43 -6.34 -3.63
N THR A 6 -9.82 -6.26 -4.80
CA THR A 6 -10.56 -6.31 -6.06
C THR A 6 -9.62 -6.63 -7.22
N SER A 7 -9.52 -7.91 -7.55
CA SER A 7 -8.66 -8.35 -8.65
C SER A 7 -9.47 -8.46 -9.94
N LYS A 8 -8.99 -7.79 -10.99
CA LYS A 8 -9.68 -7.80 -12.28
C LYS A 8 -9.80 -9.21 -12.87
N GLN A 9 -8.84 -10.08 -12.56
CA GLN A 9 -8.86 -11.44 -13.08
C GLN A 9 -8.73 -12.47 -11.96
N MET A 10 -7.49 -12.86 -11.63
CA MET A 10 -7.26 -13.85 -10.58
C MET A 10 -8.07 -13.52 -9.34
N ASP A 11 -9.11 -14.31 -9.09
CA ASP A 11 -9.96 -14.09 -7.93
C ASP A 11 -9.17 -14.09 -6.63
N ILE A 12 -9.88 -13.91 -5.52
CA ILE A 12 -9.23 -13.90 -4.20
C ILE A 12 -9.38 -15.25 -3.52
N THR A 13 -8.28 -15.72 -2.93
CA THR A 13 -8.27 -17.00 -2.23
C THR A 13 -7.45 -16.89 -0.95
N PRO A 14 -7.46 -17.94 -0.11
CA PRO A 14 -6.72 -17.96 1.16
C PRO A 14 -5.35 -17.28 1.07
N ALA A 15 -4.61 -17.58 0.01
CA ALA A 15 -3.28 -17.01 -0.17
C ALA A 15 -3.33 -15.48 -0.13
N ILE A 16 -3.69 -14.87 -1.26
CA ILE A 16 -3.79 -13.41 -1.33
C ILE A 16 -4.58 -12.87 -0.14
N ARG A 17 -5.83 -13.34 0.01
CA ARG A 17 -6.66 -12.90 1.12
C ARG A 17 -5.82 -12.76 2.39
N GLU A 18 -5.28 -13.89 2.81
CA GLU A 18 -4.42 -13.94 4.00
C GLU A 18 -3.22 -13.01 3.84
N HIS A 19 -2.64 -12.99 2.64
CA HIS A 19 -1.50 -12.14 2.35
C HIS A 19 -1.92 -10.69 2.50
N LEU A 20 -2.74 -10.23 1.55
CA LEU A 20 -3.27 -8.87 1.55
C LEU A 20 -3.68 -8.46 2.96
N GLU A 21 -4.50 -9.29 3.60
CA GLU A 21 -4.94 -9.04 4.96
C GLU A 21 -3.73 -8.95 5.88
N GLU A 22 -2.89 -9.97 5.81
CA GLU A 22 -1.67 -10.00 6.62
C GLU A 22 -0.87 -8.71 6.42
N ARG A 23 -0.81 -8.25 5.17
CA ARG A 23 -0.11 -7.03 4.86
C ARG A 23 -0.73 -5.88 5.63
N LEU A 24 -2.06 -5.82 5.65
CA LEU A 24 -2.77 -4.78 6.39
C LEU A 24 -2.44 -4.91 7.87
N ALA A 25 -2.56 -6.14 8.38
CA ALA A 25 -2.25 -6.41 9.79
C ALA A 25 -0.82 -6.03 10.09
N LYS A 26 0.07 -6.26 9.12
CA LYS A 26 1.47 -5.93 9.28
C LYS A 26 1.65 -4.41 9.31
N LEU A 27 0.89 -3.72 8.46
CA LEU A 27 0.94 -2.28 8.41
C LEU A 27 0.15 -1.66 9.56
N GLY A 28 -0.58 -2.50 10.28
CA GLY A 28 -1.36 -2.01 11.41
C GLY A 28 -0.47 -1.42 12.50
N LYS A 29 0.72 -1.98 12.64
CA LYS A 29 1.67 -1.52 13.66
C LYS A 29 2.36 -0.22 13.21
N TRP A 30 2.16 0.15 11.95
CA TRP A 30 2.75 1.37 11.42
C TRP A 30 1.94 2.60 11.83
N GLN A 31 2.38 3.25 12.93
CA GLN A 31 1.71 4.44 13.46
C GLN A 31 0.91 5.20 12.40
N THR A 32 -0.26 4.67 12.07
CA THR A 32 -1.12 5.26 11.08
C THR A 32 -2.53 4.67 11.17
N GLN A 33 -3.48 5.31 10.52
CA GLN A 33 -4.86 4.83 10.52
C GLN A 33 -5.31 4.68 9.09
N LEU A 34 -5.18 3.49 8.58
CA LEU A 34 -5.53 3.20 7.21
C LEU A 34 -6.98 3.58 6.89
N ILE A 35 -7.15 4.77 6.35
CA ILE A 35 -8.47 5.26 5.98
C ILE A 35 -8.99 4.52 4.75
N SER A 36 -9.78 3.48 5.00
CA SER A 36 -10.34 2.68 3.91
C SER A 36 -9.23 2.12 3.03
N PRO A 37 -8.80 0.88 3.32
CA PRO A 37 -7.74 0.21 2.60
C PRO A 37 -8.24 -0.73 1.50
N HIS A 38 -7.54 -0.73 0.37
CA HIS A 38 -7.89 -1.58 -0.76
C HIS A 38 -6.65 -2.24 -1.33
N PHE A 39 -6.88 -3.20 -2.22
CA PHE A 39 -5.79 -3.90 -2.87
C PHE A 39 -6.20 -4.38 -4.26
N VAL A 40 -5.82 -3.64 -5.29
CA VAL A 40 -6.13 -4.01 -6.66
C VAL A 40 -5.02 -4.89 -7.21
N LEU A 41 -5.28 -6.19 -7.27
CA LEU A 41 -4.29 -7.15 -7.75
C LEU A 41 -4.67 -7.74 -9.10
N ASN A 42 -3.65 -7.99 -9.93
CA ASN A 42 -3.88 -8.58 -11.24
C ASN A 42 -2.67 -9.40 -11.70
N LYS A 43 -2.89 -10.17 -12.76
CA LYS A 43 -1.83 -11.01 -13.34
C LYS A 43 -1.70 -10.74 -14.84
N VAL A 44 -0.63 -11.25 -15.41
CA VAL A 44 -0.39 -11.13 -16.83
C VAL A 44 0.65 -12.14 -17.30
N PRO A 45 0.66 -12.44 -18.61
CA PRO A 45 1.60 -13.42 -19.18
C PRO A 45 3.04 -13.14 -18.77
N ASN A 46 3.43 -11.87 -18.80
CA ASN A 46 4.79 -11.47 -18.45
C ASN A 46 5.00 -11.37 -16.94
N GLY A 47 3.99 -11.75 -16.15
CA GLY A 47 4.12 -11.67 -14.71
C GLY A 47 2.81 -11.33 -14.03
N PHE A 48 2.93 -10.73 -12.88
CA PHE A 48 1.78 -10.33 -12.08
C PHE A 48 1.78 -8.83 -11.86
N SER A 49 0.67 -8.18 -12.22
CA SER A 49 0.54 -6.76 -12.01
C SER A 49 -0.32 -6.52 -10.80
N VAL A 50 0.25 -5.84 -9.84
CA VAL A 50 -0.44 -5.57 -8.58
C VAL A 50 -0.42 -4.09 -8.24
N GLU A 51 -1.47 -3.64 -7.57
CA GLU A 51 -1.59 -2.25 -7.16
C GLU A 51 -2.42 -2.12 -5.89
N ALA A 52 -1.86 -1.44 -4.90
CA ALA A 52 -2.54 -1.24 -3.63
C ALA A 52 -2.98 0.20 -3.45
N SER A 53 -4.03 0.41 -2.66
CA SER A 53 -4.55 1.75 -2.43
C SER A 53 -5.18 1.87 -1.04
N ILE A 54 -4.46 2.54 -0.14
CA ILE A 54 -4.94 2.76 1.22
C ILE A 54 -5.06 4.26 1.49
N GLY A 55 -5.53 4.63 2.68
CA GLY A 55 -5.67 6.03 3.01
C GLY A 55 -5.07 6.37 4.35
N THR A 56 -4.63 7.60 4.48
CA THR A 56 -4.03 8.08 5.71
C THR A 56 -4.33 9.56 5.93
N PRO A 57 -4.62 9.97 7.17
CA PRO A 57 -4.89 11.39 7.45
C PRO A 57 -3.78 12.29 6.93
N LEU A 58 -2.61 11.69 6.62
CA LEU A 58 -1.48 12.47 6.13
C LEU A 58 -1.42 12.43 4.61
N GLY A 59 -2.00 11.39 4.02
CA GLY A 59 -2.00 11.27 2.57
C GLY A 59 -2.40 9.89 2.11
N ASN A 60 -3.23 9.83 1.06
CA ASN A 60 -3.69 8.57 0.51
C ASN A 60 -2.52 7.70 0.07
N LEU A 61 -2.60 6.41 0.37
CA LEU A 61 -1.56 5.47 0.00
C LEU A 61 -1.92 4.73 -1.28
N LEU A 62 -0.93 4.59 -2.17
CA LEU A 62 -1.13 3.88 -3.42
C LEU A 62 0.19 3.28 -3.88
N ALA A 63 0.09 2.14 -4.53
CA ALA A 63 1.27 1.44 -5.02
C ALA A 63 0.91 0.54 -6.19
N SER A 64 1.92 0.15 -6.96
CA SER A 64 1.70 -0.73 -8.11
C SER A 64 3.02 -1.32 -8.61
N ALA A 65 3.02 -2.62 -8.83
CA ALA A 65 4.23 -3.30 -9.30
C ALA A 65 3.88 -4.48 -10.20
N THR A 66 4.72 -4.72 -11.20
CA THR A 66 4.53 -5.82 -12.13
C THR A 66 5.76 -6.72 -12.15
N SER A 67 5.57 -8.01 -11.85
CA SER A 67 6.69 -8.94 -11.83
C SER A 67 6.21 -10.38 -11.91
N ASP A 68 7.10 -11.28 -12.30
CA ASP A 68 6.77 -12.69 -12.40
C ASP A 68 6.72 -13.33 -11.02
N ASP A 69 6.97 -12.53 -9.99
CA ASP A 69 6.96 -13.03 -8.61
C ASP A 69 5.82 -12.40 -7.81
N MET A 70 4.69 -13.09 -7.80
CA MET A 70 3.49 -12.64 -7.09
C MET A 70 3.80 -11.97 -5.75
N TYR A 71 4.20 -12.78 -4.79
CA TYR A 71 4.49 -12.29 -3.45
C TYR A 71 5.62 -11.28 -3.45
N LYS A 72 6.43 -11.27 -4.51
CA LYS A 72 7.49 -10.30 -4.62
C LYS A 72 6.88 -8.98 -5.10
N ALA A 73 5.91 -9.10 -6.02
CA ALA A 73 5.20 -7.93 -6.51
C ALA A 73 4.51 -7.28 -5.32
N ILE A 74 3.87 -8.15 -4.53
CA ILE A 74 3.23 -7.72 -3.30
C ILE A 74 4.32 -7.24 -2.36
N ASN A 75 5.46 -7.94 -2.43
CA ASN A 75 6.63 -7.60 -1.67
C ASN A 75 7.05 -6.18 -1.99
N GLU A 76 6.91 -5.83 -3.27
CA GLU A 76 7.24 -4.50 -3.76
C GLU A 76 6.19 -3.50 -3.30
N VAL A 77 4.92 -3.78 -3.62
CA VAL A 77 3.82 -2.90 -3.21
C VAL A 77 3.93 -2.54 -1.75
N GLU A 78 4.08 -3.55 -0.90
CA GLU A 78 4.21 -3.33 0.52
C GLU A 78 5.35 -2.36 0.80
N GLU A 79 6.38 -2.43 -0.04
CA GLU A 79 7.53 -1.54 0.10
C GLU A 79 7.15 -0.13 -0.29
N LYS A 80 6.41 0.00 -1.39
CA LYS A 80 5.97 1.31 -1.84
C LYS A 80 4.97 1.90 -0.84
N LEU A 81 4.00 1.08 -0.45
CA LEU A 81 2.99 1.49 0.51
C LEU A 81 3.64 1.85 1.84
N GLU A 82 4.59 1.01 2.29
CA GLU A 82 5.28 1.26 3.54
C GLU A 82 6.14 2.52 3.41
N ARG A 83 7.00 2.54 2.40
CA ARG A 83 7.84 3.69 2.14
C ARG A 83 7.00 4.96 2.14
N GLN A 84 5.85 4.89 1.48
CA GLN A 84 4.93 6.02 1.44
C GLN A 84 4.45 6.32 2.85
N LEU A 85 4.16 5.25 3.61
CA LEU A 85 3.72 5.41 4.99
C LEU A 85 4.75 6.23 5.75
N ASN A 86 6.00 5.80 5.65
CA ASN A 86 7.11 6.49 6.30
C ASN A 86 7.18 7.92 5.80
N LYS A 87 6.94 8.10 4.50
CA LYS A 87 6.95 9.43 3.91
C LYS A 87 5.91 10.31 4.59
N LEU A 88 4.67 9.80 4.64
CA LEU A 88 3.60 10.53 5.29
C LEU A 88 4.01 10.90 6.71
N GLN A 89 4.51 9.90 7.43
CA GLN A 89 4.96 10.11 8.80
C GLN A 89 6.16 11.06 8.82
N HIS A 90 6.93 11.04 7.73
CA HIS A 90 8.11 11.90 7.61
C HIS A 90 7.70 13.34 7.37
N LYS A 91 6.87 13.55 6.36
CA LYS A 91 6.40 14.89 6.00
C LYS A 91 5.83 15.60 7.23
N SER A 92 4.60 15.24 7.58
CA SER A 92 3.92 15.85 8.73
C SER A 92 3.82 17.36 8.57
N GLU A 93 3.20 18.02 9.54
CA GLU A 93 3.04 19.47 9.50
C GLU A 93 2.40 19.98 10.80
N SER A 94 1.14 19.60 11.02
CA SER A 94 0.43 20.01 12.21
C SER A 94 -0.92 19.29 12.32
N ARG A 95 -1.25 18.84 13.53
CA ARG A 95 -2.49 18.13 13.77
C ARG A 95 -3.70 19.00 13.42
N ARG A 96 -3.84 20.11 14.13
CA ARG A 96 -4.94 21.04 13.89
C ARG A 96 -6.29 20.37 14.16
N ALA A 97 -7.26 21.14 14.62
CA ALA A 97 -8.58 20.61 14.92
C ALA A 97 -9.67 21.40 14.18
N ASP A 98 -9.48 22.71 14.07
CA ASP A 98 -10.46 23.56 13.39
C ASP A 98 -10.41 23.35 11.88
N GLU A 99 -9.31 23.75 11.26
CA GLU A 99 -9.14 23.60 9.81
C GLU A 99 -7.82 24.20 9.35
N ARG A 100 -7.47 23.96 8.09
CA ARG A 100 -6.24 24.47 7.52
C ARG A 100 -6.52 25.49 6.43
N LEU A 101 -7.63 26.21 6.56
CA LEU A 101 -8.02 27.21 5.59
C LEU A 101 -8.25 26.60 4.21
N LYS A 102 -9.48 26.67 3.73
CA LYS A 102 -9.83 26.11 2.43
C LYS A 102 -11.06 26.79 1.85
N ASP A 103 -10.95 27.25 0.62
CA ASP A 103 -12.06 27.93 -0.06
C ASP A 103 -12.43 27.21 -1.34
N SER A 104 -12.26 25.90 -1.36
CA SER A 104 -12.58 25.08 -2.53
C SER A 104 -11.74 25.51 -3.73
N PHE A 105 -11.51 24.57 -4.64
CA PHE A 105 -10.73 24.85 -5.84
C PHE A 105 -10.95 23.77 -6.90
N GLU A 106 -11.15 24.20 -8.14
CA GLU A 106 -11.37 23.28 -9.25
C GLU A 106 -10.04 22.74 -9.78
N ASN A 107 -9.00 23.55 -9.70
CA ASN A 107 -7.67 23.15 -10.17
C ASN A 107 -6.58 23.85 -9.36
N MET A 1 -9.90 -0.92 9.82
CA MET A 1 -9.32 -0.64 8.48
C MET A 1 -9.16 -1.92 7.67
N THR A 2 -10.25 -2.68 7.54
CA THR A 2 -10.23 -3.93 6.79
C THR A 2 -9.72 -3.70 5.37
N LEU A 3 -8.64 -4.39 5.01
CA LEU A 3 -8.06 -4.26 3.68
C LEU A 3 -8.89 -5.00 2.64
N ASN A 4 -9.53 -4.24 1.76
CA ASN A 4 -10.36 -4.82 0.70
C ASN A 4 -9.55 -5.09 -0.57
N ILE A 5 -10.11 -5.93 -1.43
CA ILE A 5 -9.45 -6.28 -2.69
C ILE A 5 -10.35 -5.98 -3.88
N THR A 6 -9.79 -6.10 -5.07
CA THR A 6 -10.53 -5.83 -6.31
C THR A 6 -9.82 -6.43 -7.50
N SER A 7 -9.23 -7.61 -7.32
CA SER A 7 -8.50 -8.29 -8.38
C SER A 7 -9.39 -8.46 -9.62
N LYS A 8 -8.97 -7.84 -10.72
CA LYS A 8 -9.73 -7.90 -11.96
C LYS A 8 -9.78 -9.31 -12.54
N GLN A 9 -8.64 -10.00 -12.55
CA GLN A 9 -8.58 -11.36 -13.09
C GLN A 9 -8.46 -12.41 -11.98
N MET A 10 -7.23 -12.81 -11.65
CA MET A 10 -7.01 -13.82 -10.62
C MET A 10 -7.76 -13.45 -9.33
N ASP A 11 -8.78 -14.22 -9.01
CA ASP A 11 -9.57 -13.96 -7.82
C ASP A 11 -8.70 -13.97 -6.57
N ILE A 12 -9.31 -13.77 -5.42
CA ILE A 12 -8.58 -13.76 -4.16
C ILE A 12 -8.77 -15.07 -3.41
N THR A 13 -7.74 -15.51 -2.72
CA THR A 13 -7.79 -16.74 -1.95
C THR A 13 -7.05 -16.57 -0.63
N PRO A 14 -7.04 -17.61 0.23
CA PRO A 14 -6.36 -17.55 1.53
C PRO A 14 -4.95 -16.96 1.42
N ALA A 15 -4.20 -17.39 0.42
CA ALA A 15 -2.84 -16.91 0.22
C ALA A 15 -2.80 -15.39 0.16
N ILE A 16 -3.09 -14.82 -1.01
CA ILE A 16 -3.09 -13.36 -1.16
C ILE A 16 -3.91 -12.72 -0.06
N ARG A 17 -5.19 -13.10 0.04
CA ARG A 17 -6.08 -12.56 1.06
C ARG A 17 -5.32 -12.39 2.39
N GLU A 18 -4.77 -13.51 2.87
CA GLU A 18 -4.00 -13.51 4.11
C GLU A 18 -2.78 -12.59 3.98
N HIS A 19 -2.16 -12.61 2.80
CA HIS A 19 -1.02 -11.78 2.51
C HIS A 19 -1.41 -10.31 2.62
N LEU A 20 -2.27 -9.87 1.71
CA LEU A 20 -2.76 -8.50 1.69
C LEU A 20 -3.20 -8.08 3.10
N GLU A 21 -4.09 -8.88 3.70
CA GLU A 21 -4.56 -8.60 5.04
C GLU A 21 -3.39 -8.49 6.02
N GLU A 22 -2.56 -9.53 6.05
CA GLU A 22 -1.39 -9.55 6.92
C GLU A 22 -0.55 -8.30 6.67
N ARG A 23 -0.43 -7.91 5.40
CA ARG A 23 0.32 -6.71 5.05
C ARG A 23 -0.30 -5.49 5.71
N LEU A 24 -1.63 -5.39 5.60
CA LEU A 24 -2.35 -4.29 6.21
C LEU A 24 -2.12 -4.29 7.72
N ALA A 25 -2.36 -5.44 8.34
CA ALA A 25 -2.16 -5.60 9.77
C ALA A 25 -0.71 -5.23 10.13
N LYS A 26 0.20 -5.50 9.20
CA LYS A 26 1.61 -5.18 9.40
C LYS A 26 1.82 -3.68 9.30
N LEU A 27 1.08 -3.04 8.40
CA LEU A 27 1.18 -1.59 8.22
C LEU A 27 0.39 -0.85 9.30
N GLY A 28 -0.40 -1.59 10.07
CA GLY A 28 -1.18 -0.99 11.14
C GLY A 28 -0.31 -0.47 12.26
N LYS A 29 0.80 -1.16 12.49
CA LYS A 29 1.75 -0.76 13.54
C LYS A 29 2.63 0.41 13.12
N TRP A 30 2.44 0.88 11.89
CA TRP A 30 3.23 1.97 11.35
C TRP A 30 2.75 3.34 11.82
N GLN A 31 2.29 3.44 13.06
CA GLN A 31 1.85 4.72 13.60
C GLN A 31 0.82 5.37 12.68
N THR A 32 0.16 4.56 11.85
CA THR A 32 -0.84 5.07 10.92
C THR A 32 -2.17 4.36 11.11
N GLN A 33 -3.18 4.88 10.41
CA GLN A 33 -4.53 4.34 10.44
C GLN A 33 -5.06 4.30 9.03
N LEU A 34 -4.93 3.14 8.39
CA LEU A 34 -5.35 2.98 7.03
C LEU A 34 -6.83 3.31 6.84
N ILE A 35 -7.09 4.50 6.33
CA ILE A 35 -8.45 4.95 6.07
C ILE A 35 -9.00 4.25 4.84
N SER A 36 -9.84 3.24 5.06
CA SER A 36 -10.42 2.49 3.95
C SER A 36 -9.31 2.01 3.01
N PRO A 37 -8.81 0.78 3.25
CA PRO A 37 -7.73 0.19 2.48
C PRO A 37 -8.20 -0.75 1.38
N HIS A 38 -7.53 -0.66 0.23
CA HIS A 38 -7.82 -1.51 -0.91
C HIS A 38 -6.55 -2.10 -1.47
N PHE A 39 -6.71 -3.07 -2.35
CA PHE A 39 -5.59 -3.70 -3.01
C PHE A 39 -6.00 -4.25 -4.37
N VAL A 40 -5.57 -3.57 -5.42
CA VAL A 40 -5.88 -3.98 -6.78
C VAL A 40 -4.80 -4.95 -7.27
N LEU A 41 -5.04 -6.23 -7.02
CA LEU A 41 -4.10 -7.28 -7.38
C LEU A 41 -4.40 -7.85 -8.77
N ASN A 42 -3.36 -8.07 -9.55
CA ASN A 42 -3.52 -8.63 -10.89
C ASN A 42 -2.29 -9.43 -11.32
N LYS A 43 -2.49 -10.27 -12.33
CA LYS A 43 -1.43 -11.10 -12.88
C LYS A 43 -1.38 -10.96 -14.39
N VAL A 44 -0.30 -11.39 -14.99
CA VAL A 44 -0.15 -11.34 -16.42
C VAL A 44 0.85 -12.37 -16.93
N PRO A 45 0.77 -12.74 -18.21
CA PRO A 45 1.67 -13.73 -18.81
C PRO A 45 3.14 -13.41 -18.52
N ASN A 46 3.51 -12.15 -18.66
CA ASN A 46 4.88 -11.72 -18.42
C ASN A 46 5.18 -11.51 -16.94
N GLY A 47 4.27 -11.91 -16.06
CA GLY A 47 4.48 -11.73 -14.64
C GLY A 47 3.22 -11.45 -13.88
N PHE A 48 3.37 -10.71 -12.81
CA PHE A 48 2.26 -10.34 -11.96
C PHE A 48 2.24 -8.83 -11.74
N SER A 49 1.08 -8.22 -11.91
CA SER A 49 0.95 -6.78 -11.71
C SER A 49 0.06 -6.54 -10.51
N VAL A 50 0.62 -5.86 -9.53
CA VAL A 50 -0.11 -5.56 -8.32
C VAL A 50 -0.17 -4.05 -8.08
N GLU A 51 -1.23 -3.60 -7.42
CA GLU A 51 -1.40 -2.18 -7.13
C GLU A 51 -2.19 -2.00 -5.84
N ALA A 52 -1.61 -1.26 -4.91
CA ALA A 52 -2.26 -1.00 -3.63
C ALA A 52 -2.80 0.42 -3.54
N SER A 53 -3.85 0.59 -2.74
CA SER A 53 -4.47 1.89 -2.56
C SER A 53 -5.12 1.99 -1.18
N ILE A 54 -4.48 2.73 -0.29
CA ILE A 54 -4.98 2.91 1.07
C ILE A 54 -5.14 4.40 1.40
N GLY A 55 -5.66 4.69 2.58
CA GLY A 55 -5.83 6.07 2.99
C GLY A 55 -5.15 6.36 4.31
N THR A 56 -4.74 7.58 4.48
CA THR A 56 -4.07 8.01 5.71
C THR A 56 -4.32 9.48 5.99
N PRO A 57 -4.49 9.86 7.26
CA PRO A 57 -4.70 11.27 7.60
C PRO A 57 -3.56 12.14 7.09
N LEU A 58 -2.45 11.51 6.70
CA LEU A 58 -1.29 12.22 6.20
C LEU A 58 -1.20 12.18 4.68
N GLY A 59 -2.06 11.36 4.06
CA GLY A 59 -2.07 11.25 2.62
C GLY A 59 -2.39 9.84 2.14
N ASN A 60 -3.31 9.73 1.20
CA ASN A 60 -3.72 8.45 0.65
C ASN A 60 -2.51 7.66 0.14
N LEU A 61 -2.51 6.36 0.41
CA LEU A 61 -1.43 5.49 -0.03
C LEU A 61 -1.80 4.81 -1.35
N LEU A 62 -0.83 4.69 -2.24
CA LEU A 62 -1.04 4.04 -3.52
C LEU A 62 0.27 3.45 -4.01
N ALA A 63 0.18 2.39 -4.79
CA ALA A 63 1.35 1.73 -5.31
C ALA A 63 0.98 0.76 -6.43
N SER A 64 1.98 0.37 -7.22
CA SER A 64 1.76 -0.55 -8.32
C SER A 64 3.09 -1.07 -8.85
N ALA A 65 3.16 -2.37 -9.14
CA ALA A 65 4.38 -2.97 -9.64
C ALA A 65 4.09 -4.22 -10.47
N THR A 66 4.99 -4.52 -11.39
CA THR A 66 4.86 -5.70 -12.25
C THR A 66 6.14 -6.54 -12.19
N SER A 67 6.00 -7.82 -11.90
CA SER A 67 7.15 -8.71 -11.81
C SER A 67 6.75 -10.16 -12.00
N ASP A 68 7.72 -11.01 -12.31
CA ASP A 68 7.47 -12.42 -12.50
C ASP A 68 7.38 -13.15 -11.17
N ASP A 69 7.29 -12.41 -10.06
CA ASP A 69 7.21 -12.99 -8.74
C ASP A 69 6.04 -12.42 -7.94
N MET A 70 5.00 -13.23 -7.79
CA MET A 70 3.79 -12.88 -7.06
C MET A 70 4.08 -12.07 -5.78
N TYR A 71 4.62 -12.75 -4.78
CA TYR A 71 4.90 -12.12 -3.50
C TYR A 71 6.01 -11.10 -3.58
N LYS A 72 6.83 -11.18 -4.63
CA LYS A 72 7.90 -10.20 -4.82
C LYS A 72 7.27 -8.92 -5.34
N ALA A 73 6.27 -9.08 -6.21
CA ALA A 73 5.54 -7.95 -6.76
C ALA A 73 4.85 -7.27 -5.60
N ILE A 74 4.21 -8.10 -4.78
CA ILE A 74 3.56 -7.62 -3.56
C ILE A 74 4.65 -7.06 -2.67
N ASN A 75 5.79 -7.76 -2.71
CA ASN A 75 6.98 -7.38 -1.98
C ASN A 75 7.38 -5.96 -2.38
N GLU A 76 7.26 -5.68 -3.66
CA GLU A 76 7.57 -4.37 -4.22
C GLU A 76 6.51 -3.35 -3.78
N VAL A 77 5.24 -3.68 -4.05
CA VAL A 77 4.14 -2.80 -3.67
C VAL A 77 4.28 -2.36 -2.23
N GLU A 78 4.39 -3.34 -1.34
CA GLU A 78 4.54 -3.06 0.08
C GLU A 78 5.70 -2.09 0.29
N GLU A 79 6.72 -2.22 -0.55
CA GLU A 79 7.88 -1.35 -0.48
C GLU A 79 7.45 0.07 -0.82
N LYS A 80 6.67 0.22 -1.89
CA LYS A 80 6.18 1.54 -2.28
C LYS A 80 5.30 2.09 -1.18
N LEU A 81 4.27 1.32 -0.82
CA LEU A 81 3.33 1.71 0.23
C LEU A 81 4.09 2.10 1.50
N GLU A 82 5.06 1.28 1.90
CA GLU A 82 5.87 1.58 3.09
C GLU A 82 6.64 2.87 2.87
N ARG A 83 7.27 2.98 1.70
CA ARG A 83 8.04 4.17 1.35
C ARG A 83 7.19 5.42 1.52
N GLN A 84 6.01 5.41 0.89
CA GLN A 84 5.09 6.54 0.98
C GLN A 84 4.74 6.76 2.44
N LEU A 85 4.43 5.66 3.13
CA LEU A 85 4.10 5.72 4.56
C LEU A 85 5.17 6.52 5.30
N ASN A 86 6.40 6.03 5.22
CA ASN A 86 7.52 6.70 5.86
C ASN A 86 7.56 8.15 5.39
N LYS A 87 7.16 8.37 4.14
CA LYS A 87 7.10 9.72 3.60
C LYS A 87 6.09 10.54 4.36
N LEU A 88 4.92 9.94 4.58
CA LEU A 88 3.85 10.62 5.30
C LEU A 88 4.32 11.00 6.69
N GLN A 89 4.74 9.99 7.46
CA GLN A 89 5.23 10.22 8.82
C GLN A 89 6.46 11.12 8.81
N HIS A 90 7.14 11.16 7.67
CA HIS A 90 8.34 11.99 7.52
C HIS A 90 7.95 13.44 7.25
N LYS A 91 7.33 13.65 6.10
CA LYS A 91 6.90 14.98 5.67
C LYS A 91 7.93 16.05 5.98
N SER A 92 9.07 15.98 5.29
CA SER A 92 10.15 16.94 5.48
C SER A 92 9.66 18.36 5.21
N GLU A 93 10.45 19.35 5.63
CA GLU A 93 10.08 20.74 5.43
C GLU A 93 11.28 21.66 5.66
N SER A 94 11.02 22.95 5.82
CA SER A 94 12.08 23.93 6.05
C SER A 94 13.05 23.95 4.88
N ARG A 95 14.18 24.64 5.06
CA ARG A 95 15.19 24.75 4.03
C ARG A 95 14.63 25.45 2.79
N ARG A 96 15.43 25.52 1.73
CA ARG A 96 15.02 26.17 0.50
C ARG A 96 14.76 27.66 0.71
N ALA A 97 15.32 28.48 -0.17
CA ALA A 97 15.15 29.92 -0.08
C ALA A 97 15.41 30.60 -1.41
N ASP A 98 14.49 31.46 -1.83
CA ASP A 98 14.63 32.18 -3.10
C ASP A 98 15.74 33.22 -3.01
N GLU A 99 16.86 32.95 -3.69
CA GLU A 99 17.98 33.87 -3.68
C GLU A 99 18.95 33.53 -4.82
N ARG A 100 19.06 34.42 -5.79
CA ARG A 100 19.95 34.21 -6.93
C ARG A 100 20.25 35.54 -7.64
N LEU A 101 20.90 35.44 -8.79
CA LEU A 101 21.24 36.62 -9.58
C LEU A 101 22.17 37.55 -8.80
N LYS A 102 22.80 37.03 -7.75
CA LYS A 102 23.71 37.83 -6.93
C LYS A 102 23.08 39.17 -6.54
N ASP A 103 23.88 40.04 -5.93
CA ASP A 103 23.41 41.35 -5.51
C ASP A 103 23.37 42.32 -6.70
N SER A 104 23.11 43.59 -6.41
CA SER A 104 23.05 44.60 -7.44
C SER A 104 24.45 45.10 -7.81
N PHE A 105 24.55 45.78 -8.94
CA PHE A 105 25.83 46.30 -9.41
C PHE A 105 26.20 47.59 -8.67
N GLU A 106 25.19 48.34 -8.28
CA GLU A 106 25.40 49.59 -7.56
C GLU A 106 26.20 50.58 -8.40
N ASN A 107 26.07 51.86 -8.10
CA ASN A 107 26.79 52.91 -8.83
C ASN A 107 26.64 54.26 -8.15
N MET A 1 -10.35 -1.53 10.19
CA MET A 1 -10.10 -1.06 8.81
C MET A 1 -9.87 -2.23 7.86
N THR A 2 -10.90 -3.05 7.67
CA THR A 2 -10.81 -4.21 6.79
C THR A 2 -10.45 -3.78 5.37
N LEU A 3 -9.28 -4.20 4.91
CA LEU A 3 -8.81 -3.87 3.58
C LEU A 3 -9.58 -4.62 2.50
N ASN A 4 -10.08 -3.86 1.53
CA ASN A 4 -10.83 -4.44 0.42
C ASN A 4 -9.90 -4.79 -0.74
N ILE A 5 -10.38 -5.67 -1.60
CA ILE A 5 -9.61 -6.09 -2.76
C ILE A 5 -10.43 -5.96 -4.03
N THR A 6 -9.75 -5.81 -5.17
CA THR A 6 -10.44 -5.67 -6.44
C THR A 6 -9.55 -6.11 -7.61
N SER A 7 -9.31 -7.41 -7.71
CA SER A 7 -8.49 -7.95 -8.80
C SER A 7 -9.33 -8.08 -10.06
N LYS A 8 -8.88 -7.47 -11.15
CA LYS A 8 -9.61 -7.50 -12.42
C LYS A 8 -9.75 -8.92 -12.96
N GLN A 9 -8.66 -9.67 -12.97
CA GLN A 9 -8.67 -11.04 -13.48
C GLN A 9 -8.66 -12.06 -12.35
N MET A 10 -7.47 -12.55 -11.98
CA MET A 10 -7.33 -13.54 -10.91
C MET A 10 -8.16 -13.14 -9.70
N ASP A 11 -9.26 -13.84 -9.49
CA ASP A 11 -10.14 -13.56 -8.36
C ASP A 11 -9.39 -13.64 -7.04
N ILE A 12 -10.11 -13.44 -5.94
CA ILE A 12 -9.50 -13.49 -4.61
C ILE A 12 -9.73 -14.85 -3.97
N THR A 13 -8.75 -15.28 -3.18
CA THR A 13 -8.82 -16.55 -2.49
C THR A 13 -8.06 -16.47 -1.17
N PRO A 14 -8.11 -17.52 -0.35
CA PRO A 14 -7.41 -17.54 0.94
C PRO A 14 -6.01 -16.93 0.89
N ALA A 15 -5.23 -17.33 -0.10
CA ALA A 15 -3.87 -16.81 -0.25
C ALA A 15 -3.86 -15.29 -0.24
N ILE A 16 -4.13 -14.67 -1.39
CA ILE A 16 -4.16 -13.21 -1.49
C ILE A 16 -4.97 -12.62 -0.34
N ARG A 17 -6.25 -13.00 -0.25
CA ARG A 17 -7.11 -12.50 0.81
C ARG A 17 -6.36 -12.46 2.14
N GLU A 18 -5.88 -13.62 2.58
CA GLU A 18 -5.12 -13.72 3.81
C GLU A 18 -3.87 -12.85 3.75
N HIS A 19 -3.23 -12.84 2.58
CA HIS A 19 -2.04 -12.04 2.37
C HIS A 19 -2.37 -10.57 2.54
N LEU A 20 -3.16 -10.04 1.60
CA LEU A 20 -3.60 -8.65 1.63
C LEU A 20 -4.05 -8.27 3.04
N GLU A 21 -4.89 -9.11 3.63
CA GLU A 21 -5.39 -8.88 4.98
C GLU A 21 -4.22 -8.85 5.97
N GLU A 22 -3.43 -9.93 5.97
CA GLU A 22 -2.28 -10.02 6.86
C GLU A 22 -1.39 -8.79 6.69
N ARG A 23 -1.19 -8.39 5.43
CA ARG A 23 -0.37 -7.22 5.13
C ARG A 23 -0.97 -5.99 5.78
N LEU A 24 -2.28 -5.80 5.63
CA LEU A 24 -2.96 -4.67 6.23
C LEU A 24 -2.77 -4.72 7.75
N ALA A 25 -3.04 -5.89 8.32
CA ALA A 25 -2.86 -6.10 9.75
C ALA A 25 -1.43 -5.77 10.16
N LYS A 26 -0.50 -6.01 9.23
CA LYS A 26 0.90 -5.72 9.47
C LYS A 26 1.14 -4.22 9.43
N LEU A 27 0.50 -3.55 8.48
CA LEU A 27 0.63 -2.10 8.34
C LEU A 27 -0.16 -1.39 9.44
N GLY A 28 -0.99 -2.14 10.15
CA GLY A 28 -1.76 -1.55 11.23
C GLY A 28 -0.88 -0.97 12.32
N LYS A 29 0.27 -1.59 12.52
CA LYS A 29 1.24 -1.15 13.51
C LYS A 29 1.94 0.13 13.05
N TRP A 30 2.06 0.27 11.74
CA TRP A 30 2.71 1.43 11.14
C TRP A 30 1.96 2.72 11.45
N GLN A 31 2.10 3.18 12.71
CA GLN A 31 1.46 4.41 13.19
C GLN A 31 0.63 5.10 12.11
N THR A 32 -0.47 4.46 11.72
CA THR A 32 -1.33 4.99 10.70
C THR A 32 -2.73 4.36 10.79
N GLN A 33 -3.68 5.00 10.14
CA GLN A 33 -5.05 4.53 10.10
C GLN A 33 -5.50 4.47 8.67
N LEU A 34 -5.32 3.31 8.07
CA LEU A 34 -5.66 3.11 6.67
C LEU A 34 -7.08 3.53 6.36
N ILE A 35 -7.23 4.80 5.97
CA ILE A 35 -8.53 5.34 5.61
C ILE A 35 -9.10 4.57 4.42
N SER A 36 -9.91 3.56 4.73
CA SER A 36 -10.52 2.73 3.69
C SER A 36 -9.47 2.29 2.67
N PRO A 37 -8.81 1.16 2.96
CA PRO A 37 -7.77 0.60 2.11
C PRO A 37 -8.27 -0.44 1.10
N HIS A 38 -7.69 -0.41 -0.09
CA HIS A 38 -8.03 -1.35 -1.16
C HIS A 38 -6.80 -2.05 -1.67
N PHE A 39 -7.01 -3.00 -2.58
CA PHE A 39 -5.91 -3.72 -3.18
C PHE A 39 -6.25 -4.19 -4.60
N VAL A 40 -5.79 -3.43 -5.58
CA VAL A 40 -6.04 -3.77 -6.97
C VAL A 40 -4.90 -4.65 -7.49
N LEU A 41 -5.13 -5.95 -7.46
CA LEU A 41 -4.12 -6.92 -7.89
C LEU A 41 -4.47 -7.55 -9.23
N ASN A 42 -3.44 -7.85 -10.02
CA ASN A 42 -3.63 -8.48 -11.32
C ASN A 42 -2.44 -9.33 -11.72
N LYS A 43 -2.64 -10.13 -12.76
CA LYS A 43 -1.60 -11.00 -13.27
C LYS A 43 -1.37 -10.73 -14.75
N VAL A 44 -0.30 -11.27 -15.29
CA VAL A 44 0.01 -11.10 -16.70
C VAL A 44 1.08 -12.10 -17.16
N PRO A 45 1.15 -12.37 -18.46
CA PRO A 45 2.13 -13.31 -19.02
C PRO A 45 3.56 -13.00 -18.58
N ASN A 46 3.90 -11.72 -18.56
CA ASN A 46 5.24 -11.29 -18.17
C ASN A 46 5.40 -11.25 -16.65
N GLY A 47 4.37 -11.66 -15.91
CA GLY A 47 4.43 -11.65 -14.48
C GLY A 47 3.12 -11.24 -13.85
N PHE A 48 3.18 -10.86 -12.60
CA PHE A 48 2.00 -10.44 -11.87
C PHE A 48 2.02 -8.93 -11.65
N SER A 49 0.98 -8.25 -12.13
CA SER A 49 0.87 -6.82 -11.94
C SER A 49 -0.04 -6.55 -10.78
N VAL A 50 0.50 -5.88 -9.79
CA VAL A 50 -0.25 -5.57 -8.58
C VAL A 50 -0.17 -4.10 -8.22
N GLU A 51 -1.22 -3.59 -7.59
CA GLU A 51 -1.27 -2.19 -7.19
C GLU A 51 -2.13 -2.03 -5.93
N ALA A 52 -1.63 -1.26 -4.98
CA ALA A 52 -2.35 -1.04 -3.73
C ALA A 52 -2.74 0.43 -3.58
N SER A 53 -3.79 0.68 -2.81
CA SER A 53 -4.28 2.04 -2.58
C SER A 53 -4.87 2.16 -1.18
N ILE A 54 -4.18 2.89 -0.31
CA ILE A 54 -4.65 3.10 1.05
C ILE A 54 -4.61 4.58 1.42
N GLY A 55 -5.62 5.04 2.14
CA GLY A 55 -5.66 6.42 2.54
C GLY A 55 -5.14 6.63 3.94
N THR A 56 -4.59 7.80 4.16
CA THR A 56 -4.04 8.15 5.47
C THR A 56 -4.41 9.58 5.84
N PRO A 57 -4.78 9.84 7.11
CA PRO A 57 -5.12 11.18 7.55
C PRO A 57 -4.00 12.17 7.23
N LEU A 58 -2.80 11.65 6.96
CA LEU A 58 -1.65 12.48 6.64
C LEU A 58 -1.47 12.63 5.12
N GLY A 59 -2.03 11.68 4.37
CA GLY A 59 -1.94 11.72 2.92
C GLY A 59 -2.18 10.37 2.30
N ASN A 60 -2.99 10.34 1.24
CA ASN A 60 -3.32 9.10 0.56
C ASN A 60 -2.07 8.25 0.31
N LEU A 61 -2.29 7.00 -0.08
CA LEU A 61 -1.20 6.08 -0.35
C LEU A 61 -1.59 5.12 -1.46
N LEU A 62 -0.59 4.74 -2.25
CA LEU A 62 -0.79 3.80 -3.35
C LEU A 62 0.53 3.16 -3.73
N ALA A 63 0.46 2.16 -4.60
CA ALA A 63 1.65 1.46 -5.05
C ALA A 63 1.32 0.52 -6.19
N SER A 64 2.35 0.05 -6.88
CA SER A 64 2.17 -0.87 -7.99
C SER A 64 3.48 -1.55 -8.36
N ALA A 65 3.41 -2.84 -8.69
CA ALA A 65 4.58 -3.60 -9.06
C ALA A 65 4.23 -4.77 -9.97
N THR A 66 5.11 -5.05 -10.94
CA THR A 66 4.90 -6.15 -11.86
C THR A 66 6.08 -7.12 -11.81
N SER A 67 5.82 -8.34 -11.38
CA SER A 67 6.88 -9.35 -11.28
C SER A 67 6.31 -10.76 -11.39
N ASP A 68 7.14 -11.68 -11.86
CA ASP A 68 6.73 -13.07 -12.00
C ASP A 68 6.56 -13.71 -10.63
N ASP A 69 6.90 -12.98 -9.57
CA ASP A 69 6.78 -13.50 -8.22
C ASP A 69 5.66 -12.80 -7.46
N MET A 70 4.49 -13.41 -7.47
CA MET A 70 3.29 -12.91 -6.81
C MET A 70 3.56 -12.26 -5.45
N TYR A 71 3.92 -13.07 -4.47
CA TYR A 71 4.16 -12.57 -3.13
C TYR A 71 5.30 -11.58 -3.08
N LYS A 72 6.26 -11.71 -3.98
CA LYS A 72 7.36 -10.75 -4.04
C LYS A 72 6.83 -9.44 -4.59
N ALA A 73 5.91 -9.54 -5.56
CA ALA A 73 5.28 -8.36 -6.15
C ALA A 73 4.56 -7.63 -5.03
N ILE A 74 3.81 -8.42 -4.27
CA ILE A 74 3.11 -7.90 -3.10
C ILE A 74 4.16 -7.43 -2.11
N ASN A 75 5.25 -8.19 -2.08
CA ASN A 75 6.40 -7.89 -1.25
C ASN A 75 6.93 -6.51 -1.62
N GLU A 76 6.89 -6.22 -2.92
CA GLU A 76 7.33 -4.94 -3.45
C GLU A 76 6.33 -3.85 -3.09
N VAL A 77 5.06 -4.05 -3.48
CA VAL A 77 3.99 -3.09 -3.19
C VAL A 77 4.05 -2.68 -1.73
N GLU A 78 4.03 -3.67 -0.85
CA GLU A 78 4.09 -3.42 0.58
C GLU A 78 5.29 -2.55 0.92
N GLU A 79 6.38 -2.78 0.19
CA GLU A 79 7.59 -2.01 0.39
C GLU A 79 7.36 -0.56 -0.04
N LYS A 80 6.68 -0.40 -1.18
CA LYS A 80 6.37 0.93 -1.68
C LYS A 80 5.41 1.61 -0.72
N LEU A 81 4.29 0.94 -0.45
CA LEU A 81 3.28 1.46 0.48
C LEU A 81 3.92 1.82 1.82
N GLU A 82 4.76 0.92 2.34
CA GLU A 82 5.45 1.18 3.59
C GLU A 82 6.39 2.37 3.43
N ARG A 83 7.11 2.37 2.32
CA ARG A 83 8.03 3.47 2.02
C ARG A 83 7.30 4.79 2.05
N GLN A 84 6.15 4.85 1.38
CA GLN A 84 5.34 6.06 1.36
C GLN A 84 4.85 6.36 2.77
N LEU A 85 4.56 5.30 3.53
CA LEU A 85 4.12 5.44 4.91
C LEU A 85 5.19 6.18 5.71
N ASN A 86 6.37 5.57 5.76
CA ASN A 86 7.49 6.16 6.47
C ASN A 86 7.78 7.56 5.93
N LYS A 87 7.71 7.70 4.61
CA LYS A 87 7.94 9.00 3.98
C LYS A 87 6.95 10.01 4.54
N LEU A 88 5.69 9.61 4.62
CA LEU A 88 4.66 10.49 5.14
C LEU A 88 5.03 10.89 6.56
N GLN A 89 5.15 9.88 7.41
CA GLN A 89 5.51 10.10 8.81
C GLN A 89 6.83 10.86 8.91
N HIS A 90 7.69 10.71 7.90
CA HIS A 90 8.98 11.39 7.88
C HIS A 90 8.80 12.85 7.52
N LYS A 91 8.10 13.09 6.40
CA LYS A 91 7.87 14.43 5.92
C LYS A 91 7.38 15.35 7.04
N SER A 92 7.32 16.65 6.76
CA SER A 92 6.87 17.62 7.74
C SER A 92 5.41 17.99 7.54
N GLU A 93 5.05 18.25 6.28
CA GLU A 93 3.67 18.61 5.93
C GLU A 93 3.34 18.18 4.51
N SER A 94 4.00 17.12 4.05
CA SER A 94 3.77 16.62 2.70
C SER A 94 4.03 17.69 1.65
N ARG A 95 5.31 17.91 1.35
CA ARG A 95 5.70 18.92 0.36
C ARG A 95 6.83 18.41 -0.52
N ARG A 96 8.04 18.39 0.04
CA ARG A 96 9.21 17.93 -0.70
C ARG A 96 10.08 17.03 0.18
N ALA A 97 10.67 16.01 -0.44
CA ALA A 97 11.53 15.08 0.28
C ALA A 97 12.97 15.57 0.30
N ASP A 98 13.57 15.59 1.48
CA ASP A 98 14.95 16.03 1.64
C ASP A 98 15.42 15.87 3.09
N GLU A 99 15.99 14.72 3.40
CA GLU A 99 16.47 14.44 4.74
C GLU A 99 17.77 13.62 4.70
N ARG A 100 17.72 12.49 4.01
CA ARG A 100 18.88 11.62 3.88
C ARG A 100 19.35 11.14 5.26
N LEU A 101 19.15 9.85 5.53
CA LEU A 101 19.56 9.27 6.80
C LEU A 101 21.06 9.01 6.83
N LYS A 102 21.58 8.46 5.73
CA LYS A 102 23.00 8.15 5.62
C LYS A 102 23.42 7.14 6.68
N ASP A 103 24.59 6.54 6.48
CA ASP A 103 25.10 5.54 7.41
C ASP A 103 24.19 4.31 7.46
N SER A 104 23.10 4.42 8.22
CA SER A 104 22.15 3.33 8.35
C SER A 104 22.82 2.10 8.97
N PHE A 105 22.39 1.73 10.17
CA PHE A 105 22.94 0.58 10.87
C PHE A 105 21.92 -0.54 10.98
N GLU A 106 22.29 -1.73 10.52
CA GLU A 106 21.39 -2.88 10.57
C GLU A 106 22.15 -4.13 10.98
N ASN A 107 21.42 -5.22 11.19
CA ASN A 107 22.02 -6.49 11.58
C ASN A 107 22.20 -7.41 10.38
N MET A 1 -10.72 -1.41 10.13
CA MET A 1 -10.38 -1.03 8.73
C MET A 1 -10.55 -2.21 7.78
N THR A 2 -9.77 -3.26 8.01
CA THR A 2 -9.83 -4.47 7.17
C THR A 2 -9.46 -4.14 5.73
N LEU A 3 -8.38 -4.77 5.25
CA LEU A 3 -7.92 -4.55 3.88
C LEU A 3 -8.86 -5.21 2.88
N ASN A 4 -9.54 -4.40 2.08
CA ASN A 4 -10.47 -4.91 1.09
C ASN A 4 -9.75 -5.21 -0.22
N ILE A 5 -10.37 -6.04 -1.06
CA ILE A 5 -9.80 -6.42 -2.34
C ILE A 5 -10.77 -6.18 -3.49
N THR A 6 -10.28 -6.37 -4.71
CA THR A 6 -11.08 -6.19 -5.92
C THR A 6 -10.69 -7.22 -6.96
N SER A 7 -9.40 -7.27 -7.28
CA SER A 7 -8.87 -8.21 -8.26
C SER A 7 -9.68 -8.18 -9.55
N LYS A 8 -9.18 -7.46 -10.55
CA LYS A 8 -9.85 -7.35 -11.83
C LYS A 8 -10.02 -8.72 -12.50
N GLN A 9 -9.09 -9.64 -12.22
CA GLN A 9 -9.16 -10.98 -12.82
C GLN A 9 -9.04 -12.08 -11.77
N MET A 10 -7.82 -12.51 -11.46
CA MET A 10 -7.59 -13.57 -10.48
C MET A 10 -8.33 -13.28 -9.18
N ASP A 11 -9.36 -14.06 -8.90
CA ASP A 11 -10.13 -13.88 -7.67
C ASP A 11 -9.22 -13.95 -6.46
N ILE A 12 -9.79 -13.77 -5.28
CA ILE A 12 -9.01 -13.81 -4.04
C ILE A 12 -9.19 -15.15 -3.33
N THR A 13 -8.13 -15.61 -2.70
CA THR A 13 -8.15 -16.87 -1.97
C THR A 13 -7.34 -16.76 -0.68
N PRO A 14 -7.31 -17.83 0.14
CA PRO A 14 -6.57 -17.83 1.40
C PRO A 14 -5.17 -17.24 1.28
N ALA A 15 -4.46 -17.64 0.23
CA ALA A 15 -3.10 -17.14 0.00
C ALA A 15 -3.06 -15.62 0.00
N ILE A 16 -3.40 -15.00 -1.14
CA ILE A 16 -3.41 -13.55 -1.24
C ILE A 16 -4.19 -12.93 -0.09
N ARG A 17 -5.46 -13.33 0.04
CA ARG A 17 -6.32 -12.83 1.11
C ARG A 17 -5.51 -12.71 2.41
N GLU A 18 -4.93 -13.83 2.82
CA GLU A 18 -4.11 -13.87 4.03
C GLU A 18 -2.91 -12.93 3.88
N HIS A 19 -2.32 -12.93 2.69
CA HIS A 19 -1.17 -12.08 2.39
C HIS A 19 -1.57 -10.62 2.54
N LEU A 20 -2.43 -10.16 1.64
CA LEU A 20 -2.93 -8.79 1.67
C LEU A 20 -3.36 -8.41 3.08
N GLU A 21 -4.23 -9.24 3.66
CA GLU A 21 -4.72 -9.00 5.02
C GLU A 21 -3.54 -8.88 5.99
N GLU A 22 -2.71 -9.92 6.03
CA GLU A 22 -1.54 -9.93 6.90
C GLU A 22 -0.69 -8.69 6.64
N ARG A 23 -0.59 -8.29 5.38
CA ARG A 23 0.18 -7.11 5.02
C ARG A 23 -0.41 -5.87 5.68
N LEU A 24 -1.73 -5.72 5.59
CA LEU A 24 -2.40 -4.58 6.21
C LEU A 24 -2.22 -4.65 7.73
N ALA A 25 -2.56 -5.82 8.29
CA ALA A 25 -2.42 -6.03 9.73
C ALA A 25 -0.99 -5.74 10.16
N LYS A 26 -0.06 -5.97 9.24
CA LYS A 26 1.35 -5.72 9.50
C LYS A 26 1.65 -4.22 9.40
N LEU A 27 1.00 -3.57 8.43
CA LEU A 27 1.18 -2.15 8.23
C LEU A 27 0.47 -1.35 9.33
N GLY A 28 -0.36 -2.05 10.12
CA GLY A 28 -1.07 -1.39 11.21
C GLY A 28 -0.12 -0.82 12.24
N LYS A 29 1.01 -1.49 12.44
CA LYS A 29 2.01 -1.03 13.40
C LYS A 29 2.50 0.37 13.06
N TRP A 30 2.30 0.77 11.81
CA TRP A 30 2.72 2.07 11.34
C TRP A 30 1.75 3.15 11.80
N GLN A 31 2.23 4.02 12.68
CA GLN A 31 1.43 5.12 13.24
C GLN A 31 0.55 5.79 12.19
N THR A 32 -0.48 5.07 11.74
CA THR A 32 -1.39 5.58 10.73
C THR A 32 -2.76 4.92 10.89
N GLN A 33 -3.77 5.51 10.28
CA GLN A 33 -5.12 4.99 10.30
C GLN A 33 -5.59 4.79 8.88
N LEU A 34 -5.36 3.60 8.39
CA LEU A 34 -5.69 3.26 7.02
C LEU A 34 -7.11 3.66 6.65
N ILE A 35 -7.22 4.83 6.03
CA ILE A 35 -8.50 5.35 5.60
C ILE A 35 -9.05 4.49 4.46
N SER A 36 -9.84 3.48 4.82
CA SER A 36 -10.41 2.56 3.83
C SER A 36 -9.31 1.98 2.96
N PRO A 37 -8.76 0.82 3.38
CA PRO A 37 -7.69 0.13 2.68
C PRO A 37 -8.17 -0.87 1.64
N HIS A 38 -7.55 -0.81 0.46
CA HIS A 38 -7.88 -1.72 -0.63
C HIS A 38 -6.61 -2.33 -1.21
N PHE A 39 -6.81 -3.32 -2.06
CA PHE A 39 -5.70 -3.98 -2.73
C PHE A 39 -6.13 -4.54 -4.07
N VAL A 40 -5.82 -3.82 -5.13
CA VAL A 40 -6.17 -4.24 -6.47
C VAL A 40 -5.07 -5.11 -7.07
N LEU A 41 -5.20 -6.41 -6.85
CA LEU A 41 -4.22 -7.38 -7.34
C LEU A 41 -4.61 -7.94 -8.70
N ASN A 42 -3.62 -8.15 -9.55
CA ASN A 42 -3.87 -8.70 -10.88
C ASN A 42 -2.69 -9.51 -11.39
N LYS A 43 -2.94 -10.23 -12.47
CA LYS A 43 -1.93 -11.08 -13.10
C LYS A 43 -1.88 -10.80 -14.59
N VAL A 44 -0.85 -11.31 -15.24
CA VAL A 44 -0.71 -11.15 -16.68
C VAL A 44 0.30 -12.16 -17.25
N PRO A 45 0.23 -12.42 -18.55
CA PRO A 45 1.14 -13.37 -19.21
C PRO A 45 2.60 -13.06 -18.93
N ASN A 46 2.93 -11.77 -18.91
CA ASN A 46 4.31 -11.34 -18.66
C ASN A 46 4.64 -11.34 -17.16
N GLY A 47 3.67 -11.71 -16.33
CA GLY A 47 3.90 -11.72 -14.89
C GLY A 47 2.66 -11.44 -14.09
N PHE A 48 2.85 -10.76 -12.98
CA PHE A 48 1.77 -10.40 -12.09
C PHE A 48 1.79 -8.90 -11.83
N SER A 49 0.62 -8.27 -11.93
CA SER A 49 0.51 -6.85 -11.67
C SER A 49 -0.34 -6.62 -10.44
N VAL A 50 0.22 -5.94 -9.48
CA VAL A 50 -0.47 -5.67 -8.23
C VAL A 50 -0.52 -4.17 -7.96
N GLU A 51 -1.56 -3.73 -7.27
CA GLU A 51 -1.72 -2.32 -6.92
C GLU A 51 -2.49 -2.18 -5.62
N ALA A 52 -1.86 -1.53 -4.65
CA ALA A 52 -2.47 -1.33 -3.34
C ALA A 52 -3.06 0.07 -3.24
N SER A 53 -4.24 0.16 -2.62
CA SER A 53 -4.91 1.45 -2.46
C SER A 53 -5.39 1.66 -1.03
N ILE A 54 -4.60 2.38 -0.26
CA ILE A 54 -4.93 2.69 1.13
C ILE A 54 -4.94 4.21 1.32
N GLY A 55 -5.25 4.66 2.53
CA GLY A 55 -5.28 6.08 2.78
C GLY A 55 -4.86 6.44 4.18
N THR A 56 -4.33 7.65 4.34
CA THR A 56 -3.89 8.14 5.63
C THR A 56 -4.28 9.60 5.82
N PRO A 57 -4.77 9.99 7.00
CA PRO A 57 -5.13 11.38 7.27
C PRO A 57 -4.00 12.33 6.87
N LEU A 58 -2.78 11.79 6.76
CA LEU A 58 -1.63 12.61 6.40
C LEU A 58 -1.43 12.61 4.88
N GLY A 59 -1.93 11.57 4.23
CA GLY A 59 -1.83 11.44 2.80
C GLY A 59 -2.20 10.04 2.34
N ASN A 60 -3.04 9.96 1.33
CA ASN A 60 -3.48 8.66 0.81
C ASN A 60 -2.29 7.72 0.59
N LEU A 61 -2.57 6.47 0.25
CA LEU A 61 -1.52 5.50 -0.01
C LEU A 61 -1.89 4.61 -1.19
N LEU A 62 -1.16 4.76 -2.26
CA LEU A 62 -1.37 3.95 -3.45
C LEU A 62 -0.04 3.35 -3.90
N ALA A 63 -0.14 2.23 -4.59
CA ALA A 63 1.05 1.55 -5.09
C ALA A 63 0.68 0.58 -6.20
N SER A 64 1.65 0.25 -7.03
CA SER A 64 1.43 -0.67 -8.15
C SER A 64 2.76 -1.19 -8.68
N ALA A 65 2.76 -2.45 -9.14
CA ALA A 65 3.98 -3.05 -9.67
C ALA A 65 3.66 -4.30 -10.50
N THR A 66 4.59 -4.63 -11.40
CA THR A 66 4.43 -5.80 -12.27
C THR A 66 5.71 -6.65 -12.23
N SER A 67 5.54 -7.96 -12.08
CA SER A 67 6.70 -8.85 -12.03
C SER A 67 6.26 -10.31 -12.15
N ASP A 68 7.22 -11.16 -12.49
CA ASP A 68 6.95 -12.59 -12.62
C ASP A 68 6.92 -13.27 -11.26
N ASP A 69 7.02 -12.48 -10.19
CA ASP A 69 7.01 -13.02 -8.83
C ASP A 69 5.87 -12.44 -8.02
N MET A 70 4.78 -13.20 -7.93
CA MET A 70 3.59 -12.80 -7.20
C MET A 70 3.89 -12.08 -5.89
N TYR A 71 4.41 -12.82 -4.91
CA TYR A 71 4.71 -12.24 -3.60
C TYR A 71 5.78 -11.17 -3.68
N LYS A 72 6.62 -11.23 -4.71
CA LYS A 72 7.64 -10.22 -4.89
C LYS A 72 6.99 -8.94 -5.39
N ALA A 73 6.01 -9.10 -6.29
CA ALA A 73 5.26 -7.96 -6.81
C ALA A 73 4.57 -7.31 -5.63
N ILE A 74 3.94 -8.17 -4.83
CA ILE A 74 3.29 -7.72 -3.61
C ILE A 74 4.37 -7.15 -2.71
N ASN A 75 5.53 -7.82 -2.76
CA ASN A 75 6.71 -7.43 -2.03
C ASN A 75 7.11 -6.02 -2.43
N GLU A 76 6.93 -5.73 -3.71
CA GLU A 76 7.24 -4.41 -4.26
C GLU A 76 6.19 -3.39 -3.82
N VAL A 77 4.92 -3.67 -4.13
CA VAL A 77 3.83 -2.79 -3.75
C VAL A 77 3.93 -2.42 -2.28
N GLU A 78 4.04 -3.43 -1.44
CA GLU A 78 4.15 -3.21 -0.01
C GLU A 78 5.34 -2.29 0.29
N GLU A 79 6.37 -2.39 -0.55
CA GLU A 79 7.55 -1.56 -0.39
C GLU A 79 7.21 -0.12 -0.74
N LYS A 80 6.44 0.06 -1.81
CA LYS A 80 6.03 1.39 -2.23
C LYS A 80 5.06 1.97 -1.21
N LEU A 81 4.10 1.15 -0.80
CA LEU A 81 3.09 1.57 0.17
C LEU A 81 3.77 1.90 1.51
N GLU A 82 4.70 1.05 1.95
CA GLU A 82 5.41 1.28 3.19
C GLU A 82 6.32 2.50 3.04
N ARG A 83 7.16 2.47 2.01
CA ARG A 83 8.06 3.59 1.75
C ARG A 83 7.27 4.90 1.77
N GLN A 84 6.16 4.91 1.04
CA GLN A 84 5.30 6.08 1.01
C GLN A 84 4.82 6.40 2.42
N LEU A 85 4.41 5.36 3.15
CA LEU A 85 3.98 5.52 4.53
C LEU A 85 5.03 6.29 5.30
N ASN A 86 6.25 5.76 5.28
CA ASN A 86 7.38 6.40 5.94
C ASN A 86 7.50 7.84 5.46
N LYS A 87 7.22 8.04 4.17
CA LYS A 87 7.27 9.38 3.60
C LYS A 87 6.24 10.25 4.31
N LEU A 88 5.06 9.71 4.52
CA LEU A 88 3.99 10.43 5.19
C LEU A 88 4.44 10.79 6.59
N GLN A 89 4.80 9.76 7.36
CA GLN A 89 5.25 9.96 8.73
C GLN A 89 6.48 10.87 8.75
N HIS A 90 7.22 10.88 7.64
CA HIS A 90 8.42 11.71 7.51
C HIS A 90 8.04 13.15 7.21
N LYS A 91 7.34 13.34 6.10
CA LYS A 91 6.93 14.66 5.67
C LYS A 91 6.15 15.38 6.77
N SER A 92 5.48 14.61 7.62
CA SER A 92 4.69 15.18 8.71
C SER A 92 3.44 15.86 8.17
N GLU A 93 3.63 16.94 7.42
CA GLU A 93 2.52 17.68 6.85
C GLU A 93 2.13 17.13 5.48
N SER A 94 3.13 16.96 4.62
CA SER A 94 2.90 16.44 3.28
C SER A 94 1.96 17.35 2.49
N ARG A 95 2.54 18.17 1.61
CA ARG A 95 1.77 19.09 0.80
C ARG A 95 2.39 19.25 -0.59
N ARG A 96 1.57 19.12 -1.62
CA ARG A 96 2.04 19.25 -3.00
C ARG A 96 0.89 19.55 -3.95
N ALA A 97 -0.11 20.26 -3.44
CA ALA A 97 -1.29 20.62 -4.25
C ALA A 97 -1.05 21.93 -5.00
N ASP A 98 -1.06 21.83 -6.32
CA ASP A 98 -0.85 23.01 -7.16
C ASP A 98 0.51 23.64 -6.90
N GLU A 99 0.78 24.76 -7.57
CA GLU A 99 2.05 25.46 -7.41
C GLU A 99 1.90 26.94 -7.70
N ARG A 100 0.71 27.47 -7.42
CA ARG A 100 0.43 28.89 -7.66
C ARG A 100 0.15 29.61 -6.34
N LEU A 101 0.60 30.86 -6.26
CA LEU A 101 0.40 31.66 -5.05
C LEU A 101 -0.99 32.28 -5.05
N LYS A 102 -1.36 32.93 -6.14
CA LYS A 102 -2.67 33.56 -6.26
C LYS A 102 -3.10 33.64 -7.72
N ASP A 103 -4.23 34.31 -7.96
CA ASP A 103 -4.75 34.45 -9.31
C ASP A 103 -5.07 33.09 -9.93
N SER A 104 -6.35 32.83 -10.13
CA SER A 104 -6.79 31.56 -10.71
C SER A 104 -7.56 31.79 -12.01
N PHE A 105 -7.91 30.70 -12.69
CA PHE A 105 -8.64 30.78 -13.94
C PHE A 105 -10.04 30.19 -13.79
N GLU A 106 -10.80 30.20 -14.88
CA GLU A 106 -12.15 29.66 -14.87
C GLU A 106 -12.15 28.20 -15.31
N ASN A 107 -11.66 27.94 -16.52
CA ASN A 107 -11.60 26.59 -17.05
C ASN A 107 -10.65 25.73 -16.25
N MET A 1 -7.13 -3.85 8.69
CA MET A 1 -8.27 -2.90 8.74
C MET A 1 -9.40 -3.34 7.80
N THR A 2 -9.57 -4.64 7.64
CA THR A 2 -10.61 -5.19 6.77
C THR A 2 -10.32 -4.90 5.30
N LEU A 3 -9.11 -4.45 5.03
CA LEU A 3 -8.68 -4.10 3.66
C LEU A 3 -9.41 -4.91 2.60
N ASN A 4 -10.03 -4.19 1.67
CA ASN A 4 -10.79 -4.80 0.59
C ASN A 4 -9.93 -5.13 -0.61
N ILE A 5 -10.51 -5.87 -1.55
CA ILE A 5 -9.83 -6.26 -2.76
C ILE A 5 -10.67 -5.95 -4.00
N THR A 6 -10.01 -5.78 -5.14
CA THR A 6 -10.70 -5.49 -6.39
C THR A 6 -9.96 -6.11 -7.56
N SER A 7 -9.54 -7.35 -7.40
CA SER A 7 -8.81 -8.07 -8.43
C SER A 7 -9.51 -7.98 -9.78
N LYS A 8 -8.88 -7.32 -10.73
CA LYS A 8 -9.46 -7.15 -12.07
C LYS A 8 -9.70 -8.50 -12.74
N GLN A 9 -8.77 -9.44 -12.57
CA GLN A 9 -8.89 -10.76 -13.17
C GLN A 9 -8.83 -11.86 -12.11
N MET A 10 -7.61 -12.32 -11.78
CA MET A 10 -7.44 -13.38 -10.79
C MET A 10 -8.18 -13.06 -9.51
N ASP A 11 -9.28 -13.77 -9.27
CA ASP A 11 -10.07 -13.56 -8.07
C ASP A 11 -9.21 -13.70 -6.82
N ILE A 12 -9.82 -13.56 -5.66
CA ILE A 12 -9.09 -13.68 -4.40
C ILE A 12 -9.33 -15.03 -3.75
N THR A 13 -8.32 -15.50 -3.02
CA THR A 13 -8.40 -16.78 -2.33
C THR A 13 -7.64 -16.70 -1.00
N PRO A 14 -7.75 -17.74 -0.16
CA PRO A 14 -7.07 -17.78 1.14
C PRO A 14 -5.64 -17.24 1.08
N ALA A 15 -4.91 -17.62 0.05
CA ALA A 15 -3.53 -17.18 -0.12
C ALA A 15 -3.44 -15.65 -0.11
N ILE A 16 -3.69 -15.02 -1.27
CA ILE A 16 -3.63 -13.57 -1.36
C ILE A 16 -4.45 -12.93 -0.24
N ARG A 17 -5.73 -13.30 -0.15
CA ARG A 17 -6.61 -12.78 0.89
C ARG A 17 -5.86 -12.69 2.21
N GLU A 18 -5.34 -13.84 2.65
CA GLU A 18 -4.58 -13.91 3.90
C GLU A 18 -3.35 -13.01 3.81
N HIS A 19 -2.73 -12.97 2.62
CA HIS A 19 -1.56 -12.14 2.40
C HIS A 19 -1.94 -10.69 2.57
N LEU A 20 -2.78 -10.19 1.66
CA LEU A 20 -3.27 -8.82 1.70
C LEU A 20 -3.70 -8.45 3.12
N GLU A 21 -4.50 -9.33 3.72
CA GLU A 21 -4.97 -9.13 5.08
C GLU A 21 -3.79 -9.08 6.06
N GLU A 22 -2.94 -10.10 5.99
CA GLU A 22 -1.76 -10.17 6.85
C GLU A 22 -0.90 -8.92 6.67
N ARG A 23 -0.51 -8.65 5.43
CA ARG A 23 0.30 -7.47 5.13
C ARG A 23 -0.36 -6.24 5.73
N LEU A 24 -1.68 -6.17 5.59
CA LEU A 24 -2.44 -5.06 6.14
C LEU A 24 -2.25 -5.02 7.65
N ALA A 25 -2.53 -6.14 8.31
CA ALA A 25 -2.36 -6.24 9.75
C ALA A 25 -0.96 -5.80 10.14
N LYS A 26 -0.01 -6.05 9.24
CA LYS A 26 1.38 -5.66 9.47
C LYS A 26 1.53 -4.15 9.31
N LEU A 27 0.81 -3.59 8.34
CA LEU A 27 0.86 -2.15 8.10
C LEU A 27 0.01 -1.39 9.13
N GLY A 28 -0.75 -2.13 9.93
CA GLY A 28 -1.57 -1.49 10.94
C GLY A 28 -0.73 -0.94 12.08
N LYS A 29 0.29 -1.69 12.47
CA LYS A 29 1.20 -1.29 13.54
C LYS A 29 1.89 0.03 13.19
N TRP A 30 2.03 0.29 11.90
CA TRP A 30 2.68 1.47 11.42
C TRP A 30 1.97 2.73 11.90
N GLN A 31 2.74 3.79 11.97
CA GLN A 31 2.25 5.11 12.39
C GLN A 31 1.15 5.57 11.45
N THR A 32 0.00 4.89 11.49
CA THR A 32 -1.09 5.24 10.61
C THR A 32 -2.38 4.51 11.00
N GLN A 33 -3.50 5.07 10.57
CA GLN A 33 -4.80 4.49 10.81
C GLN A 33 -5.49 4.35 9.47
N LEU A 34 -5.17 3.26 8.80
CA LEU A 34 -5.68 2.96 7.48
C LEU A 34 -7.10 3.44 7.26
N ILE A 35 -7.22 4.46 6.41
CA ILE A 35 -8.50 5.04 6.06
C ILE A 35 -9.10 4.28 4.89
N SER A 36 -9.88 3.25 5.19
CA SER A 36 -10.49 2.43 4.15
C SER A 36 -9.44 1.96 3.15
N PRO A 37 -8.85 0.78 3.41
CA PRO A 37 -7.80 0.21 2.57
C PRO A 37 -8.31 -0.76 1.50
N HIS A 38 -7.69 -0.68 0.33
CA HIS A 38 -8.03 -1.55 -0.79
C HIS A 38 -6.76 -2.20 -1.33
N PHE A 39 -6.97 -3.17 -2.21
CA PHE A 39 -5.85 -3.85 -2.84
C PHE A 39 -6.24 -4.39 -4.21
N VAL A 40 -5.85 -3.67 -5.26
CA VAL A 40 -6.15 -4.07 -6.62
C VAL A 40 -5.04 -4.95 -7.17
N LEU A 41 -5.18 -6.25 -6.98
CA LEU A 41 -4.19 -7.22 -7.44
C LEU A 41 -4.52 -7.77 -8.81
N ASN A 42 -3.49 -8.02 -9.61
CA ASN A 42 -3.68 -8.57 -10.95
C ASN A 42 -2.49 -9.40 -11.39
N LYS A 43 -2.70 -10.14 -12.47
CA LYS A 43 -1.66 -11.00 -13.03
C LYS A 43 -1.54 -10.75 -14.53
N VAL A 44 -0.48 -11.28 -15.12
CA VAL A 44 -0.27 -11.14 -16.54
C VAL A 44 0.73 -12.18 -17.06
N PRO A 45 0.69 -12.48 -18.36
CA PRO A 45 1.60 -13.45 -18.98
C PRO A 45 3.06 -13.20 -18.62
N ASN A 46 3.45 -11.93 -18.64
CA ASN A 46 4.82 -11.54 -18.34
C ASN A 46 5.09 -11.49 -16.83
N GLY A 47 4.07 -11.79 -16.02
CA GLY A 47 4.25 -11.75 -14.58
C GLY A 47 2.98 -11.45 -13.83
N PHE A 48 3.13 -10.76 -12.73
CA PHE A 48 2.02 -10.39 -11.89
C PHE A 48 2.04 -8.89 -11.62
N SER A 49 0.89 -8.24 -11.76
CA SER A 49 0.80 -6.82 -11.51
C SER A 49 -0.11 -6.57 -10.31
N VAL A 50 0.43 -5.89 -9.32
CA VAL A 50 -0.31 -5.61 -8.11
C VAL A 50 -0.32 -4.12 -7.81
N GLU A 51 -1.50 -3.58 -7.54
CA GLU A 51 -1.65 -2.16 -7.22
C GLU A 51 -2.52 -2.00 -5.98
N ALA A 52 -2.02 -1.25 -5.01
CA ALA A 52 -2.74 -1.03 -3.77
C ALA A 52 -3.12 0.44 -3.61
N SER A 53 -4.17 0.68 -2.82
CA SER A 53 -4.64 2.03 -2.57
C SER A 53 -5.22 2.15 -1.17
N ILE A 54 -4.45 2.77 -0.28
CA ILE A 54 -4.88 2.96 1.09
C ILE A 54 -4.91 4.44 1.44
N GLY A 55 -5.36 4.77 2.66
CA GLY A 55 -5.42 6.15 3.07
C GLY A 55 -4.95 6.36 4.48
N THR A 56 -4.32 7.49 4.71
CA THR A 56 -3.82 7.85 6.03
C THR A 56 -4.21 9.29 6.37
N PRO A 57 -4.64 9.55 7.61
CA PRO A 57 -5.00 10.90 8.01
C PRO A 57 -3.88 11.89 7.69
N LEU A 58 -2.66 11.37 7.52
CA LEU A 58 -1.51 12.22 7.22
C LEU A 58 -1.09 12.10 5.75
N GLY A 59 -1.93 11.43 4.95
CA GLY A 59 -1.62 11.26 3.55
C GLY A 59 -2.24 10.00 2.97
N ASN A 60 -2.54 10.03 1.68
CA ASN A 60 -3.13 8.87 1.02
C ASN A 60 -2.05 7.85 0.66
N LEU A 61 -2.47 6.67 0.24
CA LEU A 61 -1.52 5.62 -0.13
C LEU A 61 -1.92 4.92 -1.42
N LEU A 62 -0.96 4.76 -2.30
CA LEU A 62 -1.17 4.07 -3.56
C LEU A 62 0.12 3.43 -4.02
N ALA A 63 0.01 2.30 -4.69
CA ALA A 63 1.18 1.58 -5.17
C ALA A 63 0.84 0.66 -6.33
N SER A 64 1.85 0.27 -7.08
CA SER A 64 1.67 -0.61 -8.23
C SER A 64 3.01 -1.19 -8.68
N ALA A 65 3.03 -2.49 -8.92
CA ALA A 65 4.25 -3.16 -9.35
C ALA A 65 3.96 -4.38 -10.19
N THR A 66 4.88 -4.69 -11.11
CA THR A 66 4.75 -5.84 -11.99
C THR A 66 6.00 -6.71 -11.91
N SER A 67 5.81 -8.01 -11.70
CA SER A 67 6.96 -8.92 -11.61
C SER A 67 6.51 -10.37 -11.76
N ASP A 68 7.47 -11.24 -12.06
CA ASP A 68 7.18 -12.66 -12.22
C ASP A 68 7.08 -13.36 -10.86
N ASP A 69 7.15 -12.58 -9.78
CA ASP A 69 7.06 -13.13 -8.43
C ASP A 69 5.89 -12.54 -7.66
N MET A 70 4.80 -13.29 -7.63
CA MET A 70 3.58 -12.89 -6.95
C MET A 70 3.83 -12.16 -5.62
N TYR A 71 4.30 -12.91 -4.62
CA TYR A 71 4.54 -12.33 -3.31
C TYR A 71 5.63 -11.28 -3.34
N LYS A 72 6.53 -11.35 -4.32
CA LYS A 72 7.57 -10.35 -4.45
C LYS A 72 6.96 -9.06 -4.99
N ALA A 73 6.00 -9.22 -5.91
CA ALA A 73 5.30 -8.07 -6.48
C ALA A 73 4.55 -7.41 -5.34
N ILE A 74 3.88 -8.25 -4.55
CA ILE A 74 3.19 -7.77 -3.37
C ILE A 74 4.24 -7.21 -2.42
N ASN A 75 5.38 -7.91 -2.42
CA ASN A 75 6.54 -7.54 -1.63
C ASN A 75 6.96 -6.13 -2.01
N GLU A 76 6.95 -5.85 -3.31
CA GLU A 76 7.30 -4.55 -3.84
C GLU A 76 6.24 -3.52 -3.47
N VAL A 77 4.98 -3.83 -3.80
CA VAL A 77 3.87 -2.94 -3.49
C VAL A 77 3.93 -2.50 -2.05
N GLU A 78 4.03 -3.47 -1.15
CA GLU A 78 4.12 -3.18 0.26
C GLU A 78 5.28 -2.23 0.53
N GLU A 79 6.34 -2.39 -0.27
CA GLU A 79 7.50 -1.53 -0.14
C GLU A 79 7.12 -0.10 -0.51
N LYS A 80 6.34 0.02 -1.57
CA LYS A 80 5.88 1.34 -2.01
C LYS A 80 4.97 1.94 -0.94
N LEU A 81 3.93 1.18 -0.58
CA LEU A 81 2.99 1.60 0.45
C LEU A 81 3.73 1.97 1.74
N GLU A 82 4.68 1.13 2.15
CA GLU A 82 5.45 1.39 3.36
C GLU A 82 6.29 2.66 3.18
N ARG A 83 7.00 2.73 2.05
CA ARG A 83 7.83 3.88 1.76
C ARG A 83 6.99 5.16 1.85
N GLN A 84 5.82 5.13 1.21
CA GLN A 84 4.90 6.26 1.25
C GLN A 84 4.48 6.54 2.68
N LEU A 85 4.21 5.45 3.42
CA LEU A 85 3.81 5.57 4.81
C LEU A 85 4.87 6.33 5.60
N ASN A 86 6.11 5.84 5.54
CA ASN A 86 7.22 6.48 6.22
C ASN A 86 7.37 7.91 5.74
N LYS A 87 7.26 8.09 4.43
CA LYS A 87 7.38 9.41 3.83
C LYS A 87 6.31 10.37 4.36
N LEU A 88 5.06 9.90 4.38
CA LEU A 88 3.97 10.75 4.86
C LEU A 88 4.17 11.09 6.32
N GLN A 89 4.35 10.06 7.15
CA GLN A 89 4.57 10.28 8.58
C GLN A 89 5.81 11.13 8.78
N HIS A 90 6.77 11.00 7.87
CA HIS A 90 8.01 11.77 7.91
C HIS A 90 7.76 13.20 7.50
N LYS A 91 6.97 13.37 6.46
CA LYS A 91 6.66 14.69 5.93
C LYS A 91 6.25 15.64 7.06
N SER A 92 6.39 16.94 6.81
CA SER A 92 6.04 17.96 7.80
C SER A 92 5.98 19.34 7.16
N GLU A 93 6.97 19.65 6.32
CA GLU A 93 7.04 20.94 5.65
C GLU A 93 7.15 22.07 6.66
N SER A 94 6.96 23.31 6.20
CA SER A 94 7.04 24.46 7.08
C SER A 94 8.41 24.56 7.74
N ARG A 95 9.33 25.30 7.11
CA ARG A 95 10.68 25.46 7.64
C ARG A 95 11.03 26.94 7.77
N ARG A 96 10.85 27.69 6.69
CA ARG A 96 11.14 29.11 6.69
C ARG A 96 12.60 29.37 7.08
N ALA A 97 13.47 28.43 6.73
CA ALA A 97 14.90 28.55 7.04
C ALA A 97 15.72 28.74 5.77
N ASP A 98 15.24 28.19 4.66
CA ASP A 98 15.93 28.30 3.39
C ASP A 98 14.95 28.36 2.22
N GLU A 99 14.81 29.54 1.64
CA GLU A 99 13.89 29.73 0.52
C GLU A 99 14.64 29.70 -0.80
N ARG A 100 14.92 28.49 -1.29
CA ARG A 100 15.65 28.32 -2.54
C ARG A 100 15.38 26.94 -3.14
N LEU A 101 15.40 25.92 -2.29
CA LEU A 101 15.17 24.53 -2.71
C LEU A 101 15.91 24.21 -4.01
N LYS A 102 15.60 23.07 -4.60
CA LYS A 102 16.24 22.65 -5.84
C LYS A 102 15.57 21.39 -6.41
N ASP A 103 14.66 21.59 -7.37
CA ASP A 103 13.95 20.49 -7.99
C ASP A 103 14.88 19.69 -8.91
N SER A 104 14.68 18.38 -8.96
CA SER A 104 15.49 17.52 -9.80
C SER A 104 14.83 16.15 -9.98
N PHE A 105 14.32 15.59 -8.87
CA PHE A 105 13.67 14.30 -8.90
C PHE A 105 12.39 14.35 -9.73
N GLU A 106 11.74 15.50 -9.73
CA GLU A 106 10.50 15.68 -10.48
C GLU A 106 10.72 15.44 -11.96
N ASN A 107 11.42 16.37 -12.62
CA ASN A 107 11.70 16.24 -14.04
C ASN A 107 13.12 15.73 -14.28
N MET A 1 -10.53 -1.89 10.51
CA MET A 1 -10.34 -1.45 9.10
C MET A 1 -9.98 -2.63 8.21
N THR A 2 -11.01 -3.37 7.78
CA THR A 2 -10.81 -4.52 6.92
C THR A 2 -10.42 -4.09 5.50
N LEU A 3 -9.23 -4.46 5.08
CA LEU A 3 -8.73 -4.10 3.75
C LEU A 3 -9.46 -4.86 2.66
N ASN A 4 -10.02 -4.11 1.71
CA ASN A 4 -10.75 -4.71 0.61
C ASN A 4 -9.85 -5.03 -0.58
N ILE A 5 -10.38 -5.83 -1.51
CA ILE A 5 -9.64 -6.22 -2.70
C ILE A 5 -10.52 -6.08 -3.94
N THR A 6 -9.92 -5.60 -5.03
CA THR A 6 -10.65 -5.41 -6.28
C THR A 6 -10.30 -6.50 -7.29
N SER A 7 -9.04 -6.51 -7.72
CA SER A 7 -8.55 -7.49 -8.69
C SER A 7 -9.42 -7.51 -9.94
N LYS A 8 -8.89 -6.97 -11.04
CA LYS A 8 -9.62 -6.93 -12.29
C LYS A 8 -9.88 -8.33 -12.85
N GLN A 9 -8.87 -9.20 -12.78
CA GLN A 9 -9.00 -10.56 -13.30
C GLN A 9 -8.97 -11.60 -12.18
N MET A 10 -7.77 -12.09 -11.83
CA MET A 10 -7.62 -13.10 -10.79
C MET A 10 -8.41 -12.73 -9.55
N ASP A 11 -9.51 -13.46 -9.30
CA ASP A 11 -10.35 -13.21 -8.15
C ASP A 11 -9.55 -13.33 -6.85
N ILE A 12 -10.25 -13.30 -5.73
CA ILE A 12 -9.61 -13.41 -4.42
C ILE A 12 -9.82 -14.79 -3.82
N THR A 13 -8.77 -15.30 -3.19
CA THR A 13 -8.82 -16.61 -2.56
C THR A 13 -8.07 -16.57 -1.23
N PRO A 14 -8.01 -17.71 -0.51
CA PRO A 14 -7.32 -17.78 0.78
C PRO A 14 -5.93 -17.12 0.74
N ALA A 15 -5.13 -17.51 -0.24
CA ALA A 15 -3.79 -16.95 -0.38
C ALA A 15 -3.82 -15.43 -0.39
N ILE A 16 -4.26 -14.86 -1.52
CA ILE A 16 -4.36 -13.41 -1.65
C ILE A 16 -5.05 -12.80 -0.43
N ARG A 17 -6.32 -13.15 -0.24
CA ARG A 17 -7.10 -12.64 0.90
C ARG A 17 -6.27 -12.64 2.17
N GLU A 18 -5.84 -13.84 2.59
CA GLU A 18 -5.03 -13.99 3.79
C GLU A 18 -3.76 -13.14 3.69
N HIS A 19 -3.18 -13.09 2.49
CA HIS A 19 -1.98 -12.30 2.26
C HIS A 19 -2.27 -10.83 2.51
N LEU A 20 -3.07 -10.25 1.63
CA LEU A 20 -3.48 -8.84 1.76
C LEU A 20 -3.88 -8.52 3.19
N GLU A 21 -4.76 -9.35 3.75
CA GLU A 21 -5.22 -9.16 5.12
C GLU A 21 -4.01 -9.15 6.06
N GLU A 22 -3.24 -10.22 6.03
CA GLU A 22 -2.04 -10.33 6.86
C GLU A 22 -1.15 -9.10 6.64
N ARG A 23 -1.13 -8.62 5.39
CA ARG A 23 -0.34 -7.44 5.05
C ARG A 23 -0.86 -6.24 5.82
N LEU A 24 -2.16 -5.97 5.70
CA LEU A 24 -2.76 -4.86 6.40
C LEU A 24 -2.53 -5.00 7.90
N ALA A 25 -2.80 -6.21 8.41
CA ALA A 25 -2.60 -6.49 9.83
C ALA A 25 -1.14 -6.22 10.19
N LYS A 26 -0.26 -6.46 9.23
CA LYS A 26 1.17 -6.22 9.44
C LYS A 26 1.46 -4.73 9.42
N LEU A 27 0.80 -4.01 8.51
CA LEU A 27 0.98 -2.57 8.40
C LEU A 27 0.28 -1.85 9.55
N GLY A 28 -0.53 -2.60 10.31
CA GLY A 28 -1.23 -2.02 11.44
C GLY A 28 -0.26 -1.49 12.49
N LYS A 29 0.86 -2.17 12.63
CA LYS A 29 1.89 -1.77 13.58
C LYS A 29 2.47 -0.41 13.21
N TRP A 30 2.43 -0.10 11.92
CA TRP A 30 2.95 1.17 11.42
C TRP A 30 2.06 2.32 11.86
N GLN A 31 2.46 3.01 12.93
CA GLN A 31 1.71 4.15 13.49
C GLN A 31 0.91 4.88 12.42
N THR A 32 -0.21 4.29 12.02
CA THR A 32 -1.07 4.85 11.01
C THR A 32 -2.47 4.26 11.13
N GLN A 33 -3.43 4.91 10.47
CA GLN A 33 -4.80 4.45 10.48
C GLN A 33 -5.29 4.35 9.06
N LEU A 34 -5.16 3.15 8.51
CA LEU A 34 -5.54 2.90 7.14
C LEU A 34 -6.96 3.35 6.85
N ILE A 35 -7.10 4.58 6.38
CA ILE A 35 -8.40 5.13 6.04
C ILE A 35 -8.97 4.39 4.83
N SER A 36 -9.78 3.38 5.09
CA SER A 36 -10.39 2.59 4.02
C SER A 36 -9.32 2.04 3.07
N PRO A 37 -8.85 0.83 3.35
CA PRO A 37 -7.80 0.17 2.57
C PRO A 37 -8.35 -0.74 1.46
N HIS A 38 -7.67 -0.71 0.32
CA HIS A 38 -8.02 -1.53 -0.83
C HIS A 38 -6.79 -2.21 -1.39
N PHE A 39 -7.01 -3.12 -2.32
CA PHE A 39 -5.90 -3.81 -2.96
C PHE A 39 -6.28 -4.23 -4.38
N VAL A 40 -5.76 -3.51 -5.37
CA VAL A 40 -6.02 -3.81 -6.76
C VAL A 40 -4.88 -4.63 -7.35
N LEU A 41 -5.03 -5.96 -7.32
CA LEU A 41 -4.01 -6.85 -7.83
C LEU A 41 -4.38 -7.41 -9.21
N ASN A 42 -3.37 -7.69 -10.01
CA ASN A 42 -3.58 -8.24 -11.34
C ASN A 42 -2.41 -9.13 -11.77
N LYS A 43 -2.68 -9.96 -12.77
CA LYS A 43 -1.68 -10.88 -13.29
C LYS A 43 -1.45 -10.62 -14.77
N VAL A 44 -0.30 -11.03 -15.28
CA VAL A 44 0.01 -10.86 -16.68
C VAL A 44 1.16 -11.77 -17.11
N PRO A 45 1.11 -12.28 -18.36
CA PRO A 45 2.13 -13.18 -18.90
C PRO A 45 3.56 -12.74 -18.56
N ASN A 46 3.85 -11.47 -18.80
CA ASN A 46 5.17 -10.92 -18.53
C ASN A 46 5.34 -10.56 -17.06
N GLY A 47 4.50 -11.12 -16.20
CA GLY A 47 4.61 -10.83 -14.78
C GLY A 47 3.28 -10.48 -14.14
N PHE A 48 3.27 -10.49 -12.82
CA PHE A 48 2.07 -10.17 -12.05
C PHE A 48 2.10 -8.70 -11.65
N SER A 49 1.07 -7.96 -12.06
CA SER A 49 0.98 -6.55 -11.70
C SER A 49 0.04 -6.38 -10.54
N VAL A 50 0.56 -5.81 -9.47
CA VAL A 50 -0.24 -5.59 -8.26
C VAL A 50 -0.12 -4.14 -7.78
N GLU A 51 -1.26 -3.50 -7.58
CA GLU A 51 -1.29 -2.12 -7.11
C GLU A 51 -2.13 -2.00 -5.85
N ALA A 52 -1.49 -1.59 -4.77
CA ALA A 52 -2.18 -1.42 -3.50
C ALA A 52 -2.64 0.01 -3.32
N SER A 53 -3.79 0.18 -2.68
CA SER A 53 -4.35 1.51 -2.46
C SER A 53 -4.97 1.62 -1.07
N ILE A 54 -4.33 2.40 -0.21
CA ILE A 54 -4.82 2.61 1.16
C ILE A 54 -4.90 4.09 1.47
N GLY A 55 -5.52 4.43 2.59
CA GLY A 55 -5.65 5.82 2.98
C GLY A 55 -5.01 6.10 4.31
N THR A 56 -4.57 7.32 4.48
CA THR A 56 -3.92 7.75 5.72
C THR A 56 -4.20 9.22 6.00
N PRO A 57 -4.42 9.59 7.27
CA PRO A 57 -4.66 10.98 7.63
C PRO A 57 -3.54 11.89 7.13
N LEU A 58 -2.39 11.28 6.82
CA LEU A 58 -1.23 12.04 6.34
C LEU A 58 -1.18 12.05 4.82
N GLY A 59 -1.86 11.10 4.19
CA GLY A 59 -1.87 11.03 2.74
C GLY A 59 -2.19 9.64 2.23
N ASN A 60 -3.11 9.57 1.28
CA ASN A 60 -3.51 8.30 0.69
C ASN A 60 -2.32 7.48 0.22
N LEU A 61 -2.27 6.22 0.63
CA LEU A 61 -1.19 5.33 0.24
C LEU A 61 -1.55 4.58 -1.04
N LEU A 62 -0.58 4.48 -1.94
CA LEU A 62 -0.79 3.77 -3.20
C LEU A 62 0.51 3.17 -3.69
N ALA A 63 0.40 2.08 -4.42
CA ALA A 63 1.58 1.40 -4.94
C ALA A 63 1.21 0.48 -6.11
N SER A 64 2.22 0.08 -6.87
CA SER A 64 2.00 -0.81 -8.01
C SER A 64 3.32 -1.41 -8.48
N ALA A 65 3.31 -2.71 -8.75
CA ALA A 65 4.52 -3.39 -9.21
C ALA A 65 4.18 -4.59 -10.09
N THR A 66 5.04 -4.83 -11.09
CA THR A 66 4.85 -5.95 -12.01
C THR A 66 6.04 -6.90 -11.94
N SER A 67 5.84 -8.06 -11.34
CA SER A 67 6.92 -9.04 -11.22
C SER A 67 6.40 -10.45 -11.50
N ASP A 68 7.29 -11.31 -11.97
CA ASP A 68 6.92 -12.69 -12.26
C ASP A 68 6.66 -13.48 -10.98
N ASP A 69 6.84 -12.82 -9.83
CA ASP A 69 6.62 -13.46 -8.54
C ASP A 69 5.44 -12.84 -7.81
N MET A 70 4.32 -13.55 -7.81
CA MET A 70 3.09 -13.11 -7.16
C MET A 70 3.34 -12.42 -5.82
N TYR A 71 3.76 -13.19 -4.82
CA TYR A 71 3.99 -12.66 -3.49
C TYR A 71 5.14 -11.66 -3.48
N LYS A 72 6.05 -11.77 -4.43
CA LYS A 72 7.15 -10.81 -4.51
C LYS A 72 6.60 -9.50 -5.04
N ALA A 73 5.64 -9.59 -5.96
CA ALA A 73 4.99 -8.42 -6.51
C ALA A 73 4.28 -7.72 -5.37
N ILE A 74 3.50 -8.52 -4.64
CA ILE A 74 2.82 -8.04 -3.46
C ILE A 74 3.89 -7.57 -2.48
N ASN A 75 5.00 -8.30 -2.49
CA ASN A 75 6.16 -8.01 -1.68
C ASN A 75 6.68 -6.62 -2.03
N GLU A 76 6.68 -6.33 -3.32
CA GLU A 76 7.12 -5.04 -3.83
C GLU A 76 6.13 -3.95 -3.41
N VAL A 77 4.85 -4.15 -3.72
CA VAL A 77 3.81 -3.19 -3.35
C VAL A 77 3.91 -2.86 -1.88
N GLU A 78 3.98 -3.90 -1.05
CA GLU A 78 4.09 -3.71 0.38
C GLU A 78 5.30 -2.85 0.70
N GLU A 79 6.35 -3.00 -0.09
CA GLU A 79 7.57 -2.23 0.08
C GLU A 79 7.30 -0.77 -0.26
N LYS A 80 6.59 -0.55 -1.36
CA LYS A 80 6.26 0.82 -1.77
C LYS A 80 5.28 1.42 -0.78
N LEU A 81 4.26 0.65 -0.43
CA LEU A 81 3.24 1.09 0.52
C LEU A 81 3.88 1.40 1.87
N GLU A 82 4.78 0.52 2.32
CA GLU A 82 5.47 0.72 3.59
C GLU A 82 6.42 1.91 3.49
N ARG A 83 7.32 1.86 2.52
CA ARG A 83 8.27 2.95 2.31
C ARG A 83 7.52 4.28 2.28
N GLN A 84 6.43 4.30 1.52
CA GLN A 84 5.60 5.50 1.43
C GLN A 84 5.07 5.84 2.82
N LEU A 85 4.59 4.80 3.52
CA LEU A 85 4.09 4.97 4.89
C LEU A 85 5.13 5.75 5.70
N ASN A 86 6.37 5.27 5.63
CA ASN A 86 7.48 5.91 6.32
C ASN A 86 7.62 7.35 5.83
N LYS A 87 7.47 7.55 4.52
CA LYS A 87 7.55 8.88 3.95
C LYS A 87 6.51 9.78 4.59
N LEU A 88 5.28 9.30 4.64
CA LEU A 88 4.19 10.06 5.25
C LEU A 88 4.55 10.39 6.68
N GLN A 89 4.85 9.34 7.45
CA GLN A 89 5.22 9.50 8.85
C GLN A 89 6.46 10.38 8.97
N HIS A 90 7.28 10.38 7.92
CA HIS A 90 8.50 11.18 7.88
C HIS A 90 8.17 12.64 7.64
N LYS A 91 7.42 12.89 6.57
CA LYS A 91 7.03 14.25 6.20
C LYS A 91 6.42 14.99 7.39
N SER A 92 5.18 14.63 7.72
CA SER A 92 4.47 15.26 8.83
C SER A 92 4.72 14.49 10.13
N GLU A 93 5.47 15.11 11.04
CA GLU A 93 5.79 14.48 12.32
C GLU A 93 4.94 15.07 13.45
N SER A 94 4.08 16.04 13.11
CA SER A 94 3.21 16.69 14.09
C SER A 94 3.93 17.85 14.81
N ARG A 95 5.23 17.66 15.06
CA ARG A 95 6.02 18.69 15.74
C ARG A 95 5.56 18.87 17.18
N ARG A 96 6.09 18.03 18.07
CA ARG A 96 5.74 18.09 19.48
C ARG A 96 6.97 17.92 20.36
N ALA A 97 7.40 19.02 20.98
CA ALA A 97 8.58 18.99 21.85
C ALA A 97 8.57 20.18 22.81
N ASP A 98 8.57 19.88 24.11
CA ASP A 98 8.57 20.92 25.13
C ASP A 98 9.89 21.68 25.13
N GLU A 99 9.80 23.00 25.21
CA GLU A 99 10.99 23.84 25.21
C GLU A 99 11.55 23.98 26.62
N ARG A 100 12.50 23.12 26.96
CA ARG A 100 13.12 23.15 28.29
C ARG A 100 14.39 22.31 28.31
N LEU A 101 14.22 21.00 28.22
CA LEU A 101 15.37 20.09 28.23
C LEU A 101 15.23 19.04 27.12
N LYS A 102 16.31 18.87 26.35
CA LYS A 102 16.31 17.90 25.26
C LYS A 102 16.04 16.49 25.77
N ASP A 103 16.76 16.10 26.82
CA ASP A 103 16.61 14.77 27.42
C ASP A 103 16.88 13.69 26.38
N SER A 104 18.08 13.10 26.44
CA SER A 104 18.46 12.05 25.52
C SER A 104 19.70 11.29 26.03
N PHE A 105 19.64 10.88 27.30
CA PHE A 105 20.74 10.16 27.91
C PHE A 105 20.89 8.77 27.29
N GLU A 106 19.75 8.19 26.88
CA GLU A 106 19.76 6.86 26.28
C GLU A 106 20.24 6.93 24.83
N ASN A 107 20.98 5.90 24.42
CA ASN A 107 21.50 5.85 23.05
C ASN A 107 21.05 4.57 22.35
N MET A 1 -7.14 -3.20 9.26
CA MET A 1 -8.35 -2.41 8.95
C MET A 1 -9.38 -3.24 8.18
N THR A 2 -10.38 -2.56 7.60
CA THR A 2 -11.43 -3.23 6.84
C THR A 2 -10.85 -4.19 5.81
N LEU A 3 -9.78 -3.75 5.18
CA LEU A 3 -9.10 -4.55 4.16
C LEU A 3 -10.06 -4.93 3.03
N ASN A 4 -9.81 -4.40 1.84
CA ASN A 4 -10.67 -4.70 0.69
C ASN A 4 -9.82 -4.97 -0.55
N ILE A 5 -10.34 -5.83 -1.42
CA ILE A 5 -9.64 -6.20 -2.65
C ILE A 5 -10.52 -5.99 -3.88
N THR A 6 -9.87 -5.90 -5.04
CA THR A 6 -10.60 -5.71 -6.29
C THR A 6 -9.76 -6.19 -7.48
N SER A 7 -9.54 -7.51 -7.54
CA SER A 7 -8.75 -8.10 -8.63
C SER A 7 -9.46 -7.94 -9.96
N LYS A 8 -8.82 -7.26 -10.89
CA LYS A 8 -9.41 -7.05 -12.22
C LYS A 8 -9.68 -8.40 -12.91
N GLN A 9 -8.77 -9.34 -12.74
CA GLN A 9 -8.91 -10.65 -13.35
C GLN A 9 -8.84 -11.77 -12.31
N MET A 10 -7.63 -12.25 -12.00
CA MET A 10 -7.44 -13.32 -11.02
C MET A 10 -8.26 -13.06 -9.77
N ASP A 11 -9.34 -13.81 -9.62
CA ASP A 11 -10.23 -13.66 -8.46
C ASP A 11 -9.46 -13.75 -7.15
N ILE A 12 -10.19 -13.56 -6.05
CA ILE A 12 -9.58 -13.62 -4.72
C ILE A 12 -9.75 -15.02 -4.12
N THR A 13 -8.71 -15.50 -3.45
CA THR A 13 -8.74 -16.80 -2.83
C THR A 13 -8.01 -16.76 -1.48
N PRO A 14 -8.06 -17.85 -0.70
CA PRO A 14 -7.40 -17.92 0.62
C PRO A 14 -6.03 -17.24 0.62
N ALA A 15 -5.19 -17.60 -0.35
CA ALA A 15 -3.85 -17.03 -0.45
C ALA A 15 -3.92 -15.50 -0.45
N ILE A 16 -4.32 -14.93 -1.57
CA ILE A 16 -4.44 -13.48 -1.69
C ILE A 16 -5.19 -12.89 -0.50
N ARG A 17 -6.46 -13.27 -0.35
CA ARG A 17 -7.29 -12.79 0.75
C ARG A 17 -6.50 -12.78 2.06
N GLU A 18 -6.04 -13.97 2.48
CA GLU A 18 -5.26 -14.11 3.70
C GLU A 18 -4.00 -13.24 3.65
N HIS A 19 -3.38 -13.18 2.47
CA HIS A 19 -2.19 -12.38 2.28
C HIS A 19 -2.52 -10.91 2.54
N LEU A 20 -3.34 -10.34 1.66
CA LEU A 20 -3.78 -8.96 1.77
C LEU A 20 -4.24 -8.66 3.19
N GLU A 21 -5.01 -9.57 3.76
CA GLU A 21 -5.51 -9.40 5.12
C GLU A 21 -4.34 -9.42 6.11
N GLU A 22 -3.52 -10.45 6.02
CA GLU A 22 -2.34 -10.56 6.88
C GLU A 22 -1.48 -9.32 6.75
N ARG A 23 -1.28 -8.88 5.51
CA ARG A 23 -0.48 -7.69 5.24
C ARG A 23 -1.12 -6.47 5.91
N LEU A 24 -2.40 -6.26 5.60
CA LEU A 24 -3.13 -5.14 6.17
C LEU A 24 -3.10 -5.22 7.70
N ALA A 25 -3.45 -6.37 8.23
CA ALA A 25 -3.43 -6.58 9.67
C ALA A 25 -2.05 -6.30 10.22
N LYS A 26 -1.02 -6.60 9.42
CA LYS A 26 0.36 -6.35 9.81
C LYS A 26 0.65 -4.86 9.74
N LEU A 27 0.08 -4.20 8.73
CA LEU A 27 0.27 -2.77 8.56
C LEU A 27 -0.59 -1.98 9.55
N GLY A 28 -1.48 -2.68 10.25
CA GLY A 28 -2.33 -2.03 11.22
C GLY A 28 -1.53 -1.52 12.41
N LYS A 29 -0.44 -2.21 12.72
CA LYS A 29 0.42 -1.81 13.84
C LYS A 29 1.25 -0.58 13.50
N TRP A 30 1.22 -0.18 12.23
CA TRP A 30 1.96 0.99 11.77
C TRP A 30 1.23 2.27 12.17
N GLN A 31 1.67 2.90 13.26
CA GLN A 31 1.06 4.13 13.78
C GLN A 31 0.39 4.97 12.68
N THR A 32 -0.78 4.50 12.25
CA THR A 32 -1.54 5.17 11.21
C THR A 32 -2.98 4.66 11.24
N GLN A 33 -3.87 5.34 10.54
CA GLN A 33 -5.27 4.93 10.48
C GLN A 33 -5.65 4.74 9.03
N LEU A 34 -5.46 3.53 8.56
CA LEU A 34 -5.74 3.19 7.19
C LEU A 34 -7.16 3.56 6.79
N ILE A 35 -7.32 4.73 6.18
CA ILE A 35 -8.62 5.19 5.74
C ILE A 35 -9.11 4.35 4.57
N SER A 36 -9.79 3.25 4.88
CA SER A 36 -10.31 2.37 3.86
C SER A 36 -9.20 1.88 2.93
N PRO A 37 -8.63 0.71 3.26
CA PRO A 37 -7.54 0.11 2.50
C PRO A 37 -8.02 -0.86 1.43
N HIS A 38 -7.54 -0.66 0.20
CA HIS A 38 -7.89 -1.52 -0.91
C HIS A 38 -6.66 -2.21 -1.47
N PHE A 39 -6.90 -3.11 -2.41
CA PHE A 39 -5.82 -3.84 -3.04
C PHE A 39 -6.16 -4.24 -4.47
N VAL A 40 -5.71 -3.44 -5.43
CA VAL A 40 -5.96 -3.71 -6.83
C VAL A 40 -4.85 -4.59 -7.40
N LEU A 41 -5.05 -5.90 -7.33
CA LEU A 41 -4.07 -6.86 -7.82
C LEU A 41 -4.45 -7.41 -9.18
N ASN A 42 -3.44 -7.69 -10.00
CA ASN A 42 -3.65 -8.24 -11.33
C ASN A 42 -2.48 -9.09 -11.78
N LYS A 43 -2.69 -9.82 -12.87
CA LYS A 43 -1.65 -10.67 -13.43
C LYS A 43 -1.42 -10.31 -14.89
N VAL A 44 -0.38 -10.88 -15.48
CA VAL A 44 -0.07 -10.66 -16.87
C VAL A 44 0.99 -11.63 -17.37
N PRO A 45 1.06 -11.84 -18.69
CA PRO A 45 2.03 -12.77 -19.29
C PRO A 45 3.47 -12.47 -18.85
N ASN A 46 3.79 -11.18 -18.74
CA ASN A 46 5.12 -10.76 -18.33
C ASN A 46 5.30 -10.82 -16.81
N GLY A 47 4.27 -11.28 -16.09
CA GLY A 47 4.35 -11.36 -14.66
C GLY A 47 3.04 -10.97 -14.01
N PHE A 48 3.12 -10.70 -12.72
CA PHE A 48 1.96 -10.28 -11.95
C PHE A 48 2.05 -8.81 -11.61
N SER A 49 0.98 -8.08 -11.88
CA SER A 49 0.94 -6.66 -11.56
C SER A 49 0.01 -6.44 -10.38
N VAL A 50 0.55 -5.85 -9.34
CA VAL A 50 -0.21 -5.58 -8.14
C VAL A 50 -0.13 -4.11 -7.73
N GLU A 51 -1.29 -3.49 -7.57
CA GLU A 51 -1.35 -2.09 -7.17
C GLU A 51 -2.25 -1.95 -5.94
N ALA A 52 -1.71 -1.31 -4.92
CA ALA A 52 -2.44 -1.11 -3.68
C ALA A 52 -2.76 0.37 -3.45
N SER A 53 -3.80 0.62 -2.66
CA SER A 53 -4.23 1.98 -2.35
C SER A 53 -4.87 2.03 -0.96
N ILE A 54 -4.16 2.64 0.00
CA ILE A 54 -4.67 2.75 1.36
C ILE A 54 -4.64 4.21 1.84
N GLY A 55 -5.83 4.78 2.04
CA GLY A 55 -5.92 6.15 2.49
C GLY A 55 -5.32 6.35 3.86
N THR A 56 -4.81 7.54 4.06
CA THR A 56 -4.20 7.91 5.33
C THR A 56 -4.37 9.39 5.59
N PRO A 57 -4.63 9.79 6.85
CA PRO A 57 -4.78 11.21 7.19
C PRO A 57 -3.53 12.00 6.80
N LEU A 58 -2.44 11.28 6.51
CA LEU A 58 -1.19 11.92 6.13
C LEU A 58 -1.01 11.92 4.62
N GLY A 59 -1.72 11.01 3.95
CA GLY A 59 -1.64 10.92 2.50
C GLY A 59 -2.08 9.56 1.99
N ASN A 60 -2.94 9.57 0.98
CA ASN A 60 -3.44 8.34 0.39
C ASN A 60 -2.31 7.45 -0.08
N LEU A 61 -2.16 6.29 0.55
CA LEU A 61 -1.11 5.35 0.16
C LEU A 61 -1.46 4.68 -1.16
N LEU A 62 -0.46 4.55 -2.01
CA LEU A 62 -0.66 3.90 -3.30
C LEU A 62 0.63 3.22 -3.73
N ALA A 63 0.49 2.12 -4.42
CA ALA A 63 1.65 1.37 -4.89
C ALA A 63 1.28 0.49 -6.08
N SER A 64 2.30 0.05 -6.81
CA SER A 64 2.10 -0.80 -7.97
C SER A 64 3.40 -1.46 -8.39
N ALA A 65 3.36 -2.77 -8.61
CA ALA A 65 4.55 -3.52 -9.00
C ALA A 65 4.21 -4.69 -9.92
N THR A 66 5.08 -4.92 -10.90
CA THR A 66 4.89 -6.02 -11.85
C THR A 66 6.09 -6.97 -11.79
N SER A 67 5.83 -8.22 -11.41
CA SER A 67 6.90 -9.21 -11.32
C SER A 67 6.35 -10.62 -11.52
N ASP A 68 7.24 -11.53 -11.89
CA ASP A 68 6.85 -12.92 -12.09
C ASP A 68 6.62 -13.64 -10.76
N ASP A 69 6.81 -12.92 -9.66
CA ASP A 69 6.63 -13.49 -8.34
C ASP A 69 5.46 -12.84 -7.60
N MET A 70 4.31 -13.50 -7.66
CA MET A 70 3.09 -13.03 -7.02
C MET A 70 3.32 -12.39 -5.65
N TYR A 71 3.72 -13.20 -4.68
CA TYR A 71 3.94 -12.71 -3.32
C TYR A 71 5.09 -11.73 -3.26
N LYS A 72 6.02 -11.81 -4.21
CA LYS A 72 7.12 -10.87 -4.24
C LYS A 72 6.61 -9.53 -4.76
N ALA A 73 5.69 -9.58 -5.72
CA ALA A 73 5.07 -8.38 -6.26
C ALA A 73 4.31 -7.72 -5.13
N ILE A 74 3.53 -8.53 -4.43
CA ILE A 74 2.80 -8.08 -3.26
C ILE A 74 3.85 -7.63 -2.24
N ASN A 75 4.94 -8.38 -2.22
CA ASN A 75 6.08 -8.10 -1.38
C ASN A 75 6.61 -6.71 -1.68
N GLU A 76 6.63 -6.38 -2.96
CA GLU A 76 7.08 -5.07 -3.42
C GLU A 76 6.07 -4.00 -3.01
N VAL A 77 4.81 -4.20 -3.37
CA VAL A 77 3.75 -3.26 -3.02
C VAL A 77 3.81 -2.94 -1.54
N GLU A 78 3.91 -3.98 -0.72
CA GLU A 78 4.00 -3.82 0.72
C GLU A 78 5.17 -2.90 1.07
N GLU A 79 6.23 -3.00 0.28
CA GLU A 79 7.41 -2.19 0.49
C GLU A 79 7.10 -0.73 0.14
N LYS A 80 6.44 -0.54 -1.00
CA LYS A 80 6.07 0.81 -1.42
C LYS A 80 5.07 1.40 -0.44
N LEU A 81 4.05 0.62 -0.11
CA LEU A 81 3.02 1.05 0.82
C LEU A 81 3.61 1.33 2.20
N GLU A 82 4.49 0.44 2.68
CA GLU A 82 5.11 0.62 3.98
C GLU A 82 6.06 1.81 3.96
N ARG A 83 7.02 1.78 3.05
CA ARG A 83 7.97 2.88 2.92
C ARG A 83 7.22 4.20 2.82
N GLN A 84 6.13 4.19 2.05
CA GLN A 84 5.29 5.36 1.90
C GLN A 84 4.67 5.69 3.25
N LEU A 85 4.27 4.66 3.99
CA LEU A 85 3.71 4.83 5.33
C LEU A 85 4.71 5.60 6.18
N ASN A 86 5.95 5.12 6.15
CA ASN A 86 7.05 5.75 6.88
C ASN A 86 7.22 7.19 6.37
N LYS A 87 6.99 7.38 5.08
CA LYS A 87 7.08 8.70 4.49
C LYS A 87 6.06 9.62 5.13
N LEU A 88 4.81 9.19 5.10
CA LEU A 88 3.73 9.96 5.71
C LEU A 88 4.09 10.29 7.15
N GLN A 89 4.51 9.25 7.89
CA GLN A 89 4.90 9.43 9.28
C GLN A 89 6.13 10.33 9.36
N HIS A 90 6.95 10.30 8.32
CA HIS A 90 8.15 11.11 8.27
C HIS A 90 7.81 12.57 7.95
N LYS A 91 7.38 12.80 6.72
CA LYS A 91 7.01 14.13 6.27
C LYS A 91 8.15 15.13 6.50
N SER A 92 8.86 15.45 5.43
CA SER A 92 9.97 16.41 5.50
C SER A 92 9.45 17.84 5.55
N GLU A 93 8.29 18.07 4.95
CA GLU A 93 7.69 19.40 4.92
C GLU A 93 6.65 19.54 6.03
N SER A 94 6.91 18.92 7.17
CA SER A 94 5.99 18.98 8.31
C SER A 94 6.74 18.80 9.62
N ARG A 95 6.20 19.37 10.69
CA ARG A 95 6.82 19.26 12.00
C ARG A 95 5.95 18.44 12.95
N ARG A 96 6.25 18.52 14.25
CA ARG A 96 5.50 17.79 15.25
C ARG A 96 5.60 16.28 15.02
N ALA A 97 6.83 15.77 15.02
CA ALA A 97 7.08 14.35 14.82
C ALA A 97 7.59 13.69 16.10
N ASP A 98 8.30 14.47 16.91
CA ASP A 98 8.84 13.97 18.17
C ASP A 98 8.63 14.98 19.30
N GLU A 99 7.63 14.73 20.14
CA GLU A 99 7.32 15.62 21.24
C GLU A 99 7.77 15.00 22.57
N ARG A 100 7.78 13.68 22.63
CA ARG A 100 8.17 12.96 23.84
C ARG A 100 9.00 11.73 23.51
N LEU A 101 10.09 11.54 24.23
CA LEU A 101 10.97 10.40 24.00
C LEU A 101 11.30 9.70 25.32
N LYS A 102 11.18 8.38 25.33
CA LYS A 102 11.46 7.58 26.52
C LYS A 102 12.97 7.47 26.75
N ASP A 103 13.34 6.78 27.82
CA ASP A 103 14.75 6.59 28.14
C ASP A 103 15.07 5.12 28.35
N SER A 104 14.25 4.45 29.18
CA SER A 104 14.45 3.03 29.46
C SER A 104 13.85 2.17 28.35
N PHE A 105 14.68 1.37 27.71
CA PHE A 105 14.22 0.50 26.64
C PHE A 105 15.36 -0.40 26.14
N GLU A 106 15.03 -1.65 25.83
CA GLU A 106 16.03 -2.60 25.34
C GLU A 106 15.85 -2.84 23.85
N ASN A 107 16.74 -2.25 23.04
CA ASN A 107 16.68 -2.41 21.60
C ASN A 107 17.04 -3.83 21.19
N MET A 1 -10.37 1.01 9.63
CA MET A 1 -9.57 0.37 8.55
C MET A 1 -10.12 -1.00 8.19
N THR A 2 -10.48 -1.19 6.92
CA THR A 2 -11.00 -2.46 6.47
C THR A 2 -10.28 -2.95 5.22
N LEU A 3 -9.53 -4.04 5.38
CA LEU A 3 -8.78 -4.63 4.28
C LEU A 3 -9.72 -5.05 3.16
N ASN A 4 -9.49 -4.55 1.94
CA ASN A 4 -10.34 -4.91 0.82
C ASN A 4 -9.53 -5.10 -0.45
N ILE A 5 -10.14 -5.80 -1.39
CA ILE A 5 -9.52 -6.09 -2.67
C ILE A 5 -10.37 -5.63 -3.84
N THR A 6 -9.82 -5.74 -5.04
CA THR A 6 -10.52 -5.33 -6.26
C THR A 6 -9.86 -5.96 -7.48
N SER A 7 -9.41 -7.20 -7.34
CA SER A 7 -8.74 -7.91 -8.41
C SER A 7 -9.56 -7.85 -9.71
N LYS A 8 -9.01 -7.14 -10.69
CA LYS A 8 -9.69 -6.99 -11.97
C LYS A 8 -9.89 -8.32 -12.69
N GLN A 9 -8.90 -9.20 -12.60
CA GLN A 9 -8.99 -10.50 -13.26
C GLN A 9 -8.92 -11.65 -12.25
N MET A 10 -7.71 -12.13 -11.94
CA MET A 10 -7.55 -13.23 -11.00
C MET A 10 -8.24 -12.93 -9.68
N ASP A 11 -9.27 -13.70 -9.36
CA ASP A 11 -10.03 -13.50 -8.12
C ASP A 11 -9.09 -13.63 -6.92
N ILE A 12 -9.67 -13.51 -5.72
CA ILE A 12 -8.89 -13.61 -4.50
C ILE A 12 -9.07 -14.98 -3.85
N THR A 13 -8.05 -15.43 -3.15
CA THR A 13 -8.07 -16.72 -2.47
C THR A 13 -7.34 -16.63 -1.13
N PRO A 14 -7.42 -17.68 -0.30
CA PRO A 14 -6.76 -17.71 1.01
C PRO A 14 -5.34 -17.14 0.97
N ALA A 15 -4.59 -17.51 -0.06
CA ALA A 15 -3.21 -17.03 -0.20
C ALA A 15 -3.16 -15.50 -0.19
N ILE A 16 -3.42 -14.87 -1.34
CA ILE A 16 -3.41 -13.42 -1.43
C ILE A 16 -4.24 -12.81 -0.31
N ARG A 17 -5.51 -13.21 -0.24
CA ARG A 17 -6.41 -12.72 0.80
C ARG A 17 -5.69 -12.63 2.14
N GLU A 18 -5.15 -13.76 2.57
CA GLU A 18 -4.40 -13.84 3.82
C GLU A 18 -3.19 -12.92 3.77
N HIS A 19 -2.54 -12.89 2.60
CA HIS A 19 -1.38 -12.04 2.39
C HIS A 19 -1.77 -10.59 2.63
N LEU A 20 -2.65 -10.10 1.76
CA LEU A 20 -3.15 -8.74 1.83
C LEU A 20 -3.61 -8.40 3.26
N GLU A 21 -4.40 -9.30 3.84
CA GLU A 21 -4.90 -9.11 5.19
C GLU A 21 -3.74 -9.08 6.18
N GLU A 22 -2.88 -10.08 6.12
CA GLU A 22 -1.72 -10.14 7.00
C GLU A 22 -0.88 -8.88 6.86
N ARG A 23 -0.56 -8.52 5.62
CA ARG A 23 0.23 -7.34 5.34
C ARG A 23 -0.44 -6.09 5.90
N LEU A 24 -1.75 -5.97 5.68
CA LEU A 24 -2.50 -4.84 6.20
C LEU A 24 -2.45 -4.83 7.73
N ALA A 25 -2.76 -5.98 8.33
CA ALA A 25 -2.73 -6.11 9.77
C ALA A 25 -1.35 -5.74 10.29
N LYS A 26 -0.33 -6.06 9.51
CA LYS A 26 1.05 -5.74 9.87
C LYS A 26 1.30 -4.25 9.69
N LEU A 27 0.65 -3.67 8.68
CA LEU A 27 0.79 -2.24 8.41
C LEU A 27 -0.06 -1.42 9.38
N GLY A 28 -0.92 -2.09 10.13
CA GLY A 28 -1.77 -1.39 11.09
C GLY A 28 -0.95 -0.75 12.20
N LYS A 29 0.12 -1.44 12.60
CA LYS A 29 1.01 -0.95 13.66
C LYS A 29 1.88 0.20 13.17
N TRP A 30 1.83 0.47 11.87
CA TRP A 30 2.64 1.52 11.28
C TRP A 30 2.09 2.91 11.61
N GLN A 31 2.04 3.22 12.91
CA GLN A 31 1.56 4.52 13.41
C GLN A 31 0.68 5.24 12.41
N THR A 32 -0.32 4.52 11.89
CA THR A 32 -1.22 5.09 10.91
C THR A 32 -2.62 4.52 11.11
N GLN A 33 -3.61 5.16 10.49
CA GLN A 33 -4.99 4.73 10.57
C GLN A 33 -5.54 4.59 9.17
N LEU A 34 -5.42 3.40 8.63
CA LEU A 34 -5.87 3.13 7.28
C LEU A 34 -7.33 3.52 7.10
N ILE A 35 -7.55 4.73 6.61
CA ILE A 35 -8.90 5.24 6.38
C ILE A 35 -9.69 4.29 5.49
N SER A 36 -8.99 3.60 4.59
CA SER A 36 -9.61 2.64 3.68
C SER A 36 -8.54 1.93 2.87
N PRO A 37 -8.12 0.75 3.34
CA PRO A 37 -7.09 -0.06 2.69
C PRO A 37 -7.62 -1.02 1.63
N HIS A 38 -7.30 -0.70 0.37
CA HIS A 38 -7.70 -1.53 -0.75
C HIS A 38 -6.48 -2.19 -1.36
N PHE A 39 -6.72 -3.11 -2.27
CA PHE A 39 -5.64 -3.78 -2.96
C PHE A 39 -6.07 -4.28 -4.33
N VAL A 40 -5.61 -3.60 -5.37
CA VAL A 40 -5.93 -3.97 -6.73
C VAL A 40 -4.90 -4.97 -7.25
N LEU A 41 -5.20 -6.24 -7.04
CA LEU A 41 -4.31 -7.33 -7.43
C LEU A 41 -4.60 -7.81 -8.85
N ASN A 42 -3.55 -8.02 -9.63
CA ASN A 42 -3.70 -8.48 -11.00
C ASN A 42 -2.50 -9.31 -11.47
N LYS A 43 -2.73 -10.05 -12.54
CA LYS A 43 -1.70 -10.90 -13.13
C LYS A 43 -1.63 -10.65 -14.64
N VAL A 44 -0.58 -11.16 -15.26
CA VAL A 44 -0.41 -11.03 -16.69
C VAL A 44 0.57 -12.07 -17.22
N PRO A 45 0.51 -12.37 -18.53
CA PRO A 45 1.40 -13.36 -19.15
C PRO A 45 2.87 -13.07 -18.87
N ASN A 46 3.23 -11.78 -18.91
CA ASN A 46 4.60 -11.36 -18.66
C ASN A 46 4.92 -11.27 -17.17
N GLY A 47 3.98 -11.68 -16.32
CA GLY A 47 4.20 -11.61 -14.90
C GLY A 47 2.94 -11.31 -14.11
N PHE A 48 3.13 -10.69 -12.97
CA PHE A 48 2.03 -10.33 -12.10
C PHE A 48 2.05 -8.82 -11.83
N SER A 49 0.91 -8.18 -11.98
CA SER A 49 0.81 -6.75 -11.72
C SER A 49 -0.08 -6.52 -10.52
N VAL A 50 0.47 -5.86 -9.53
CA VAL A 50 -0.26 -5.58 -8.30
C VAL A 50 -0.30 -4.08 -8.03
N GLU A 51 -1.34 -3.65 -7.32
CA GLU A 51 -1.49 -2.23 -6.98
C GLU A 51 -2.25 -2.11 -5.66
N ALA A 52 -1.78 -1.23 -4.80
CA ALA A 52 -2.41 -1.02 -3.50
C ALA A 52 -2.89 0.41 -3.33
N SER A 53 -3.88 0.59 -2.46
CA SER A 53 -4.44 1.91 -2.18
C SER A 53 -5.03 1.94 -0.77
N ILE A 54 -4.32 2.61 0.14
CA ILE A 54 -4.76 2.70 1.53
C ILE A 54 -4.83 4.14 2.01
N GLY A 55 -6.03 4.62 2.29
CA GLY A 55 -6.20 5.97 2.77
C GLY A 55 -5.53 6.20 4.10
N THR A 56 -4.97 7.38 4.22
CA THR A 56 -4.29 7.78 5.45
C THR A 56 -4.55 9.26 5.73
N PRO A 57 -4.80 9.63 6.99
CA PRO A 57 -5.02 11.03 7.34
C PRO A 57 -3.86 11.92 6.86
N LEU A 58 -2.74 11.29 6.51
CA LEU A 58 -1.57 12.02 6.05
C LEU A 58 -1.51 12.04 4.52
N GLY A 59 -2.15 11.04 3.90
CA GLY A 59 -2.16 10.95 2.46
C GLY A 59 -2.56 9.58 1.97
N ASN A 60 -3.48 9.52 1.02
CA ASN A 60 -3.94 8.25 0.47
C ASN A 60 -2.77 7.44 -0.06
N LEU A 61 -2.47 6.33 0.59
CA LEU A 61 -1.38 5.47 0.16
C LEU A 61 -1.76 4.75 -1.13
N LEU A 62 -0.80 4.64 -2.03
CA LEU A 62 -1.02 3.96 -3.30
C LEU A 62 0.27 3.33 -3.78
N ALA A 63 0.15 2.25 -4.53
CA ALA A 63 1.32 1.55 -5.05
C ALA A 63 0.95 0.65 -6.22
N SER A 64 1.95 0.23 -6.97
CA SER A 64 1.72 -0.65 -8.12
C SER A 64 3.04 -1.17 -8.67
N ALA A 65 3.08 -2.45 -9.02
CA ALA A 65 4.29 -3.05 -9.56
C ALA A 65 3.98 -4.28 -10.41
N THR A 66 4.90 -4.59 -11.31
CA THR A 66 4.76 -5.76 -12.20
C THR A 66 6.01 -6.62 -12.15
N SER A 67 5.83 -7.92 -11.95
CA SER A 67 6.97 -8.83 -11.89
C SER A 67 6.53 -10.28 -12.01
N ASP A 68 7.48 -11.15 -12.30
CA ASP A 68 7.19 -12.57 -12.42
C ASP A 68 7.13 -13.24 -11.06
N ASP A 69 7.26 -12.45 -10.00
CA ASP A 69 7.22 -12.98 -8.64
C ASP A 69 6.05 -12.41 -7.86
N MET A 70 4.95 -13.17 -7.83
CA MET A 70 3.73 -12.80 -7.14
C MET A 70 3.97 -12.08 -5.80
N TYR A 71 4.44 -12.83 -4.82
CA TYR A 71 4.68 -12.26 -3.49
C TYR A 71 5.76 -11.20 -3.51
N LYS A 72 6.63 -11.24 -4.51
CA LYS A 72 7.67 -10.23 -4.63
C LYS A 72 7.04 -8.94 -5.14
N ALA A 73 6.08 -9.10 -6.06
CA ALA A 73 5.36 -7.96 -6.60
C ALA A 73 4.61 -7.32 -5.46
N ILE A 74 3.94 -8.17 -4.68
CA ILE A 74 3.25 -7.71 -3.49
C ILE A 74 4.30 -7.17 -2.54
N ASN A 75 5.44 -7.85 -2.55
CA ASN A 75 6.60 -7.49 -1.77
C ASN A 75 7.03 -6.07 -2.12
N GLU A 76 6.98 -5.77 -3.42
CA GLU A 76 7.31 -4.45 -3.93
C GLU A 76 6.25 -3.43 -3.50
N VAL A 77 5.00 -3.72 -3.84
CA VAL A 77 3.89 -2.85 -3.48
C VAL A 77 3.96 -2.48 -2.01
N GLU A 78 4.07 -3.49 -1.17
CA GLU A 78 4.16 -3.28 0.27
C GLU A 78 5.34 -2.36 0.58
N GLU A 79 6.38 -2.45 -0.24
CA GLU A 79 7.56 -1.62 -0.07
C GLU A 79 7.22 -0.17 -0.41
N LYS A 80 6.49 0.02 -1.50
CA LYS A 80 6.08 1.36 -1.92
C LYS A 80 5.06 1.92 -0.93
N LEU A 81 4.16 1.04 -0.50
CA LEU A 81 3.12 1.43 0.46
C LEU A 81 3.76 1.78 1.81
N GLU A 82 4.69 0.94 2.27
CA GLU A 82 5.37 1.19 3.54
C GLU A 82 6.25 2.42 3.42
N ARG A 83 7.09 2.45 2.39
CA ARG A 83 7.97 3.58 2.15
C ARG A 83 7.14 4.86 2.10
N GLN A 84 6.05 4.81 1.34
CA GLN A 84 5.16 5.95 1.23
C GLN A 84 4.58 6.27 2.60
N LEU A 85 4.30 5.22 3.38
CA LEU A 85 3.78 5.39 4.73
C LEU A 85 4.77 6.24 5.53
N ASN A 86 6.04 5.80 5.49
CA ASN A 86 7.11 6.52 6.16
C ASN A 86 7.17 7.94 5.63
N LYS A 87 6.86 8.08 4.34
CA LYS A 87 6.85 9.40 3.71
C LYS A 87 5.81 10.27 4.38
N LEU A 88 4.59 9.75 4.47
CA LEU A 88 3.50 10.48 5.11
C LEU A 88 3.93 10.92 6.50
N GLN A 89 4.40 9.98 7.30
CA GLN A 89 4.86 10.29 8.65
C GLN A 89 6.05 11.23 8.61
N HIS A 90 6.82 11.14 7.53
CA HIS A 90 8.00 11.97 7.35
C HIS A 90 7.61 13.41 7.03
N LYS A 91 6.96 13.58 5.90
CA LYS A 91 6.52 14.88 5.43
C LYS A 91 7.61 15.94 5.60
N SER A 92 8.82 15.60 5.17
CA SER A 92 9.94 16.51 5.26
C SER A 92 10.55 16.77 3.89
N GLU A 93 11.73 17.37 3.86
CA GLU A 93 12.42 17.67 2.61
C GLU A 93 13.44 16.59 2.28
N SER A 94 13.08 15.33 2.53
CA SER A 94 13.97 14.21 2.26
C SER A 94 15.26 14.35 3.06
N ARG A 95 15.20 15.05 4.18
CA ARG A 95 16.36 15.25 5.04
C ARG A 95 15.98 15.24 6.51
N ARG A 96 15.27 16.28 6.94
CA ARG A 96 14.83 16.39 8.32
C ARG A 96 16.01 16.33 9.28
N ALA A 97 15.73 16.45 10.58
CA ALA A 97 16.78 16.41 11.58
C ALA A 97 16.24 15.86 12.90
N ASP A 98 16.80 14.74 13.33
CA ASP A 98 16.38 14.10 14.58
C ASP A 98 17.31 14.47 15.73
N GLU A 99 17.95 15.63 15.62
CA GLU A 99 18.87 16.09 16.65
C GLU A 99 20.09 15.17 16.75
N ARG A 100 20.46 14.57 15.63
CA ARG A 100 21.60 13.66 15.59
C ARG A 100 21.84 13.13 14.18
N LEU A 101 23.09 13.10 13.76
CA LEU A 101 23.45 12.62 12.43
C LEU A 101 24.86 12.06 12.42
N LYS A 102 25.85 12.94 12.52
CA LYS A 102 27.25 12.54 12.52
C LYS A 102 28.13 13.59 13.18
N ASP A 103 27.96 14.84 12.75
CA ASP A 103 28.75 15.94 13.29
C ASP A 103 30.23 15.73 13.07
N SER A 104 30.73 16.23 11.94
CA SER A 104 32.14 16.10 11.60
C SER A 104 32.86 17.45 11.68
N PHE A 105 32.12 18.52 11.42
CA PHE A 105 32.69 19.86 11.45
C PHE A 105 33.80 20.02 10.42
N GLU A 106 33.80 19.16 9.40
CA GLU A 106 34.81 19.21 8.36
C GLU A 106 34.61 18.09 7.35
N ASN A 107 35.50 18.01 6.37
CA ASN A 107 35.42 16.98 5.34
C ASN A 107 36.60 16.01 5.44
N MET A 1 -10.68 -1.81 9.24
CA MET A 1 -10.26 -1.75 7.81
C MET A 1 -10.52 -3.08 7.11
N THR A 2 -9.71 -4.08 7.43
CA THR A 2 -9.84 -5.42 6.84
C THR A 2 -9.27 -5.49 5.42
N LEU A 3 -8.84 -4.35 4.90
CA LEU A 3 -8.26 -4.28 3.56
C LEU A 3 -9.15 -4.95 2.51
N ASN A 4 -9.69 -4.14 1.60
CA ASN A 4 -10.55 -4.66 0.54
C ASN A 4 -9.73 -4.98 -0.70
N ILE A 5 -10.22 -5.93 -1.51
CA ILE A 5 -9.52 -6.32 -2.72
C ILE A 5 -10.44 -6.26 -3.93
N THR A 6 -9.87 -5.86 -5.07
CA THR A 6 -10.65 -5.76 -6.31
C THR A 6 -10.25 -6.86 -7.27
N SER A 7 -9.02 -6.80 -7.76
CA SER A 7 -8.50 -7.80 -8.70
C SER A 7 -9.44 -7.99 -9.88
N LYS A 8 -9.11 -7.38 -11.00
CA LYS A 8 -9.92 -7.47 -12.21
C LYS A 8 -9.99 -8.89 -12.76
N GLN A 9 -8.85 -9.58 -12.80
CA GLN A 9 -8.78 -10.94 -13.32
C GLN A 9 -8.72 -11.97 -12.19
N MET A 10 -7.50 -12.38 -11.83
CA MET A 10 -7.33 -13.37 -10.76
C MET A 10 -8.08 -12.95 -9.51
N ASP A 11 -9.18 -13.63 -9.24
CA ASP A 11 -10.00 -13.32 -8.08
C ASP A 11 -9.19 -13.43 -6.79
N ILE A 12 -9.88 -13.36 -5.65
CA ILE A 12 -9.22 -13.45 -4.36
C ILE A 12 -9.42 -14.83 -3.74
N THR A 13 -8.41 -15.28 -3.01
CA THR A 13 -8.45 -16.58 -2.34
C THR A 13 -7.72 -16.50 -1.00
N PRO A 14 -7.78 -17.57 -0.19
CA PRO A 14 -7.13 -17.60 1.12
C PRO A 14 -5.74 -16.97 1.11
N ALA A 15 -4.92 -17.35 0.12
CA ALA A 15 -3.57 -16.81 0.01
C ALA A 15 -3.60 -15.29 -0.06
N ILE A 16 -3.99 -14.75 -1.21
CA ILE A 16 -4.09 -13.31 -1.39
C ILE A 16 -4.80 -12.66 -0.21
N ARG A 17 -6.07 -13.01 -0.02
CA ARG A 17 -6.88 -12.47 1.07
C ARG A 17 -6.06 -12.39 2.36
N GLU A 18 -5.61 -13.55 2.84
CA GLU A 18 -4.81 -13.62 4.05
C GLU A 18 -3.54 -12.77 3.92
N HIS A 19 -2.94 -12.81 2.73
CA HIS A 19 -1.74 -12.02 2.46
C HIS A 19 -2.04 -10.54 2.65
N LEU A 20 -2.84 -10.00 1.74
CA LEU A 20 -3.24 -8.59 1.81
C LEU A 20 -3.69 -8.23 3.23
N GLU A 21 -4.62 -9.01 3.77
CA GLU A 21 -5.13 -8.79 5.11
C GLU A 21 -3.98 -8.71 6.11
N GLU A 22 -3.13 -9.75 6.09
CA GLU A 22 -1.98 -9.79 6.98
C GLU A 22 -1.14 -8.53 6.82
N ARG A 23 -0.93 -8.14 5.56
CA ARG A 23 -0.17 -6.92 5.26
C ARG A 23 -0.83 -5.72 5.91
N LEU A 24 -2.16 -5.67 5.81
CA LEU A 24 -2.92 -4.58 6.41
C LEU A 24 -2.74 -4.60 7.92
N ALA A 25 -3.03 -5.76 8.52
CA ALA A 25 -2.88 -5.91 9.96
C ALA A 25 -1.47 -5.54 10.39
N LYS A 26 -0.52 -5.74 9.49
CA LYS A 26 0.87 -5.41 9.76
C LYS A 26 1.09 -3.91 9.61
N LEU A 27 0.38 -3.31 8.66
CA LEU A 27 0.48 -1.87 8.43
C LEU A 27 -0.35 -1.09 9.44
N GLY A 28 -1.17 -1.80 10.22
CA GLY A 28 -1.99 -1.16 11.23
C GLY A 28 -1.14 -0.50 12.31
N LYS A 29 -0.05 -1.18 12.67
CA LYS A 29 0.85 -0.67 13.69
C LYS A 29 1.75 0.45 13.18
N TRP A 30 1.66 0.72 11.88
CA TRP A 30 2.49 1.75 11.26
C TRP A 30 1.99 3.15 11.58
N GLN A 31 1.94 3.47 12.88
CA GLN A 31 1.53 4.79 13.35
C GLN A 31 0.52 5.47 12.39
N THR A 32 -0.38 4.67 11.85
CA THR A 32 -1.38 5.18 10.92
C THR A 32 -2.72 4.48 11.12
N GLN A 33 -3.76 5.08 10.58
CA GLN A 33 -5.10 4.53 10.63
C GLN A 33 -5.62 4.37 9.23
N LEU A 34 -5.33 3.23 8.65
CA LEU A 34 -5.71 2.95 7.29
C LEU A 34 -7.13 3.39 6.97
N ILE A 35 -7.24 4.55 6.33
CA ILE A 35 -8.53 5.09 5.95
C ILE A 35 -9.07 4.38 4.72
N SER A 36 -9.80 3.31 4.94
CA SER A 36 -10.37 2.53 3.84
C SER A 36 -9.28 2.08 2.88
N PRO A 37 -8.78 0.84 3.08
CA PRO A 37 -7.71 0.27 2.28
C PRO A 37 -8.21 -0.67 1.18
N HIS A 38 -7.60 -0.56 0.01
CA HIS A 38 -7.95 -1.40 -1.13
C HIS A 38 -6.72 -2.10 -1.66
N PHE A 39 -6.94 -3.03 -2.58
CA PHE A 39 -5.85 -3.75 -3.20
C PHE A 39 -6.21 -4.19 -4.61
N VAL A 40 -5.71 -3.46 -5.60
CA VAL A 40 -5.96 -3.77 -6.98
C VAL A 40 -4.89 -4.72 -7.49
N LEU A 41 -5.11 -6.00 -7.20
CA LEU A 41 -4.17 -7.06 -7.56
C LEU A 41 -4.48 -7.64 -8.94
N ASN A 42 -3.45 -7.86 -9.74
CA ASN A 42 -3.62 -8.43 -11.08
C ASN A 42 -2.42 -9.24 -11.51
N LYS A 43 -2.62 -10.07 -12.52
CA LYS A 43 -1.57 -10.93 -13.05
C LYS A 43 -1.50 -10.83 -14.56
N VAL A 44 -0.36 -11.24 -15.11
CA VAL A 44 -0.18 -11.25 -16.54
C VAL A 44 0.94 -12.21 -16.95
N PRO A 45 0.91 -12.73 -18.18
CA PRO A 45 1.92 -13.67 -18.68
C PRO A 45 3.34 -13.21 -18.37
N ASN A 46 3.62 -11.94 -18.66
CA ASN A 46 4.94 -11.37 -18.41
C ASN A 46 5.13 -10.94 -16.96
N GLY A 47 4.47 -11.61 -16.02
CA GLY A 47 4.60 -11.25 -14.63
C GLY A 47 3.29 -10.87 -14.00
N PHE A 48 3.33 -10.61 -12.72
CA PHE A 48 2.14 -10.21 -11.98
C PHE A 48 2.16 -8.72 -11.72
N SER A 49 1.01 -8.08 -11.91
CA SER A 49 0.89 -6.66 -11.67
C SER A 49 0.00 -6.43 -10.46
N VAL A 50 0.55 -5.77 -9.48
CA VAL A 50 -0.17 -5.50 -8.25
C VAL A 50 -0.16 -4.02 -7.91
N GLU A 51 -1.33 -3.44 -7.71
CA GLU A 51 -1.46 -2.03 -7.37
C GLU A 51 -2.35 -1.86 -6.15
N ALA A 52 -1.84 -1.21 -5.12
CA ALA A 52 -2.58 -0.99 -3.90
C ALA A 52 -2.93 0.48 -3.71
N SER A 53 -4.01 0.74 -2.96
CA SER A 53 -4.45 2.09 -2.70
C SER A 53 -5.10 2.20 -1.32
N ILE A 54 -4.38 2.76 -0.37
CA ILE A 54 -4.87 2.92 0.99
C ILE A 54 -4.93 4.40 1.36
N GLY A 55 -5.52 4.71 2.51
CA GLY A 55 -5.62 6.08 2.95
C GLY A 55 -5.05 6.27 4.34
N THR A 56 -4.51 7.44 4.57
CA THR A 56 -3.92 7.78 5.86
C THR A 56 -4.15 9.25 6.19
N PRO A 57 -4.51 9.57 7.45
CA PRO A 57 -4.71 10.95 7.85
C PRO A 57 -3.49 11.81 7.52
N LEU A 58 -2.35 11.15 7.27
CA LEU A 58 -1.12 11.86 6.94
C LEU A 58 -0.91 11.91 5.43
N GLY A 59 -1.59 11.03 4.70
CA GLY A 59 -1.46 11.01 3.25
C GLY A 59 -1.90 9.70 2.65
N ASN A 60 -2.73 9.77 1.61
CA ASN A 60 -3.22 8.57 0.94
C ASN A 60 -2.05 7.73 0.41
N LEU A 61 -2.20 6.42 0.46
CA LEU A 61 -1.16 5.52 0.00
C LEU A 61 -1.54 4.81 -1.29
N LEU A 62 -0.60 4.73 -2.22
CA LEU A 62 -0.81 4.06 -3.49
C LEU A 62 0.45 3.32 -3.88
N ALA A 63 0.29 2.24 -4.64
CA ALA A 63 1.43 1.45 -5.09
C ALA A 63 1.07 0.62 -6.31
N SER A 64 2.08 0.21 -7.05
CA SER A 64 1.87 -0.59 -8.26
C SER A 64 3.19 -1.16 -8.75
N ALA A 65 3.20 -2.46 -9.04
CA ALA A 65 4.41 -3.11 -9.51
C ALA A 65 4.11 -4.36 -10.34
N THR A 66 4.98 -4.65 -11.30
CA THR A 66 4.83 -5.81 -12.16
C THR A 66 6.10 -6.65 -12.13
N SER A 67 6.01 -7.83 -11.51
CA SER A 67 7.16 -8.71 -11.41
C SER A 67 6.77 -10.15 -11.71
N ASP A 68 7.77 -11.00 -11.94
CA ASP A 68 7.54 -12.40 -12.24
C ASP A 68 7.37 -13.21 -10.95
N ASP A 69 6.94 -12.55 -9.88
CA ASP A 69 6.75 -13.23 -8.61
C ASP A 69 5.57 -12.63 -7.83
N MET A 70 4.47 -13.38 -7.79
CA MET A 70 3.26 -12.98 -7.10
C MET A 70 3.52 -12.26 -5.78
N TYR A 71 3.97 -13.02 -4.79
CA TYR A 71 4.22 -12.47 -3.46
C TYR A 71 5.38 -11.49 -3.45
N LYS A 72 6.26 -11.57 -4.45
CA LYS A 72 7.36 -10.63 -4.55
C LYS A 72 6.80 -9.31 -5.07
N ALA A 73 5.84 -9.40 -5.99
CA ALA A 73 5.18 -8.23 -6.54
C ALA A 73 4.46 -7.56 -5.39
N ILE A 74 3.75 -8.38 -4.62
CA ILE A 74 3.07 -7.92 -3.42
C ILE A 74 4.15 -7.42 -2.47
N ASN A 75 5.26 -8.15 -2.48
CA ASN A 75 6.42 -7.83 -1.70
C ASN A 75 6.90 -6.43 -2.05
N GLU A 76 6.83 -6.12 -3.34
CA GLU A 76 7.23 -4.81 -3.85
C GLU A 76 6.19 -3.75 -3.44
N VAL A 77 4.93 -3.99 -3.82
CA VAL A 77 3.85 -3.07 -3.48
C VAL A 77 3.91 -2.69 -2.01
N GLU A 78 3.98 -3.71 -1.15
CA GLU A 78 4.04 -3.49 0.28
C GLU A 78 5.24 -2.60 0.62
N GLU A 79 6.31 -2.75 -0.15
CA GLU A 79 7.50 -1.95 0.06
C GLU A 79 7.24 -0.51 -0.34
N LYS A 80 6.52 -0.32 -1.45
CA LYS A 80 6.18 1.02 -1.91
C LYS A 80 5.17 1.64 -0.96
N LEU A 81 4.19 0.84 -0.55
CA LEU A 81 3.16 1.30 0.38
C LEU A 81 3.78 1.65 1.73
N GLU A 82 4.64 0.76 2.25
CA GLU A 82 5.30 1.02 3.52
C GLU A 82 6.24 2.20 3.39
N ARG A 83 7.16 2.10 2.43
CA ARG A 83 8.12 3.18 2.17
C ARG A 83 7.38 4.50 2.07
N GLN A 84 6.28 4.49 1.30
CA GLN A 84 5.46 5.68 1.14
C GLN A 84 4.87 6.07 2.49
N LEU A 85 4.52 5.06 3.29
CA LEU A 85 3.98 5.31 4.62
C LEU A 85 4.99 6.09 5.44
N ASN A 86 6.22 5.59 5.47
CA ASN A 86 7.28 6.25 6.19
C ASN A 86 7.52 7.63 5.59
N LYS A 87 7.36 7.72 4.27
CA LYS A 87 7.53 8.99 3.57
C LYS A 87 6.47 10.00 3.97
N LEU A 88 5.19 9.62 3.84
CA LEU A 88 4.11 10.52 4.20
C LEU A 88 4.24 10.92 5.66
N GLN A 89 4.40 9.92 6.51
CA GLN A 89 4.58 10.16 7.93
C GLN A 89 5.81 11.03 8.17
N HIS A 90 6.78 10.90 7.28
CA HIS A 90 8.02 11.68 7.37
C HIS A 90 7.82 13.08 6.80
N LYS A 91 6.95 13.16 5.80
CA LYS A 91 6.66 14.43 5.14
C LYS A 91 6.62 15.60 6.10
N SER A 92 7.47 16.59 5.86
CA SER A 92 7.54 17.77 6.70
C SER A 92 7.41 19.04 5.87
N GLU A 93 7.74 20.18 6.47
CA GLU A 93 7.66 21.47 5.78
C GLU A 93 6.24 21.76 5.33
N SER A 94 5.27 21.09 5.94
CA SER A 94 3.86 21.28 5.60
C SER A 94 3.09 21.85 6.79
N ARG A 95 3.48 21.46 8.00
CA ARG A 95 2.82 21.94 9.21
C ARG A 95 3.50 23.19 9.74
N ARG A 96 2.71 24.25 9.93
CA ARG A 96 3.24 25.51 10.44
C ARG A 96 4.29 26.08 9.49
N ALA A 97 3.82 26.72 8.42
CA ALA A 97 4.72 27.31 7.44
C ALA A 97 4.78 28.83 7.58
N ASP A 98 5.98 29.36 7.72
CA ASP A 98 6.17 30.80 7.88
C ASP A 98 6.47 31.46 6.53
N GLU A 99 5.55 32.28 6.06
CA GLU A 99 5.72 32.98 4.78
C GLU A 99 6.41 34.32 4.98
N ARG A 100 7.01 34.84 3.91
CA ARG A 100 7.70 36.12 3.97
C ARG A 100 7.83 36.73 2.58
N LEU A 101 8.25 35.91 1.62
CA LEU A 101 8.42 36.37 0.25
C LEU A 101 7.07 36.70 -0.39
N LYS A 102 6.67 37.97 -0.28
CA LYS A 102 5.40 38.42 -0.84
C LYS A 102 5.62 39.19 -2.14
N ASP A 103 6.44 40.23 -2.08
CA ASP A 103 6.74 41.05 -3.24
C ASP A 103 7.87 42.02 -2.96
N SER A 104 8.52 42.51 -4.02
CA SER A 104 9.62 43.45 -3.88
C SER A 104 10.75 42.85 -3.03
N PHE A 105 10.94 41.54 -3.17
CA PHE A 105 11.99 40.85 -2.42
C PHE A 105 13.34 40.97 -3.11
N GLU A 106 13.34 40.76 -4.43
CA GLU A 106 14.56 40.84 -5.21
C GLU A 106 15.60 39.83 -4.72
N ASN A 107 16.69 39.71 -5.48
CA ASN A 107 17.75 38.77 -5.11
C ASN A 107 19.11 39.47 -5.13
N MET A 1 -9.62 -1.47 10.67
CA MET A 1 -9.68 -1.11 9.23
C MET A 1 -9.41 -2.32 8.35
N THR A 2 -10.44 -3.14 8.12
CA THR A 2 -10.31 -4.33 7.30
C THR A 2 -9.83 -3.98 5.90
N LEU A 3 -8.84 -4.72 5.41
CA LEU A 3 -8.29 -4.49 4.08
C LEU A 3 -9.17 -5.13 3.02
N ASN A 4 -9.74 -4.31 2.16
CA ASN A 4 -10.60 -4.80 1.08
C ASN A 4 -9.79 -5.08 -0.17
N ILE A 5 -10.31 -5.95 -1.02
CA ILE A 5 -9.63 -6.32 -2.26
C ILE A 5 -10.61 -6.38 -3.43
N THR A 6 -10.07 -6.36 -4.64
CA THR A 6 -10.91 -6.40 -5.85
C THR A 6 -10.29 -7.28 -6.92
N SER A 7 -9.14 -6.86 -7.45
CA SER A 7 -8.46 -7.60 -8.50
C SER A 7 -9.34 -7.69 -9.74
N LYS A 8 -8.88 -7.08 -10.83
CA LYS A 8 -9.63 -7.06 -12.09
C LYS A 8 -9.89 -8.47 -12.63
N GLN A 9 -8.92 -9.36 -12.49
CA GLN A 9 -9.06 -10.72 -12.99
C GLN A 9 -8.92 -11.75 -11.87
N MET A 10 -7.73 -12.34 -11.70
CA MET A 10 -7.48 -13.35 -10.68
C MET A 10 -8.23 -13.03 -9.39
N ASP A 11 -9.29 -13.78 -9.13
CA ASP A 11 -10.10 -13.57 -7.93
C ASP A 11 -9.25 -13.69 -6.67
N ILE A 12 -9.91 -13.64 -5.52
CA ILE A 12 -9.21 -13.73 -4.25
C ILE A 12 -9.41 -15.11 -3.61
N THR A 13 -8.41 -15.55 -2.88
CA THR A 13 -8.45 -16.84 -2.21
C THR A 13 -7.66 -16.78 -0.90
N PRO A 14 -7.71 -17.84 -0.08
CA PRO A 14 -6.99 -17.89 1.19
C PRO A 14 -5.56 -17.34 1.10
N ALA A 15 -4.87 -17.67 0.02
CA ALA A 15 -3.50 -17.20 -0.17
C ALA A 15 -3.43 -15.68 -0.14
N ILE A 16 -3.73 -15.04 -1.28
CA ILE A 16 -3.70 -13.59 -1.35
C ILE A 16 -4.49 -12.98 -0.20
N ARG A 17 -5.74 -13.40 -0.05
CA ARG A 17 -6.59 -12.91 1.03
C ARG A 17 -5.80 -12.81 2.32
N GLU A 18 -5.23 -13.94 2.73
CA GLU A 18 -4.41 -14.01 3.93
C GLU A 18 -3.21 -13.07 3.80
N HIS A 19 -2.63 -13.05 2.60
CA HIS A 19 -1.49 -12.20 2.32
C HIS A 19 -1.90 -10.74 2.45
N LEU A 20 -2.74 -10.29 1.53
CA LEU A 20 -3.27 -8.94 1.52
C LEU A 20 -3.66 -8.50 2.93
N GLU A 21 -4.49 -9.31 3.58
CA GLU A 21 -4.92 -9.03 4.94
C GLU A 21 -3.70 -8.98 5.86
N GLU A 22 -2.91 -10.06 5.87
CA GLU A 22 -1.70 -10.11 6.68
C GLU A 22 -0.85 -8.87 6.45
N ARG A 23 -0.87 -8.39 5.21
CA ARG A 23 -0.13 -7.19 4.85
C ARG A 23 -0.69 -6.01 5.63
N LEU A 24 -2.01 -5.86 5.59
CA LEU A 24 -2.66 -4.78 6.33
C LEU A 24 -2.34 -4.90 7.81
N ALA A 25 -2.57 -6.10 8.36
CA ALA A 25 -2.30 -6.35 9.76
C ALA A 25 -0.83 -6.06 10.08
N LYS A 26 0.03 -6.27 9.09
CA LYS A 26 1.45 -6.02 9.24
C LYS A 26 1.72 -4.51 9.24
N LEU A 27 0.97 -3.80 8.41
CA LEU A 27 1.12 -2.34 8.32
C LEU A 27 0.38 -1.64 9.46
N GLY A 28 -0.45 -2.40 10.18
CA GLY A 28 -1.19 -1.82 11.29
C GLY A 28 -0.27 -1.26 12.36
N LYS A 29 0.91 -1.86 12.47
CA LYS A 29 1.90 -1.43 13.46
C LYS A 29 2.41 -0.02 13.12
N TRP A 30 2.32 0.34 11.85
CA TRP A 30 2.77 1.64 11.40
C TRP A 30 1.84 2.75 11.88
N GLN A 31 2.23 3.42 12.97
CA GLN A 31 1.44 4.50 13.57
C GLN A 31 0.66 5.31 12.54
N THR A 32 -0.39 4.70 12.01
CA THR A 32 -1.23 5.33 11.01
C THR A 32 -2.65 4.76 11.10
N GLN A 33 -3.59 5.41 10.43
CA GLN A 33 -4.97 4.97 10.42
C GLN A 33 -5.38 4.76 8.99
N LEU A 34 -5.29 3.52 8.55
CA LEU A 34 -5.59 3.16 7.18
C LEU A 34 -7.03 3.51 6.83
N ILE A 35 -7.25 4.76 6.43
CA ILE A 35 -8.58 5.21 6.03
C ILE A 35 -9.08 4.41 4.84
N SER A 36 -9.95 3.44 5.11
CA SER A 36 -10.49 2.60 4.04
C SER A 36 -9.37 2.04 3.17
N PRO A 37 -8.87 0.86 3.53
CA PRO A 37 -7.78 0.20 2.84
C PRO A 37 -8.25 -0.78 1.76
N HIS A 38 -7.68 -0.65 0.56
CA HIS A 38 -8.01 -1.53 -0.55
C HIS A 38 -6.76 -2.17 -1.11
N PHE A 39 -6.96 -3.11 -2.01
CA PHE A 39 -5.85 -3.80 -2.66
C PHE A 39 -6.25 -4.30 -4.04
N VAL A 40 -5.74 -3.63 -5.08
CA VAL A 40 -6.05 -4.02 -6.44
C VAL A 40 -4.90 -4.85 -7.02
N LEU A 41 -5.13 -6.15 -7.14
CA LEU A 41 -4.12 -7.06 -7.65
C LEU A 41 -4.49 -7.61 -9.02
N ASN A 42 -3.48 -7.85 -9.85
CA ASN A 42 -3.73 -8.39 -11.18
C ASN A 42 -2.55 -9.22 -11.67
N LYS A 43 -2.78 -9.98 -12.73
CA LYS A 43 -1.76 -10.83 -13.32
C LYS A 43 -1.63 -10.53 -14.81
N VAL A 44 -0.56 -11.03 -15.40
CA VAL A 44 -0.33 -10.87 -16.82
C VAL A 44 0.70 -11.88 -17.33
N PRO A 45 0.72 -12.13 -18.65
CA PRO A 45 1.64 -13.08 -19.26
C PRO A 45 3.09 -12.83 -18.85
N ASN A 46 3.47 -11.56 -18.81
CA ASN A 46 4.83 -11.19 -18.44
C ASN A 46 5.05 -11.19 -16.93
N GLY A 47 4.02 -11.55 -16.16
CA GLY A 47 4.16 -11.56 -14.72
C GLY A 47 2.86 -11.24 -14.02
N PHE A 48 2.99 -10.61 -12.87
CA PHE A 48 1.86 -10.23 -12.06
C PHE A 48 1.87 -8.73 -11.83
N SER A 49 0.80 -8.05 -12.23
CA SER A 49 0.68 -6.62 -12.02
C SER A 49 -0.21 -6.39 -10.82
N VAL A 50 0.35 -5.74 -9.83
CA VAL A 50 -0.37 -5.47 -8.59
C VAL A 50 -0.33 -4.00 -8.22
N GLU A 51 -1.34 -3.56 -7.48
CA GLU A 51 -1.43 -2.17 -7.05
C GLU A 51 -2.20 -2.08 -5.73
N ALA A 52 -1.65 -1.32 -4.79
CA ALA A 52 -2.27 -1.14 -3.49
C ALA A 52 -2.74 0.29 -3.27
N SER A 53 -3.74 0.45 -2.41
CA SER A 53 -4.29 1.77 -2.11
C SER A 53 -4.90 1.80 -0.71
N ILE A 54 -4.35 2.64 0.16
CA ILE A 54 -4.85 2.76 1.52
C ILE A 54 -4.86 4.21 1.99
N GLY A 55 -6.05 4.75 2.25
CA GLY A 55 -6.17 6.10 2.69
C GLY A 55 -5.46 6.36 3.99
N THR A 56 -5.02 7.59 4.14
CA THR A 56 -4.31 8.03 5.35
C THR A 56 -4.54 9.51 5.59
N PRO A 57 -4.70 9.94 6.86
CA PRO A 57 -4.88 11.36 7.16
C PRO A 57 -3.75 12.21 6.60
N LEU A 58 -2.64 11.55 6.23
CA LEU A 58 -1.48 12.26 5.70
C LEU A 58 -1.39 12.13 4.18
N GLY A 59 -2.28 11.33 3.60
CA GLY A 59 -2.29 11.15 2.15
C GLY A 59 -2.58 9.73 1.73
N ASN A 60 -3.54 9.58 0.83
CA ASN A 60 -3.95 8.26 0.34
C ASN A 60 -2.75 7.44 -0.13
N LEU A 61 -2.53 6.29 0.51
CA LEU A 61 -1.45 5.41 0.13
C LEU A 61 -1.77 4.73 -1.19
N LEU A 62 -0.76 4.59 -2.04
CA LEU A 62 -0.94 3.93 -3.32
C LEU A 62 0.37 3.33 -3.78
N ALA A 63 0.28 2.25 -4.54
CA ALA A 63 1.47 1.58 -5.05
C ALA A 63 1.10 0.60 -6.16
N SER A 64 2.12 0.17 -6.90
CA SER A 64 1.89 -0.77 -8.00
C SER A 64 3.21 -1.40 -8.44
N ALA A 65 3.17 -2.70 -8.72
CA ALA A 65 4.36 -3.42 -9.13
C ALA A 65 4.02 -4.57 -10.08
N THR A 66 4.86 -4.75 -11.09
CA THR A 66 4.67 -5.81 -12.07
C THR A 66 5.88 -6.75 -12.07
N SER A 67 5.65 -8.02 -11.77
CA SER A 67 6.74 -8.99 -11.73
C SER A 67 6.23 -10.41 -11.86
N ASP A 68 7.09 -11.32 -12.28
CA ASP A 68 6.73 -12.71 -12.43
C ASP A 68 6.65 -13.40 -11.07
N ASP A 69 6.90 -12.65 -10.00
CA ASP A 69 6.85 -13.19 -8.66
C ASP A 69 5.72 -12.55 -7.84
N MET A 70 4.58 -13.22 -7.82
CA MET A 70 3.39 -12.76 -7.11
C MET A 70 3.72 -12.11 -5.76
N TYR A 71 4.16 -12.93 -4.81
CA TYR A 71 4.46 -12.44 -3.47
C TYR A 71 5.60 -11.44 -3.48
N LYS A 72 6.44 -11.49 -4.50
CA LYS A 72 7.54 -10.52 -4.62
C LYS A 72 6.95 -9.20 -5.08
N ALA A 73 5.97 -9.28 -5.99
CA ALA A 73 5.29 -8.09 -6.48
C ALA A 73 4.62 -7.44 -5.29
N ILE A 74 3.94 -8.27 -4.51
CA ILE A 74 3.31 -7.83 -3.28
C ILE A 74 4.41 -7.38 -2.35
N ASN A 75 5.53 -8.12 -2.41
CA ASN A 75 6.72 -7.82 -1.65
C ASN A 75 7.19 -6.41 -1.97
N GLU A 76 7.08 -6.07 -3.25
CA GLU A 76 7.46 -4.75 -3.74
C GLU A 76 6.44 -3.71 -3.28
N VAL A 77 5.16 -3.95 -3.59
CA VAL A 77 4.09 -3.04 -3.20
C VAL A 77 4.22 -2.66 -1.73
N GLU A 78 4.31 -3.67 -0.88
CA GLU A 78 4.44 -3.44 0.55
C GLU A 78 5.59 -2.48 0.82
N GLU A 79 6.65 -2.59 0.03
CA GLU A 79 7.80 -1.72 0.18
C GLU A 79 7.43 -0.32 -0.26
N LYS A 80 6.74 -0.21 -1.39
CA LYS A 80 6.32 1.09 -1.90
C LYS A 80 5.34 1.71 -0.91
N LEU A 81 4.26 0.96 -0.63
CA LEU A 81 3.24 1.41 0.32
C LEU A 81 3.88 1.82 1.65
N GLU A 82 4.80 0.99 2.14
CA GLU A 82 5.48 1.29 3.39
C GLU A 82 6.31 2.56 3.22
N ARG A 83 7.11 2.58 2.17
CA ARG A 83 7.95 3.74 1.86
C ARG A 83 7.12 5.02 1.91
N GLN A 84 5.98 5.01 1.20
CA GLN A 84 5.09 6.16 1.21
C GLN A 84 4.64 6.42 2.64
N LEU A 85 4.22 5.36 3.34
CA LEU A 85 3.81 5.48 4.73
C LEU A 85 4.85 6.29 5.50
N ASN A 86 6.10 5.88 5.32
CA ASN A 86 7.23 6.56 5.95
C ASN A 86 7.25 8.01 5.51
N LYS A 87 6.98 8.24 4.23
CA LYS A 87 6.93 9.59 3.70
C LYS A 87 5.82 10.39 4.36
N LEU A 88 4.63 9.79 4.42
CA LEU A 88 3.49 10.45 5.04
C LEU A 88 3.82 10.82 6.48
N GLN A 89 4.20 9.81 7.25
CA GLN A 89 4.56 10.02 8.65
C GLN A 89 5.75 10.96 8.77
N HIS A 90 6.60 10.97 7.76
CA HIS A 90 7.78 11.84 7.75
C HIS A 90 7.42 13.26 7.35
N LYS A 91 6.98 13.40 6.10
CA LYS A 91 6.62 14.70 5.57
C LYS A 91 5.56 15.39 6.44
N SER A 92 4.99 16.47 5.92
CA SER A 92 3.97 17.22 6.64
C SER A 92 3.03 17.93 5.66
N GLU A 93 1.75 17.58 5.71
CA GLU A 93 0.75 18.17 4.84
C GLU A 93 0.05 19.35 5.52
N SER A 94 0.83 20.16 6.23
CA SER A 94 0.28 21.32 6.92
C SER A 94 0.24 22.54 6.00
N ARG A 95 1.18 22.60 5.06
CA ARG A 95 1.24 23.70 4.11
C ARG A 95 1.74 23.23 2.76
N ARG A 96 1.53 24.05 1.72
CA ARG A 96 1.96 23.71 0.38
C ARG A 96 1.24 22.47 -0.13
N ALA A 97 0.52 22.62 -1.25
CA ALA A 97 -0.22 21.52 -1.84
C ALA A 97 -0.52 21.77 -3.31
N ASP A 98 0.53 22.08 -4.07
CA ASP A 98 0.38 22.35 -5.49
C ASP A 98 1.18 21.36 -6.33
N GLU A 99 2.32 20.93 -5.81
CA GLU A 99 3.17 19.98 -6.51
C GLU A 99 2.40 18.73 -6.91
N ARG A 100 2.37 18.46 -8.21
CA ARG A 100 1.65 17.29 -8.73
C ARG A 100 2.01 17.04 -10.19
N LEU A 101 1.35 16.06 -10.81
CA LEU A 101 1.61 15.72 -12.20
C LEU A 101 3.06 15.30 -12.40
N LYS A 102 3.32 14.00 -12.27
CA LYS A 102 4.67 13.47 -12.43
C LYS A 102 4.74 12.58 -13.67
N ASP A 103 3.80 11.66 -13.80
CA ASP A 103 3.76 10.75 -14.95
C ASP A 103 5.03 9.90 -15.00
N SER A 104 4.88 8.61 -14.71
CA SER A 104 6.01 7.70 -14.73
C SER A 104 6.25 7.14 -16.13
N PHE A 105 7.52 7.06 -16.53
CA PHE A 105 7.89 6.56 -17.85
C PHE A 105 9.38 6.33 -17.94
N GLU A 106 9.83 5.19 -17.42
CA GLU A 106 11.25 4.84 -17.45
C GLU A 106 12.08 5.88 -16.69
N ASN A 107 11.47 6.47 -15.67
CA ASN A 107 12.15 7.48 -14.86
C ASN A 107 11.94 7.22 -13.38
N MET A 1 -10.47 -1.72 9.52
CA MET A 1 -10.04 -1.65 8.10
C MET A 1 -10.42 -2.91 7.33
N THR A 2 -9.74 -4.01 7.64
CA THR A 2 -10.01 -5.30 6.98
C THR A 2 -9.44 -5.35 5.56
N LEU A 3 -8.89 -4.24 5.09
CA LEU A 3 -8.30 -4.16 3.76
C LEU A 3 -9.18 -4.83 2.70
N ASN A 4 -9.80 -4.02 1.86
CA ASN A 4 -10.64 -4.55 0.79
C ASN A 4 -9.79 -4.90 -0.42
N ILE A 5 -10.33 -5.74 -1.30
CA ILE A 5 -9.60 -6.17 -2.49
C ILE A 5 -10.47 -6.21 -3.73
N THR A 6 -9.83 -6.16 -4.90
CA THR A 6 -10.54 -6.19 -6.16
C THR A 6 -9.60 -6.51 -7.32
N SER A 7 -9.49 -7.79 -7.66
CA SER A 7 -8.62 -8.22 -8.75
C SER A 7 -9.39 -8.29 -10.06
N LYS A 8 -8.91 -7.58 -11.08
CA LYS A 8 -9.56 -7.56 -12.38
C LYS A 8 -9.65 -8.95 -13.00
N GLN A 9 -8.70 -9.82 -12.69
CA GLN A 9 -8.70 -11.18 -13.24
C GLN A 9 -8.65 -12.23 -12.13
N MET A 10 -7.45 -12.65 -11.73
CA MET A 10 -7.30 -13.66 -10.69
C MET A 10 -8.12 -13.29 -9.46
N ASP A 11 -9.22 -13.99 -9.26
CA ASP A 11 -10.09 -13.73 -8.12
C ASP A 11 -9.34 -13.80 -6.80
N ILE A 12 -10.07 -13.64 -5.71
CA ILE A 12 -9.46 -13.69 -4.38
C ILE A 12 -9.65 -15.05 -3.73
N THR A 13 -8.59 -15.53 -3.09
CA THR A 13 -8.63 -16.83 -2.43
C THR A 13 -7.85 -16.77 -1.10
N PRO A 14 -7.83 -17.88 -0.34
CA PRO A 14 -7.13 -17.93 0.95
C PRO A 14 -5.73 -17.31 0.89
N ALA A 15 -4.96 -17.67 -0.13
CA ALA A 15 -3.60 -17.15 -0.29
C ALA A 15 -3.59 -15.63 -0.26
N ILE A 16 -3.90 -15.00 -1.39
CA ILE A 16 -3.92 -13.54 -1.46
C ILE A 16 -4.72 -12.97 -0.31
N ARG A 17 -5.99 -13.37 -0.19
CA ARG A 17 -6.85 -12.89 0.90
C ARG A 17 -6.06 -12.81 2.20
N GLU A 18 -5.51 -13.94 2.62
CA GLU A 18 -4.71 -14.01 3.82
C GLU A 18 -3.50 -13.08 3.71
N HIS A 19 -2.88 -13.07 2.53
CA HIS A 19 -1.72 -12.23 2.28
C HIS A 19 -2.12 -10.76 2.40
N LEU A 20 -2.94 -10.30 1.46
CA LEU A 20 -3.44 -8.93 1.44
C LEU A 20 -3.87 -8.51 2.85
N GLU A 21 -4.74 -9.31 3.46
CA GLU A 21 -5.20 -9.03 4.81
C GLU A 21 -4.02 -8.99 5.77
N GLU A 22 -3.21 -10.04 5.76
CA GLU A 22 -2.03 -10.11 6.61
C GLU A 22 -1.17 -8.87 6.41
N ARG A 23 -1.06 -8.41 5.17
CA ARG A 23 -0.29 -7.22 4.85
C ARG A 23 -0.86 -6.04 5.60
N LEU A 24 -2.19 -5.88 5.55
CA LEU A 24 -2.84 -4.79 6.26
C LEU A 24 -2.58 -4.93 7.76
N ALA A 25 -2.83 -6.13 8.28
CA ALA A 25 -2.61 -6.41 9.68
C ALA A 25 -1.16 -6.11 10.06
N LYS A 26 -0.26 -6.32 9.10
CA LYS A 26 1.15 -6.05 9.30
C LYS A 26 1.41 -4.56 9.31
N LEU A 27 0.73 -3.84 8.42
CA LEU A 27 0.86 -2.39 8.34
C LEU A 27 0.12 -1.72 9.50
N GLY A 28 -0.67 -2.51 10.24
CA GLY A 28 -1.40 -1.97 11.37
C GLY A 28 -0.50 -1.44 12.47
N LYS A 29 0.67 -2.06 12.62
CA LYS A 29 1.62 -1.63 13.63
C LYS A 29 2.30 -0.31 13.26
N TRP A 30 2.09 0.13 12.02
CA TRP A 30 2.66 1.37 11.55
C TRP A 30 1.79 2.55 12.00
N GLN A 31 2.31 3.32 12.97
CA GLN A 31 1.58 4.47 13.50
C GLN A 31 0.91 5.27 12.38
N THR A 32 -0.18 4.73 11.87
CA THR A 32 -0.92 5.35 10.80
C THR A 32 -2.39 4.93 10.87
N GLN A 33 -3.22 5.47 9.99
CA GLN A 33 -4.64 5.16 9.95
C GLN A 33 -4.99 4.67 8.57
N LEU A 34 -5.16 3.38 8.42
CA LEU A 34 -5.47 2.81 7.14
C LEU A 34 -6.90 3.13 6.74
N ILE A 35 -7.18 4.41 6.57
CA ILE A 35 -8.50 4.88 6.18
C ILE A 35 -8.97 4.18 4.91
N SER A 36 -9.86 3.21 5.08
CA SER A 36 -10.39 2.45 3.95
C SER A 36 -9.28 2.02 3.00
N PRO A 37 -8.71 0.83 3.25
CA PRO A 37 -7.63 0.27 2.46
C PRO A 37 -8.13 -0.70 1.39
N HIS A 38 -7.54 -0.61 0.21
CA HIS A 38 -7.89 -1.50 -0.90
C HIS A 38 -6.67 -2.18 -1.46
N PHE A 39 -6.91 -3.14 -2.34
CA PHE A 39 -5.83 -3.86 -2.97
C PHE A 39 -6.23 -4.35 -4.36
N VAL A 40 -5.85 -3.60 -5.38
CA VAL A 40 -6.16 -3.96 -6.74
C VAL A 40 -5.05 -4.85 -7.31
N LEU A 41 -5.24 -6.16 -7.12
CA LEU A 41 -4.26 -7.15 -7.58
C LEU A 41 -4.58 -7.68 -8.96
N ASN A 42 -3.55 -7.92 -9.76
CA ASN A 42 -3.73 -8.45 -11.10
C ASN A 42 -2.53 -9.29 -11.54
N LYS A 43 -2.73 -10.06 -12.60
CA LYS A 43 -1.69 -10.92 -13.15
C LYS A 43 -1.53 -10.68 -14.64
N VAL A 44 -0.37 -11.07 -15.17
CA VAL A 44 -0.12 -10.95 -16.60
C VAL A 44 1.04 -11.86 -17.03
N PRO A 45 1.00 -12.37 -18.26
CA PRO A 45 2.03 -13.26 -18.79
C PRO A 45 3.44 -12.81 -18.46
N ASN A 46 3.72 -11.54 -18.73
CA ASN A 46 5.04 -10.98 -18.47
C ASN A 46 5.22 -10.59 -16.99
N GLY A 47 4.40 -11.14 -16.10
CA GLY A 47 4.51 -10.83 -14.70
C GLY A 47 3.18 -10.52 -14.04
N PHE A 48 3.19 -10.52 -12.72
CA PHE A 48 1.99 -10.23 -11.94
C PHE A 48 1.94 -8.75 -11.60
N SER A 49 0.87 -8.08 -12.00
CA SER A 49 0.73 -6.67 -11.70
C SER A 49 -0.19 -6.49 -10.50
N VAL A 50 0.36 -5.91 -9.47
CA VAL A 50 -0.38 -5.67 -8.24
C VAL A 50 -0.43 -4.18 -7.93
N GLU A 51 -1.49 -3.75 -7.24
CA GLU A 51 -1.65 -2.36 -6.87
C GLU A 51 -2.44 -2.24 -5.57
N ALA A 52 -2.00 -1.34 -4.71
CA ALA A 52 -2.66 -1.12 -3.43
C ALA A 52 -3.08 0.33 -3.27
N SER A 53 -4.08 0.57 -2.42
CA SER A 53 -4.58 1.91 -2.18
C SER A 53 -5.15 2.04 -0.78
N ILE A 54 -4.43 2.74 0.09
CA ILE A 54 -4.87 2.94 1.47
C ILE A 54 -4.82 4.41 1.85
N GLY A 55 -5.80 4.86 2.62
CA GLY A 55 -5.85 6.24 3.04
C GLY A 55 -5.23 6.41 4.40
N THR A 56 -4.60 7.56 4.57
CA THR A 56 -3.95 7.89 5.84
C THR A 56 -4.17 9.34 6.21
N PRO A 57 -4.44 9.64 7.49
CA PRO A 57 -4.63 11.02 7.93
C PRO A 57 -3.41 11.87 7.60
N LEU A 58 -2.30 11.20 7.31
CA LEU A 58 -1.05 11.87 6.97
C LEU A 58 -0.90 11.97 5.45
N GLY A 59 -1.89 11.45 4.72
CA GLY A 59 -1.87 11.48 3.28
C GLY A 59 -2.22 10.13 2.66
N ASN A 60 -3.13 10.15 1.69
CA ASN A 60 -3.56 8.93 1.02
C ASN A 60 -2.35 8.10 0.59
N LEU A 61 -2.60 6.88 0.14
CA LEU A 61 -1.52 6.00 -0.27
C LEU A 61 -1.94 5.07 -1.40
N LEU A 62 -1.02 4.86 -2.33
CA LEU A 62 -1.22 3.99 -3.46
C LEU A 62 0.07 3.28 -3.81
N ALA A 63 -0.04 2.14 -4.47
CA ALA A 63 1.13 1.37 -4.88
C ALA A 63 0.80 0.45 -6.05
N SER A 64 1.83 0.03 -6.77
CA SER A 64 1.64 -0.84 -7.92
C SER A 64 2.98 -1.39 -8.42
N ALA A 65 2.99 -2.63 -8.89
CA ALA A 65 4.20 -3.25 -9.39
C ALA A 65 3.91 -4.49 -10.23
N THR A 66 4.74 -4.74 -11.23
CA THR A 66 4.58 -5.90 -12.11
C THR A 66 5.80 -6.81 -12.01
N SER A 67 5.65 -7.93 -11.34
CA SER A 67 6.75 -8.87 -11.17
C SER A 67 6.31 -10.30 -11.42
N ASP A 68 7.21 -11.12 -11.95
CA ASP A 68 6.92 -12.51 -12.22
C ASP A 68 6.71 -13.28 -10.92
N ASP A 69 7.10 -12.65 -9.80
CA ASP A 69 6.97 -13.27 -8.50
C ASP A 69 5.80 -12.66 -7.72
N MET A 70 4.67 -13.37 -7.74
CA MET A 70 3.45 -12.96 -7.06
C MET A 70 3.70 -12.28 -5.71
N TYR A 71 4.15 -13.06 -4.73
CA TYR A 71 4.39 -12.53 -3.39
C TYR A 71 5.49 -11.49 -3.38
N LYS A 72 6.42 -11.58 -4.33
CA LYS A 72 7.49 -10.59 -4.42
C LYS A 72 6.90 -9.29 -4.94
N ALA A 73 5.95 -9.42 -5.88
CA ALA A 73 5.28 -8.26 -6.44
C ALA A 73 4.53 -7.58 -5.31
N ILE A 74 3.81 -8.41 -4.56
CA ILE A 74 3.10 -7.94 -3.37
C ILE A 74 4.15 -7.42 -2.40
N ASN A 75 5.29 -8.13 -2.40
CA ASN A 75 6.44 -7.78 -1.60
C ASN A 75 6.90 -6.38 -1.96
N GLU A 76 6.87 -6.09 -3.26
CA GLU A 76 7.25 -4.79 -3.77
C GLU A 76 6.20 -3.74 -3.39
N VAL A 77 4.95 -4.01 -3.76
CA VAL A 77 3.84 -3.10 -3.44
C VAL A 77 3.89 -2.70 -1.98
N GLU A 78 3.94 -3.70 -1.11
CA GLU A 78 3.99 -3.46 0.31
C GLU A 78 5.18 -2.58 0.65
N GLU A 79 6.27 -2.76 -0.11
CA GLU A 79 7.47 -1.97 0.09
C GLU A 79 7.20 -0.52 -0.29
N LYS A 80 6.47 -0.33 -1.38
CA LYS A 80 6.13 1.01 -1.83
C LYS A 80 5.17 1.66 -0.85
N LEU A 81 4.13 0.91 -0.48
CA LEU A 81 3.13 1.39 0.47
C LEU A 81 3.80 1.70 1.81
N GLU A 82 4.67 0.79 2.26
CA GLU A 82 5.39 1.00 3.52
C GLU A 82 6.32 2.20 3.40
N ARG A 83 7.07 2.24 2.30
CA ARG A 83 7.99 3.35 2.05
C ARG A 83 7.22 4.66 2.13
N GLN A 84 6.10 4.73 1.41
CA GLN A 84 5.26 5.91 1.42
C GLN A 84 4.80 6.19 2.85
N LEU A 85 4.44 5.13 3.56
CA LEU A 85 4.01 5.26 4.96
C LEU A 85 5.12 5.97 5.73
N ASN A 86 6.35 5.47 5.56
CA ASN A 86 7.50 6.07 6.21
C ASN A 86 7.64 7.52 5.75
N LYS A 87 7.25 7.78 4.50
CA LYS A 87 7.29 9.13 3.97
C LYS A 87 6.38 10.01 4.80
N LEU A 88 5.15 9.55 5.01
CA LEU A 88 4.19 10.29 5.81
C LEU A 88 4.75 10.51 7.20
N GLN A 89 5.11 9.41 7.85
CA GLN A 89 5.68 9.46 9.19
C GLN A 89 6.94 10.33 9.19
N HIS A 90 7.60 10.40 8.03
CA HIS A 90 8.81 11.20 7.88
C HIS A 90 8.47 12.68 7.75
N LYS A 91 7.85 13.03 6.64
CA LYS A 91 7.47 14.41 6.36
C LYS A 91 8.61 15.38 6.67
N SER A 92 9.83 14.98 6.31
CA SER A 92 11.01 15.81 6.55
C SER A 92 11.13 16.88 5.47
N GLU A 93 11.20 18.14 5.89
CA GLU A 93 11.33 19.25 4.96
C GLU A 93 12.80 19.59 4.71
N SER A 94 13.61 19.44 5.74
CA SER A 94 15.04 19.73 5.64
C SER A 94 15.27 21.15 5.14
N ARG A 95 15.48 22.08 6.08
CA ARG A 95 15.72 23.46 5.74
C ARG A 95 16.29 24.23 6.93
N ARG A 96 15.59 24.16 8.07
CA ARG A 96 16.03 24.84 9.27
C ARG A 96 15.80 23.97 10.51
N ALA A 97 16.72 24.06 11.47
CA ALA A 97 16.61 23.29 12.70
C ALA A 97 16.06 24.14 13.85
N ASP A 98 15.12 25.01 13.53
CA ASP A 98 14.52 25.89 14.53
C ASP A 98 13.37 25.19 15.23
N GLU A 99 12.98 25.72 16.38
CA GLU A 99 11.88 25.15 17.16
C GLU A 99 10.53 25.45 16.50
N ARG A 100 9.63 24.48 16.55
CA ARG A 100 8.30 24.64 15.96
C ARG A 100 7.24 23.94 16.80
N LEU A 101 6.56 24.71 17.64
CA LEU A 101 5.52 24.18 18.51
C LEU A 101 4.14 24.67 18.08
N LYS A 102 4.09 25.89 17.56
CA LYS A 102 2.83 26.48 17.11
C LYS A 102 2.43 25.91 15.76
N ASP A 103 1.12 25.91 15.50
CA ASP A 103 0.60 25.39 14.24
C ASP A 103 -0.40 26.37 13.61
N SER A 104 0.09 27.21 12.70
CA SER A 104 -0.75 28.19 12.04
C SER A 104 -0.69 28.03 10.52
N PHE A 105 -1.55 28.73 9.82
CA PHE A 105 -1.60 28.67 8.36
C PHE A 105 -1.58 30.06 7.75
N GLU A 106 -0.65 30.29 6.82
CA GLU A 106 -0.53 31.58 6.16
C GLU A 106 -1.34 31.61 4.87
N ASN A 107 -2.07 32.70 4.65
CA ASN A 107 -2.88 32.87 3.45
C ASN A 107 -2.51 34.13 2.70
N MET A 1 -9.83 -2.19 10.79
CA MET A 1 -9.95 -1.70 9.39
C MET A 1 -9.79 -2.84 8.39
N THR A 2 -10.90 -3.44 7.99
CA THR A 2 -10.87 -4.54 7.04
C THR A 2 -10.49 -4.05 5.65
N LEU A 3 -9.34 -4.51 5.17
CA LEU A 3 -8.86 -4.13 3.85
C LEU A 3 -9.60 -4.85 2.74
N ASN A 4 -10.06 -4.08 1.76
CA ASN A 4 -10.79 -4.63 0.63
C ASN A 4 -9.87 -4.94 -0.54
N ILE A 5 -10.35 -5.80 -1.43
CA ILE A 5 -9.59 -6.19 -2.62
C ILE A 5 -10.46 -6.12 -3.87
N THR A 6 -9.84 -5.80 -5.01
CA THR A 6 -10.58 -5.70 -6.26
C THR A 6 -10.28 -6.89 -7.18
N SER A 7 -9.05 -6.94 -7.68
CA SER A 7 -8.63 -8.04 -8.57
C SER A 7 -9.36 -7.98 -9.90
N LYS A 8 -8.69 -7.42 -10.91
CA LYS A 8 -9.26 -7.30 -12.24
C LYS A 8 -9.55 -8.67 -12.86
N GLN A 9 -8.58 -9.59 -12.73
CA GLN A 9 -8.74 -10.93 -13.30
C GLN A 9 -8.69 -12.00 -12.20
N MET A 10 -7.48 -12.48 -11.87
CA MET A 10 -7.31 -13.51 -10.85
C MET A 10 -8.12 -13.18 -9.61
N ASP A 11 -9.17 -13.96 -9.37
CA ASP A 11 -10.04 -13.74 -8.21
C ASP A 11 -9.24 -13.83 -6.92
N ILE A 12 -9.93 -13.66 -5.80
CA ILE A 12 -9.28 -13.72 -4.48
C ILE A 12 -9.45 -15.10 -3.86
N THR A 13 -8.41 -15.55 -3.17
CA THR A 13 -8.41 -16.85 -2.51
C THR A 13 -7.68 -16.76 -1.17
N PRO A 14 -7.80 -17.80 -0.33
CA PRO A 14 -7.14 -17.84 0.99
C PRO A 14 -5.75 -17.22 0.98
N ALA A 15 -5.00 -17.46 -0.09
CA ALA A 15 -3.64 -16.93 -0.20
C ALA A 15 -3.64 -15.41 -0.15
N ILE A 16 -3.93 -14.77 -1.29
CA ILE A 16 -3.96 -13.32 -1.36
C ILE A 16 -4.80 -12.75 -0.22
N ARG A 17 -6.05 -13.20 -0.10
CA ARG A 17 -6.92 -12.75 0.98
C ARG A 17 -6.13 -12.64 2.28
N GLU A 18 -5.66 -13.78 2.74
CA GLU A 18 -4.86 -13.86 3.96
C GLU A 18 -3.64 -12.95 3.86
N HIS A 19 -3.01 -12.95 2.69
CA HIS A 19 -1.83 -12.12 2.44
C HIS A 19 -2.21 -10.65 2.62
N LEU A 20 -3.00 -10.15 1.67
CA LEU A 20 -3.49 -8.78 1.69
C LEU A 20 -3.92 -8.37 3.11
N GLU A 21 -4.77 -9.19 3.71
CA GLU A 21 -5.22 -8.93 5.07
C GLU A 21 -4.05 -8.89 6.03
N GLU A 22 -3.27 -9.97 6.04
CA GLU A 22 -2.09 -10.04 6.90
C GLU A 22 -1.19 -8.83 6.67
N ARG A 23 -1.08 -8.43 5.39
CA ARG A 23 -0.27 -7.28 5.03
C ARG A 23 -0.78 -6.03 5.74
N LEU A 24 -2.07 -5.73 5.56
CA LEU A 24 -2.66 -4.58 6.21
C LEU A 24 -2.50 -4.70 7.72
N ALA A 25 -2.79 -5.89 8.24
CA ALA A 25 -2.66 -6.15 9.67
C ALA A 25 -1.24 -5.86 10.11
N LYS A 26 -0.29 -6.09 9.20
CA LYS A 26 1.12 -5.82 9.49
C LYS A 26 1.38 -4.32 9.42
N LEU A 27 0.74 -3.66 8.47
CA LEU A 27 0.88 -2.22 8.31
C LEU A 27 0.13 -1.48 9.40
N GLY A 28 -0.67 -2.22 10.17
CA GLY A 28 -1.44 -1.61 11.24
C GLY A 28 -0.56 -1.01 12.33
N LYS A 29 0.60 -1.62 12.56
CA LYS A 29 1.53 -1.12 13.57
C LYS A 29 2.19 0.19 13.15
N TRP A 30 1.99 0.57 11.88
CA TRP A 30 2.56 1.79 11.36
C TRP A 30 1.72 2.99 11.75
N GLN A 31 2.15 3.72 12.78
CA GLN A 31 1.45 4.91 13.29
C GLN A 31 0.64 5.63 12.21
N THR A 32 -0.46 5.02 11.81
CA THR A 32 -1.35 5.58 10.80
C THR A 32 -2.73 4.96 10.91
N GLN A 33 -3.70 5.56 10.25
CA GLN A 33 -5.07 5.07 10.27
C GLN A 33 -5.53 4.90 8.85
N LEU A 34 -5.40 3.69 8.35
CA LEU A 34 -5.76 3.38 6.98
C LEU A 34 -7.19 3.77 6.66
N ILE A 35 -7.36 4.97 6.13
CA ILE A 35 -8.68 5.46 5.76
C ILE A 35 -9.22 4.64 4.60
N SER A 36 -9.88 3.54 4.93
CA SER A 36 -10.44 2.66 3.91
C SER A 36 -9.34 2.16 2.97
N PRO A 37 -8.79 0.97 3.27
CA PRO A 37 -7.72 0.36 2.50
C PRO A 37 -8.21 -0.65 1.46
N HIS A 38 -7.68 -0.53 0.25
CA HIS A 38 -8.03 -1.42 -0.84
C HIS A 38 -6.80 -2.11 -1.39
N PHE A 39 -7.02 -3.03 -2.31
CA PHE A 39 -5.92 -3.75 -2.93
C PHE A 39 -6.30 -4.19 -4.35
N VAL A 40 -5.63 -3.60 -5.33
CA VAL A 40 -5.86 -3.93 -6.73
C VAL A 40 -4.89 -5.02 -7.16
N LEU A 41 -5.44 -6.21 -7.40
CA LEU A 41 -4.62 -7.36 -7.80
C LEU A 41 -4.74 -7.63 -9.30
N ASN A 42 -3.59 -7.86 -9.95
CA ASN A 42 -3.62 -8.17 -11.38
C ASN A 42 -2.45 -9.05 -11.79
N LYS A 43 -2.63 -9.74 -12.91
CA LYS A 43 -1.63 -10.62 -13.47
C LYS A 43 -1.37 -10.26 -14.92
N VAL A 44 -0.31 -10.83 -15.47
CA VAL A 44 0.02 -10.60 -16.86
C VAL A 44 0.97 -11.67 -17.38
N PRO A 45 1.03 -11.86 -18.71
CA PRO A 45 1.89 -12.86 -19.33
C PRO A 45 3.34 -12.77 -18.84
N ASN A 46 3.85 -11.55 -18.72
CA ASN A 46 5.21 -11.31 -18.26
C ASN A 46 5.34 -11.40 -16.74
N GLY A 47 4.24 -11.71 -16.05
CA GLY A 47 4.29 -11.79 -14.61
C GLY A 47 2.99 -11.42 -13.95
N PHE A 48 3.11 -10.79 -12.80
CA PHE A 48 1.96 -10.35 -12.03
C PHE A 48 2.07 -8.86 -11.73
N SER A 49 1.00 -8.12 -11.99
CA SER A 49 0.98 -6.70 -11.71
C SER A 49 0.06 -6.44 -10.53
N VAL A 50 0.64 -5.86 -9.50
CA VAL A 50 -0.09 -5.57 -8.28
C VAL A 50 -0.14 -4.07 -8.02
N GLU A 51 -1.21 -3.62 -7.38
CA GLU A 51 -1.37 -2.21 -7.06
C GLU A 51 -2.20 -2.05 -5.79
N ALA A 52 -1.66 -1.31 -4.84
CA ALA A 52 -2.35 -1.09 -3.58
C ALA A 52 -2.81 0.36 -3.46
N SER A 53 -3.94 0.56 -2.79
CA SER A 53 -4.50 1.89 -2.61
C SER A 53 -5.14 2.03 -1.23
N ILE A 54 -4.44 2.71 -0.34
CA ILE A 54 -4.93 2.94 1.02
C ILE A 54 -5.02 4.44 1.30
N GLY A 55 -5.69 4.80 2.38
CA GLY A 55 -5.83 6.20 2.73
C GLY A 55 -5.22 6.51 4.07
N THR A 56 -4.75 7.74 4.20
CA THR A 56 -4.14 8.19 5.45
C THR A 56 -4.39 9.67 5.67
N PRO A 57 -4.67 10.09 6.90
CA PRO A 57 -4.89 11.50 7.21
C PRO A 57 -3.73 12.36 6.72
N LEU A 58 -2.58 11.72 6.49
CA LEU A 58 -1.39 12.42 6.04
C LEU A 58 -1.27 12.38 4.52
N GLY A 59 -1.94 11.42 3.89
CA GLY A 59 -1.90 11.29 2.45
C GLY A 59 -2.26 9.89 1.98
N ASN A 60 -3.12 9.83 0.98
CA ASN A 60 -3.56 8.55 0.42
C ASN A 60 -2.38 7.71 -0.02
N LEU A 61 -2.34 6.47 0.43
CA LEU A 61 -1.26 5.55 0.08
C LEU A 61 -1.62 4.81 -1.20
N LEU A 62 -0.63 4.67 -2.08
CA LEU A 62 -0.83 3.96 -3.34
C LEU A 62 0.48 3.31 -3.78
N ALA A 63 0.35 2.21 -4.52
CA ALA A 63 1.52 1.49 -5.01
C ALA A 63 1.15 0.60 -6.18
N SER A 64 2.15 0.18 -6.94
CA SER A 64 1.93 -0.69 -8.08
C SER A 64 3.25 -1.25 -8.60
N ALA A 65 3.29 -2.54 -8.87
CA ALA A 65 4.49 -3.19 -9.37
C ALA A 65 4.18 -4.42 -10.22
N THR A 66 5.13 -4.79 -11.08
CA THR A 66 4.97 -5.94 -11.96
C THR A 66 6.16 -6.88 -11.80
N SER A 67 5.88 -8.18 -11.67
CA SER A 67 6.95 -9.15 -11.51
C SER A 67 6.44 -10.57 -11.68
N ASP A 68 7.35 -11.49 -12.00
CA ASP A 68 6.97 -12.88 -12.18
C ASP A 68 6.81 -13.58 -10.82
N ASP A 69 6.96 -12.80 -9.74
CA ASP A 69 6.82 -13.35 -8.40
C ASP A 69 5.67 -12.68 -7.65
N MET A 70 4.52 -13.35 -7.67
CA MET A 70 3.31 -12.86 -7.03
C MET A 70 3.57 -12.20 -5.67
N TYR A 71 3.96 -12.99 -4.68
CA TYR A 71 4.21 -12.48 -3.34
C TYR A 71 5.36 -11.50 -3.32
N LYS A 72 6.24 -11.58 -4.31
CA LYS A 72 7.35 -10.64 -4.40
C LYS A 72 6.81 -9.31 -4.91
N ALA A 73 5.85 -9.40 -5.84
CA ALA A 73 5.21 -8.21 -6.39
C ALA A 73 4.50 -7.53 -5.24
N ILE A 74 3.79 -8.35 -4.46
CA ILE A 74 3.12 -7.88 -3.27
C ILE A 74 4.20 -7.40 -2.31
N ASN A 75 5.30 -8.13 -2.33
CA ASN A 75 6.47 -7.82 -1.54
C ASN A 75 6.97 -6.43 -1.90
N GLU A 76 6.90 -6.12 -3.19
CA GLU A 76 7.31 -4.82 -3.71
C GLU A 76 6.30 -3.75 -3.31
N VAL A 77 5.03 -3.98 -3.67
CA VAL A 77 3.97 -3.03 -3.32
C VAL A 77 4.05 -2.65 -1.86
N GLU A 78 4.10 -3.66 -1.00
CA GLU A 78 4.19 -3.44 0.43
C GLU A 78 5.38 -2.54 0.73
N GLU A 79 6.43 -2.67 -0.07
CA GLU A 79 7.63 -1.87 0.10
C GLU A 79 7.34 -0.43 -0.29
N LYS A 80 6.62 -0.25 -1.39
CA LYS A 80 6.25 1.08 -1.84
C LYS A 80 5.26 1.70 -0.86
N LEU A 81 4.25 0.92 -0.49
CA LEU A 81 3.23 1.37 0.44
C LEU A 81 3.88 1.72 1.79
N GLU A 82 4.79 0.86 2.25
CA GLU A 82 5.48 1.10 3.50
C GLU A 82 6.39 2.31 3.38
N ARG A 83 7.29 2.26 2.40
CA ARG A 83 8.22 3.36 2.15
C ARG A 83 7.44 4.67 2.13
N GLN A 84 6.33 4.67 1.38
CA GLN A 84 5.48 5.84 1.29
C GLN A 84 4.97 6.19 2.68
N LEU A 85 4.50 5.17 3.41
CA LEU A 85 4.02 5.37 4.77
C LEU A 85 5.08 6.14 5.56
N ASN A 86 6.31 5.65 5.50
CA ASN A 86 7.43 6.29 6.17
C ASN A 86 7.56 7.72 5.67
N LYS A 87 7.34 7.92 4.38
CA LYS A 87 7.40 9.26 3.80
C LYS A 87 6.37 10.14 4.48
N LEU A 88 5.14 9.63 4.58
CA LEU A 88 4.06 10.38 5.22
C LEU A 88 4.46 10.71 6.65
N GLN A 89 4.82 9.67 7.40
CA GLN A 89 5.24 9.84 8.78
C GLN A 89 6.47 10.75 8.85
N HIS A 90 7.25 10.76 7.77
CA HIS A 90 8.44 11.59 7.70
C HIS A 90 8.09 13.05 7.44
N LYS A 91 7.43 13.29 6.32
CA LYS A 91 7.04 14.65 5.93
C LYS A 91 6.33 15.37 7.08
N SER A 92 5.49 14.63 7.80
CA SER A 92 4.74 15.19 8.92
C SER A 92 5.66 15.45 10.10
N GLU A 93 6.23 16.65 10.17
CA GLU A 93 7.12 17.02 11.26
C GLU A 93 6.41 17.93 12.27
N SER A 94 5.11 17.74 12.40
CA SER A 94 4.31 18.55 13.32
C SER A 94 3.54 17.66 14.29
N ARG A 95 4.10 16.51 14.61
CA ARG A 95 3.47 15.57 15.52
C ARG A 95 3.66 16.00 16.97
N ARG A 96 2.82 15.48 17.85
CA ARG A 96 2.90 15.81 19.27
C ARG A 96 1.93 14.96 20.08
N ALA A 97 0.69 14.87 19.61
CA ALA A 97 -0.34 14.09 20.30
C ALA A 97 -1.27 13.43 19.30
N ASP A 98 -1.09 12.13 19.09
CA ASP A 98 -1.91 11.37 18.16
C ASP A 98 -2.84 10.42 18.90
N GLU A 99 -2.36 9.90 20.03
CA GLU A 99 -3.15 8.98 20.84
C GLU A 99 -3.50 7.72 20.05
N ARG A 100 -3.76 6.63 20.76
CA ARG A 100 -4.10 5.37 20.12
C ARG A 100 -5.05 4.56 21.00
N LEU A 101 -5.92 3.78 20.37
CA LEU A 101 -6.87 2.95 21.10
C LEU A 101 -6.16 1.96 22.00
N LYS A 102 -6.82 1.56 23.08
CA LYS A 102 -6.25 0.62 24.03
C LYS A 102 -7.34 -0.02 24.89
N ASP A 103 -8.43 -0.42 24.25
CA ASP A 103 -9.54 -1.05 24.95
C ASP A 103 -9.23 -2.51 25.28
N SER A 104 -8.46 -3.15 24.41
CA SER A 104 -8.10 -4.56 24.61
C SER A 104 -6.61 -4.69 24.93
N PHE A 105 -6.29 -5.64 25.79
CA PHE A 105 -4.90 -5.88 26.20
C PHE A 105 -4.47 -7.30 25.85
N GLU A 106 -4.64 -7.66 24.58
CA GLU A 106 -4.26 -8.98 24.11
C GLU A 106 -2.78 -9.25 24.37
N ASN A 107 -1.92 -8.50 23.69
CA ASN A 107 -0.47 -8.66 23.85
C ASN A 107 0.22 -7.30 23.93
N MET A 1 -11.26 -1.82 10.50
CA MET A 1 -10.91 -1.26 9.17
C MET A 1 -11.11 -2.30 8.07
N THR A 2 -10.36 -3.40 8.16
CA THR A 2 -10.45 -4.48 7.17
C THR A 2 -10.15 -3.97 5.77
N LEU A 3 -9.06 -4.44 5.20
CA LEU A 3 -8.65 -4.04 3.86
C LEU A 3 -9.41 -4.81 2.78
N ASN A 4 -9.97 -4.06 1.85
CA ASN A 4 -10.73 -4.64 0.76
C ASN A 4 -9.83 -4.96 -0.43
N ILE A 5 -10.32 -5.81 -1.32
CA ILE A 5 -9.56 -6.19 -2.50
C ILE A 5 -10.41 -6.06 -3.76
N THR A 6 -9.75 -5.83 -4.88
CA THR A 6 -10.45 -5.68 -6.16
C THR A 6 -9.55 -6.07 -7.33
N SER A 7 -9.38 -7.37 -7.54
CA SER A 7 -8.55 -7.88 -8.64
C SER A 7 -9.34 -7.92 -9.93
N LYS A 8 -8.76 -7.38 -11.00
CA LYS A 8 -9.42 -7.35 -12.30
C LYS A 8 -9.74 -8.77 -12.81
N GLN A 9 -8.82 -9.70 -12.58
CA GLN A 9 -9.02 -11.08 -13.04
C GLN A 9 -8.93 -12.08 -11.88
N MET A 10 -7.74 -12.62 -11.63
CA MET A 10 -7.53 -13.60 -10.56
C MET A 10 -8.33 -13.23 -9.32
N ASP A 11 -9.41 -13.97 -9.07
CA ASP A 11 -10.26 -13.72 -7.92
C ASP A 11 -9.48 -13.75 -6.61
N ILE A 12 -10.17 -13.52 -5.51
CA ILE A 12 -9.55 -13.53 -4.19
C ILE A 12 -9.73 -14.87 -3.50
N THR A 13 -8.66 -15.35 -2.89
CA THR A 13 -8.68 -16.63 -2.18
C THR A 13 -7.85 -16.53 -0.90
N PRO A 14 -7.75 -17.62 -0.13
CA PRO A 14 -6.97 -17.63 1.12
C PRO A 14 -5.61 -16.95 0.98
N ALA A 15 -4.86 -17.34 -0.04
CA ALA A 15 -3.53 -16.76 -0.27
C ALA A 15 -3.57 -15.24 -0.24
N ILE A 16 -3.94 -14.62 -1.37
CA ILE A 16 -4.02 -13.17 -1.44
C ILE A 16 -4.78 -12.61 -0.23
N ARG A 17 -6.03 -13.03 -0.07
CA ARG A 17 -6.85 -12.59 1.06
C ARG A 17 -6.00 -12.53 2.34
N GLU A 18 -5.47 -13.68 2.73
CA GLU A 18 -4.63 -13.79 3.92
C GLU A 18 -3.41 -12.90 3.79
N HIS A 19 -2.84 -12.86 2.58
CA HIS A 19 -1.67 -12.04 2.31
C HIS A 19 -2.03 -10.56 2.50
N LEU A 20 -2.85 -10.06 1.59
CA LEU A 20 -3.31 -8.67 1.64
C LEU A 20 -3.69 -8.29 3.07
N GLU A 21 -4.50 -9.15 3.71
CA GLU A 21 -4.92 -8.92 5.08
C GLU A 21 -3.72 -8.89 6.01
N GLU A 22 -2.91 -9.95 5.95
CA GLU A 22 -1.71 -10.04 6.77
C GLU A 22 -0.85 -8.80 6.58
N ARG A 23 -0.67 -8.41 5.31
CA ARG A 23 0.12 -7.22 4.98
C ARG A 23 -0.47 -6.01 5.68
N LEU A 24 -1.78 -5.83 5.54
CA LEU A 24 -2.46 -4.72 6.20
C LEU A 24 -2.22 -4.76 7.70
N ALA A 25 -2.43 -5.94 8.28
CA ALA A 25 -2.20 -6.13 9.70
C ALA A 25 -0.77 -5.77 10.06
N LYS A 26 0.14 -6.02 9.12
CA LYS A 26 1.54 -5.70 9.33
C LYS A 26 1.74 -4.19 9.26
N LEU A 27 1.04 -3.54 8.34
CA LEU A 27 1.13 -2.09 8.20
C LEU A 27 0.35 -1.39 9.30
N GLY A 28 -0.41 -2.16 10.07
CA GLY A 28 -1.18 -1.58 11.17
C GLY A 28 -0.31 -0.89 12.20
N LYS A 29 0.84 -1.49 12.48
CA LYS A 29 1.76 -0.93 13.47
C LYS A 29 2.52 0.28 12.92
N TRP A 30 2.35 0.54 11.62
CA TRP A 30 3.04 1.65 10.99
C TRP A 30 2.35 2.99 11.30
N GLN A 31 2.43 3.38 12.58
CA GLN A 31 1.84 4.64 13.07
C GLN A 31 0.90 5.30 12.07
N THR A 32 -0.17 4.60 11.71
CA THR A 32 -1.14 5.13 10.77
C THR A 32 -2.51 4.45 10.95
N GLN A 33 -3.53 5.09 10.41
CA GLN A 33 -4.89 4.58 10.46
C GLN A 33 -5.41 4.49 9.05
N LEU A 34 -5.26 3.32 8.48
CA LEU A 34 -5.65 3.08 7.11
C LEU A 34 -7.07 3.54 6.82
N ILE A 35 -7.19 4.75 6.29
CA ILE A 35 -8.47 5.31 5.94
C ILE A 35 -9.06 4.55 4.75
N SER A 36 -9.80 3.50 5.04
CA SER A 36 -10.40 2.67 4.01
C SER A 36 -9.33 2.16 3.05
N PRO A 37 -8.79 0.96 3.32
CA PRO A 37 -7.75 0.33 2.53
C PRO A 37 -8.28 -0.64 1.47
N HIS A 38 -7.65 -0.60 0.29
CA HIS A 38 -8.01 -1.48 -0.81
C HIS A 38 -6.79 -2.16 -1.38
N PHE A 39 -7.01 -3.08 -2.30
CA PHE A 39 -5.91 -3.78 -2.95
C PHE A 39 -6.31 -4.23 -4.36
N VAL A 40 -5.79 -3.53 -5.36
CA VAL A 40 -6.07 -3.86 -6.74
C VAL A 40 -4.94 -4.73 -7.31
N LEU A 41 -5.18 -6.03 -7.37
CA LEU A 41 -4.17 -6.96 -7.87
C LEU A 41 -4.59 -7.61 -9.19
N ASN A 42 -3.59 -7.90 -10.03
CA ASN A 42 -3.83 -8.53 -11.32
C ASN A 42 -2.66 -9.38 -11.76
N LYS A 43 -2.89 -10.19 -12.77
CA LYS A 43 -1.86 -11.07 -13.32
C LYS A 43 -1.70 -10.82 -14.81
N VAL A 44 -0.65 -11.39 -15.38
CA VAL A 44 -0.40 -11.30 -16.80
C VAL A 44 0.67 -12.30 -17.24
N PRO A 45 0.68 -12.65 -18.54
CA PRO A 45 1.65 -13.61 -19.08
C PRO A 45 3.08 -13.28 -18.70
N ASN A 46 3.43 -11.99 -18.77
CA ASN A 46 4.78 -11.54 -18.44
C ASN A 46 4.99 -11.38 -16.94
N GLY A 47 4.02 -11.81 -16.13
CA GLY A 47 4.15 -11.69 -14.71
C GLY A 47 2.84 -11.29 -14.04
N PHE A 48 2.95 -10.84 -12.82
CA PHE A 48 1.79 -10.42 -12.04
C PHE A 48 1.82 -8.91 -11.84
N SER A 49 0.75 -8.24 -12.24
CA SER A 49 0.64 -6.81 -12.04
C SER A 49 -0.24 -6.55 -10.84
N VAL A 50 0.33 -5.87 -9.89
CA VAL A 50 -0.38 -5.58 -8.65
C VAL A 50 -0.31 -4.10 -8.29
N GLU A 51 -1.35 -3.61 -7.62
CA GLU A 51 -1.41 -2.21 -7.22
C GLU A 51 -2.24 -2.07 -5.95
N ALA A 52 -1.72 -1.30 -4.99
CA ALA A 52 -2.40 -1.08 -3.73
C ALA A 52 -2.77 0.39 -3.55
N SER A 53 -3.88 0.63 -2.86
CA SER A 53 -4.35 1.98 -2.61
C SER A 53 -4.99 2.11 -1.23
N ILE A 54 -4.27 2.72 -0.30
CA ILE A 54 -4.75 2.90 1.06
C ILE A 54 -4.82 4.40 1.39
N GLY A 55 -5.38 4.73 2.56
CA GLY A 55 -5.48 6.11 2.96
C GLY A 55 -4.94 6.34 4.35
N THR A 56 -4.42 7.52 4.56
CA THR A 56 -3.88 7.89 5.87
C THR A 56 -4.13 9.36 6.16
N PRO A 57 -4.53 9.69 7.41
CA PRO A 57 -4.76 11.08 7.78
C PRO A 57 -3.54 11.96 7.45
N LEU A 58 -2.39 11.31 7.25
CA LEU A 58 -1.17 12.03 6.93
C LEU A 58 -0.87 12.01 5.43
N GLY A 59 -1.59 11.18 4.69
CA GLY A 59 -1.39 11.09 3.26
C GLY A 59 -1.80 9.74 2.68
N ASN A 60 -2.58 9.77 1.61
CA ASN A 60 -3.04 8.56 0.96
C ASN A 60 -1.87 7.68 0.52
N LEU A 61 -2.11 6.40 0.34
CA LEU A 61 -1.08 5.47 -0.08
C LEU A 61 -1.44 4.76 -1.38
N LEU A 62 -0.46 4.65 -2.27
CA LEU A 62 -0.65 3.97 -3.55
C LEU A 62 0.62 3.22 -3.92
N ALA A 63 0.46 2.14 -4.66
CA ALA A 63 1.60 1.34 -5.10
C ALA A 63 1.21 0.46 -6.28
N SER A 64 2.21 0.05 -7.04
CA SER A 64 1.97 -0.80 -8.21
C SER A 64 3.26 -1.44 -8.70
N ALA A 65 3.22 -2.73 -8.95
CA ALA A 65 4.40 -3.47 -9.41
C ALA A 65 4.02 -4.65 -10.28
N THR A 66 4.87 -4.95 -11.26
CA THR A 66 4.64 -6.06 -12.18
C THR A 66 5.84 -7.00 -12.15
N SER A 67 5.62 -8.24 -11.71
CA SER A 67 6.71 -9.21 -11.64
C SER A 67 6.18 -10.63 -11.73
N ASP A 68 7.04 -11.55 -12.16
CA ASP A 68 6.67 -12.95 -12.29
C ASP A 68 6.55 -13.60 -10.91
N ASP A 69 6.84 -12.83 -9.87
CA ASP A 69 6.77 -13.34 -8.50
C ASP A 69 5.65 -12.66 -7.72
N MET A 70 4.49 -13.31 -7.71
CA MET A 70 3.29 -12.80 -7.03
C MET A 70 3.61 -12.13 -5.69
N TYR A 71 3.98 -12.94 -4.71
CA TYR A 71 4.28 -12.43 -3.38
C TYR A 71 5.44 -11.47 -3.37
N LYS A 72 6.28 -11.53 -4.40
CA LYS A 72 7.39 -10.60 -4.51
C LYS A 72 6.84 -9.27 -5.02
N ALA A 73 5.87 -9.36 -5.94
CA ALA A 73 5.22 -8.18 -6.46
C ALA A 73 4.55 -7.48 -5.31
N ILE A 74 3.85 -8.28 -4.51
CA ILE A 74 3.20 -7.80 -3.30
C ILE A 74 4.31 -7.35 -2.35
N ASN A 75 5.40 -8.11 -2.39
CA ASN A 75 6.58 -7.82 -1.61
C ASN A 75 7.07 -6.43 -1.96
N GLU A 76 6.97 -6.10 -3.24
CA GLU A 76 7.36 -4.79 -3.75
C GLU A 76 6.34 -3.73 -3.33
N VAL A 77 5.07 -3.96 -3.68
CA VAL A 77 4.00 -3.04 -3.31
C VAL A 77 4.10 -2.63 -1.87
N GLU A 78 4.13 -3.61 -0.98
CA GLU A 78 4.24 -3.34 0.44
C GLU A 78 5.43 -2.44 0.70
N GLU A 79 6.47 -2.60 -0.11
CA GLU A 79 7.67 -1.79 0.01
C GLU A 79 7.37 -0.36 -0.40
N LYS A 80 6.71 -0.19 -1.55
CA LYS A 80 6.35 1.14 -2.02
C LYS A 80 5.33 1.77 -1.08
N LEU A 81 4.36 0.98 -0.65
CA LEU A 81 3.33 1.44 0.28
C LEU A 81 3.98 1.86 1.60
N GLU A 82 4.89 1.02 2.10
CA GLU A 82 5.60 1.33 3.33
C GLU A 82 6.47 2.56 3.15
N ARG A 83 7.28 2.56 2.11
CA ARG A 83 8.15 3.69 1.82
C ARG A 83 7.30 4.97 1.77
N GLN A 84 6.15 4.87 1.11
CA GLN A 84 5.24 5.99 1.01
C GLN A 84 4.75 6.36 2.40
N LEU A 85 4.54 5.34 3.23
CA LEU A 85 4.10 5.55 4.60
C LEU A 85 5.14 6.35 5.36
N ASN A 86 6.39 5.96 5.20
CA ASN A 86 7.49 6.65 5.84
C ASN A 86 7.59 8.07 5.30
N LYS A 87 7.51 8.20 3.98
CA LYS A 87 7.57 9.50 3.33
C LYS A 87 6.44 10.40 3.80
N LEU A 88 5.21 9.90 3.77
CA LEU A 88 4.08 10.71 4.19
C LEU A 88 4.21 11.05 5.67
N GLN A 89 4.41 10.03 6.49
CA GLN A 89 4.58 10.22 7.92
C GLN A 89 5.76 11.15 8.18
N HIS A 90 6.73 11.11 7.27
CA HIS A 90 7.92 11.96 7.37
C HIS A 90 7.61 13.37 6.91
N LYS A 91 6.81 13.46 5.85
CA LYS A 91 6.45 14.75 5.29
C LYS A 91 5.86 15.67 6.34
N SER A 92 5.41 16.85 5.91
CA SER A 92 4.82 17.82 6.83
C SER A 92 3.46 18.28 6.32
N GLU A 93 3.43 18.83 5.11
CA GLU A 93 2.19 19.31 4.51
C GLU A 93 1.21 18.16 4.28
N SER A 94 0.18 18.41 3.47
CA SER A 94 -0.82 17.40 3.18
C SER A 94 -0.96 17.20 1.67
N ARG A 95 -1.31 15.98 1.27
CA ARG A 95 -1.48 15.67 -0.15
C ARG A 95 -2.96 15.69 -0.54
N ARG A 96 -3.26 16.36 -1.65
CA ARG A 96 -4.62 16.47 -2.12
C ARG A 96 -5.04 15.20 -2.87
N ALA A 97 -6.35 14.99 -2.99
CA ALA A 97 -6.88 13.81 -3.67
C ALA A 97 -8.37 13.95 -3.93
N ASP A 98 -8.72 14.39 -5.13
CA ASP A 98 -10.12 14.56 -5.51
C ASP A 98 -10.72 13.26 -6.02
N GLU A 99 -12.04 13.25 -6.22
CA GLU A 99 -12.73 12.08 -6.71
C GLU A 99 -13.15 12.24 -8.17
N ARG A 100 -13.12 11.15 -8.92
CA ARG A 100 -13.50 11.17 -10.32
C ARG A 100 -14.99 11.40 -10.48
N LEU A 101 -15.77 10.91 -9.52
CA LEU A 101 -17.22 11.06 -9.55
C LEU A 101 -17.74 11.61 -8.24
N LYS A 102 -18.86 12.34 -8.31
CA LYS A 102 -19.46 12.93 -7.11
C LYS A 102 -20.83 12.33 -6.83
N ASP A 103 -21.00 11.07 -7.22
CA ASP A 103 -22.27 10.37 -7.01
C ASP A 103 -22.03 8.94 -6.54
N SER A 104 -21.30 8.17 -7.35
CA SER A 104 -21.00 6.79 -7.01
C SER A 104 -22.29 5.97 -6.88
N PHE A 105 -22.74 5.40 -7.99
CA PHE A 105 -23.95 4.59 -7.98
C PHE A 105 -23.81 3.40 -7.04
N GLU A 106 -24.94 2.84 -6.63
CA GLU A 106 -24.95 1.69 -5.73
C GLU A 106 -24.29 2.04 -4.41
N ASN A 107 -24.45 1.16 -3.42
CA ASN A 107 -23.87 1.37 -2.10
C ASN A 107 -23.53 0.05 -1.43
#